data_9AY9
#
_entry.id   9AY9
#
_cell.length_a   84.374
_cell.length_b   223.078
_cell.length_c   84.698
_cell.angle_alpha   90.00
_cell.angle_beta   90.23
_cell.angle_gamma   90.00
#
_symmetry.space_group_name_H-M   'P 1 21 1'
#
loop_
_entity.id
_entity.type
_entity.pdbx_description
1 polymer 'Protein arginine N-methyltransferase 9'
2 non-polymer 7-[5-S-(4-{[(2-tert-butylpyridin-3-yl)methyl]amino}butyl)-5-thio-beta-D-ribofuranosyl]-5-methyl-7H-pyrrolo[2,3-d]pyrimidin-4-amine
3 non-polymer 'UNKNOWN ATOM OR ION'
4 water water
#
_entity_poly.entity_id   1
_entity_poly.type   'polypeptide(L)'
_entity_poly.pdbx_seq_one_letter_code
;GAVKLNPDFSDAKENFYRVANWLVERWHFIMLNDTKRNTIYNAAIQKAVCLGSKSVLDIGAGTGILSMFAKKAGAHSVYA
CELSKTMYELACDVVAANKMEAGIKLLHTKSLDIEIPKHIPERVSLVVTETVDAGLFGEGIVESLIHAWEHLLLQPKTKG
ESANCEKYGKVIPASAVIFGMAVECAEIRRHHRVGIKDIAGIHLPTNVKFQSPAYSSVDTEETIEPYTTEKMSRVPGGYL
ALTECFEIMTVDFNNLQELKSLATKKPDKIGIPVIKEGILDAIMVWFVLQLDDEHSLSTSPSEETCWEQAVYPVQDLADY
WIKPGDHVMMEVSCQDCYLRIQSISVLGLECEMDVAKSFTQNKDLLSLGNEAELCSALANLQTSKPDAVEQTCILESTEI
ALLNNIPYHEGFKMAMSKVLSSLTPEKLYQTMDTHCQNEMSSGTGQSNTVQNILEPFYVLDVSEGFSVLPVIAGTLGQVK
PYSSVEKDQHRIALDLISEANHFPKETLEFWLRHVEDESAMLQRPKSDKLWSIIILDVIEPSGLIQQEIMEKAAISRCLL
QSGGKIFPQYVLMFGLLVESQTLLEENAVQGTERTLGLNIAPFINQFQVPIRVFLDLSSLPCIPLSKPVELLRLDLMTPY
LNTSNREVKVYVCKSGRLTAIPFWYHMYLDEEIRLDTSSEASHWKQAAVVLDNPIQVEMGEELVLSIQHHKSNVSITVKQ
;
_entity_poly.pdbx_strand_id   A,B,C,D
#
# COMPACT_ATOMS: atom_id res chain seq x y z
N ALA A 20 -17.88 8.03 41.78
CA ALA A 20 -16.49 8.51 41.88
C ALA A 20 -16.18 9.16 43.23
N ASN A 21 -15.09 8.71 43.86
CA ASN A 21 -14.61 9.17 45.17
C ASN A 21 -13.94 10.54 45.14
N TRP A 22 -13.12 10.81 44.13
CA TRP A 22 -12.34 12.06 44.04
C TRP A 22 -12.65 12.79 42.74
N LEU A 23 -13.61 13.75 42.81
CA LEU A 23 -14.04 14.55 41.67
C LEU A 23 -13.42 15.96 41.61
N VAL A 24 -13.07 16.35 40.38
CA VAL A 24 -12.69 17.69 39.99
C VAL A 24 -13.76 18.05 38.95
N GLU A 25 -14.50 19.13 39.22
N GLU A 25 -14.57 19.10 39.25
CA GLU A 25 -15.56 19.65 38.37
CA GLU A 25 -15.64 19.53 38.34
C GLU A 25 -15.02 19.99 36.96
C GLU A 25 -15.08 19.99 36.99
N ARG A 26 -15.79 19.65 35.91
CA ARG A 26 -15.42 19.85 34.50
C ARG A 26 -15.00 21.29 34.15
N TRP A 27 -15.63 22.31 34.77
CA TRP A 27 -15.31 23.72 34.47
C TRP A 27 -13.86 24.09 34.81
N HIS A 28 -13.17 23.35 35.69
CA HIS A 28 -11.78 23.64 36.02
C HIS A 28 -10.86 23.44 34.81
N PHE A 29 -11.12 22.42 33.96
CA PHE A 29 -10.33 22.11 32.77
C PHE A 29 -10.48 23.20 31.71
N ILE A 30 -11.73 23.63 31.44
CA ILE A 30 -12.13 24.67 30.49
C ILE A 30 -11.45 26.02 30.81
N MET A 31 -11.55 26.46 32.08
CA MET A 31 -11.01 27.72 32.60
C MET A 31 -9.48 27.75 32.54
N LEU A 32 -8.82 26.68 32.99
CA LEU A 32 -7.35 26.60 33.00
C LEU A 32 -6.78 26.56 31.58
N ASN A 33 -7.59 26.07 30.64
CA ASN A 33 -7.25 26.02 29.22
C ASN A 33 -7.48 27.37 28.55
N ASP A 34 -8.17 28.30 29.24
CA ASP A 34 -8.41 29.64 28.69
C ASP A 34 -7.26 30.59 28.99
N THR A 35 -6.28 30.64 28.05
CA THR A 35 -5.07 31.47 28.10
C THR A 35 -5.41 32.94 28.34
N LYS A 36 -6.45 33.46 27.66
CA LYS A 36 -6.90 34.87 27.77
C LYS A 36 -7.30 35.19 29.21
N ARG A 37 -8.15 34.33 29.84
CA ARG A 37 -8.59 34.47 31.23
C ARG A 37 -7.39 34.50 32.20
N ASN A 38 -6.47 33.54 32.07
CA ASN A 38 -5.26 33.42 32.89
C ASN A 38 -4.37 34.66 32.76
N THR A 39 -4.25 35.21 31.53
CA THR A 39 -3.46 36.41 31.20
C THR A 39 -4.01 37.65 31.90
N ILE A 40 -5.32 37.93 31.79
CA ILE A 40 -5.90 39.14 32.38
C ILE A 40 -5.88 39.04 33.92
N TYR A 41 -6.12 37.85 34.51
CA TYR A 41 -6.04 37.69 35.97
C TYR A 41 -4.61 37.89 36.46
N ASN A 42 -3.63 37.29 35.77
CA ASN A 42 -2.20 37.46 36.13
C ASN A 42 -1.77 38.93 35.95
N ALA A 43 -2.29 39.60 34.89
CA ALA A 43 -1.97 41.02 34.60
C ALA A 43 -2.51 41.92 35.69
N ALA A 44 -3.73 41.65 36.16
CA ALA A 44 -4.34 42.42 37.24
C ALA A 44 -3.59 42.21 38.55
N ILE A 45 -3.20 40.95 38.88
CA ILE A 45 -2.51 40.59 40.12
C ILE A 45 -1.10 41.19 40.10
N GLN A 46 -0.37 41.06 38.96
CA GLN A 46 0.99 41.62 38.77
C GLN A 46 0.98 43.12 39.02
N LYS A 47 0.02 43.86 38.40
CA LYS A 47 -0.14 45.30 38.58
C LYS A 47 -0.42 45.65 40.05
N ALA A 48 -1.36 44.94 40.73
CA ALA A 48 -1.70 45.23 42.13
C ALA A 48 -0.55 44.88 43.08
N VAL A 49 0.16 43.76 42.87
CA VAL A 49 1.28 43.34 43.73
C VAL A 49 2.42 44.37 43.59
N CYS A 50 2.86 44.67 42.34
CA CYS A 50 3.92 45.66 42.06
C CYS A 50 3.56 47.05 42.63
N LEU A 51 2.28 47.41 42.71
CA LEU A 51 1.86 48.71 43.26
C LEU A 51 1.91 48.78 44.81
N GLY A 52 2.21 47.68 45.49
CA GLY A 52 2.30 47.67 46.94
C GLY A 52 1.46 46.65 47.70
N SER A 53 0.49 45.99 47.03
CA SER A 53 -0.33 44.97 47.69
C SER A 53 0.51 43.67 47.82
N LYS A 54 1.33 43.62 48.88
CA LYS A 54 2.30 42.54 49.15
C LYS A 54 1.72 41.37 49.97
N SER A 55 0.59 41.55 50.69
CA SER A 55 -0.08 40.48 51.44
C SER A 55 -1.40 40.13 50.70
N VAL A 56 -1.53 38.86 50.29
CA VAL A 56 -2.63 38.43 49.46
C VAL A 56 -3.40 37.23 50.04
N LEU A 57 -4.74 37.28 49.91
CA LEU A 57 -5.64 36.20 50.25
C LEU A 57 -6.46 35.80 49.02
N ASP A 58 -6.28 34.55 48.57
CA ASP A 58 -6.98 33.96 47.46
C ASP A 58 -8.19 33.22 48.04
N ILE A 59 -9.41 33.71 47.75
CA ILE A 59 -10.66 33.09 48.20
C ILE A 59 -11.17 32.15 47.12
N GLY A 60 -11.16 30.86 47.45
CA GLY A 60 -11.59 29.78 46.56
C GLY A 60 -10.53 29.49 45.52
N ALA A 61 -9.32 29.17 46.01
CA ALA A 61 -8.07 28.95 45.28
C ALA A 61 -8.11 27.89 44.15
N GLY A 62 -8.98 26.88 44.22
CA GLY A 62 -9.04 25.82 43.21
C GLY A 62 -7.70 25.09 43.18
N THR A 63 -6.98 25.14 42.04
CA THR A 63 -5.63 24.54 41.87
C THR A 63 -4.54 25.44 42.48
N GLY A 64 -4.90 26.68 42.85
CA GLY A 64 -3.99 27.65 43.43
C GLY A 64 -3.28 28.55 42.42
N ILE A 65 -3.79 28.63 41.18
CA ILE A 65 -3.22 29.40 40.06
C ILE A 65 -3.07 30.92 40.38
N LEU A 66 -4.10 31.56 40.99
CA LEU A 66 -4.07 32.98 41.33
C LEU A 66 -3.05 33.28 42.43
N SER A 67 -2.85 32.31 43.36
CA SER A 67 -1.88 32.41 44.46
C SER A 67 -0.44 32.35 43.94
N MET A 68 -0.20 31.48 42.93
CA MET A 68 1.11 31.32 42.28
C MET A 68 1.42 32.57 41.45
N PHE A 69 0.38 33.17 40.82
CA PHE A 69 0.51 34.45 40.08
C PHE A 69 0.96 35.54 41.03
N ALA A 70 0.36 35.61 42.24
CA ALA A 70 0.67 36.60 43.29
C ALA A 70 2.09 36.48 43.80
N LYS A 71 2.55 35.24 44.07
CA LYS A 71 3.90 34.95 44.55
C LYS A 71 4.96 35.23 43.49
N LYS A 72 4.70 34.87 42.20
CA LYS A 72 5.60 35.15 41.06
C LYS A 72 5.73 36.66 40.82
N ALA A 73 4.65 37.42 41.08
CA ALA A 73 4.62 38.88 40.92
C ALA A 73 5.49 39.59 41.97
N GLY A 74 5.74 38.91 43.09
CA GLY A 74 6.57 39.42 44.19
C GLY A 74 5.88 39.67 45.53
N ALA A 75 4.75 38.99 45.79
CA ALA A 75 4.03 39.13 47.08
C ALA A 75 4.84 38.52 48.24
N HIS A 76 4.84 39.21 49.39
CA HIS A 76 5.62 38.81 50.57
C HIS A 76 4.92 37.69 51.34
N SER A 77 3.58 37.71 51.41
CA SER A 77 2.80 36.67 52.08
C SER A 77 1.54 36.36 51.29
N VAL A 78 1.37 35.08 50.90
CA VAL A 78 0.22 34.61 50.12
C VAL A 78 -0.53 33.50 50.89
N TYR A 79 -1.84 33.67 51.05
CA TYR A 79 -2.73 32.70 51.71
C TYR A 79 -3.80 32.31 50.73
N ALA A 80 -4.01 31.01 50.53
CA ALA A 80 -5.03 30.51 49.62
C ALA A 80 -5.97 29.60 50.38
N CYS A 81 -7.27 29.94 50.39
CA CYS A 81 -8.22 29.09 51.06
C CYS A 81 -9.10 28.38 50.05
N GLU A 82 -9.38 27.11 50.36
CA GLU A 82 -10.18 26.27 49.51
C GLU A 82 -11.11 25.40 50.36
N LEU A 83 -12.41 25.58 50.13
CA LEU A 83 -13.55 24.91 50.74
C LEU A 83 -13.47 23.36 50.54
N SER A 84 -13.32 22.91 49.27
CA SER A 84 -13.25 21.53 48.82
C SER A 84 -11.97 20.83 49.28
N LYS A 85 -12.11 19.63 49.89
CA LYS A 85 -10.99 18.80 50.35
C LYS A 85 -10.11 18.36 49.18
N THR A 86 -10.75 17.93 48.07
CA THR A 86 -10.14 17.44 46.83
C THR A 86 -9.32 18.57 46.18
N MET A 87 -9.94 19.76 45.99
CA MET A 87 -9.24 20.90 45.39
C MET A 87 -8.10 21.37 46.26
N TYR A 88 -8.30 21.41 47.60
CA TYR A 88 -7.28 21.81 48.56
C TYR A 88 -6.05 20.93 48.44
N GLU A 89 -6.24 19.60 48.49
CA GLU A 89 -5.15 18.61 48.40
C GLU A 89 -4.44 18.72 47.05
N LEU A 90 -5.20 18.92 45.94
CA LEU A 90 -4.64 19.11 44.60
C LEU A 90 -3.79 20.39 44.55
N ALA A 91 -4.31 21.50 45.13
CA ALA A 91 -3.61 22.79 45.18
C ALA A 91 -2.29 22.68 45.98
N CYS A 92 -2.28 21.91 47.10
CA CYS A 92 -1.06 21.68 47.90
C CYS A 92 0.03 21.04 47.04
N ASP A 93 -0.34 20.03 46.23
CA ASP A 93 0.57 19.32 45.32
C ASP A 93 1.02 20.22 44.13
N VAL A 94 0.10 20.99 43.51
CA VAL A 94 0.44 21.88 42.39
C VAL A 94 1.48 22.95 42.83
N VAL A 95 1.20 23.64 43.96
CA VAL A 95 2.06 24.69 44.54
C VAL A 95 3.47 24.11 44.85
N ALA A 96 3.52 22.92 45.46
CA ALA A 96 4.75 22.21 45.80
C ALA A 96 5.52 21.77 44.55
N ALA A 97 4.80 21.33 43.50
CA ALA A 97 5.41 20.94 42.21
C ALA A 97 5.97 22.16 41.46
N ASN A 98 5.42 23.36 41.74
CA ASN A 98 5.87 24.60 41.12
C ASN A 98 6.88 25.35 42.00
N LYS A 99 7.45 24.62 43.02
CA LYS A 99 8.47 25.05 43.99
C LYS A 99 8.06 26.34 44.75
N MET A 100 6.80 26.40 45.20
CA MET A 100 6.28 27.58 45.91
C MET A 100 5.69 27.23 47.27
N GLU A 101 6.02 26.03 47.83
CA GLU A 101 5.57 25.51 49.14
C GLU A 101 5.81 26.50 50.30
N ALA A 102 7.02 27.12 50.34
CA ALA A 102 7.45 28.05 51.39
C ALA A 102 6.78 29.43 51.29
N GLY A 103 6.40 29.84 50.07
CA GLY A 103 5.81 31.15 49.81
C GLY A 103 4.29 31.24 49.84
N ILE A 104 3.59 30.12 49.67
CA ILE A 104 2.12 30.08 49.66
C ILE A 104 1.61 29.12 50.75
N LYS A 105 0.74 29.64 51.65
CA LYS A 105 0.14 28.85 52.72
C LYS A 105 -1.30 28.53 52.32
N LEU A 106 -1.57 27.23 52.09
CA LEU A 106 -2.89 26.73 51.71
C LEU A 106 -3.67 26.36 52.95
N LEU A 107 -4.96 26.72 52.97
CA LEU A 107 -5.87 26.47 54.09
C LEU A 107 -7.12 25.74 53.63
N HIS A 108 -7.43 24.58 54.27
CA HIS A 108 -8.63 23.81 53.97
C HIS A 108 -9.75 24.34 54.84
N THR A 109 -10.47 25.33 54.30
CA THR A 109 -11.58 26.03 54.97
C THR A 109 -12.35 26.92 54.00
N LYS A 110 -13.55 27.32 54.39
CA LYS A 110 -14.30 28.33 53.69
C LYS A 110 -13.69 29.63 54.26
N SER A 111 -13.61 30.71 53.46
CA SER A 111 -13.02 31.98 53.88
C SER A 111 -13.76 32.60 55.10
N LEU A 112 -15.06 32.25 55.26
CA LEU A 112 -15.93 32.73 56.34
C LEU A 112 -15.47 32.24 57.70
N ASP A 113 -14.74 31.12 57.74
CA ASP A 113 -14.26 30.49 58.97
C ASP A 113 -12.81 30.90 59.31
N ILE A 114 -12.21 31.78 58.48
CA ILE A 114 -10.85 32.28 58.72
C ILE A 114 -10.92 33.34 59.84
N GLU A 115 -10.07 33.18 60.86
CA GLU A 115 -9.95 34.09 62.00
C GLU A 115 -8.51 34.60 62.10
N ILE A 116 -8.34 35.85 62.52
CA ILE A 116 -7.03 36.49 62.70
C ILE A 116 -6.82 36.71 64.23
N PRO A 117 -5.66 36.31 64.83
CA PRO A 117 -4.45 35.73 64.22
C PRO A 117 -4.43 34.18 64.18
N LYS A 118 -5.54 33.52 64.56
CA LYS A 118 -5.68 32.07 64.64
C LYS A 118 -5.26 31.33 63.35
N HIS A 119 -5.75 31.76 62.18
CA HIS A 119 -5.45 31.10 60.90
C HIS A 119 -4.52 31.93 60.02
N ILE A 120 -4.73 33.26 59.96
CA ILE A 120 -3.92 34.22 59.22
C ILE A 120 -3.40 35.22 60.27
N PRO A 121 -2.07 35.51 60.34
CA PRO A 121 -1.57 36.36 61.43
C PRO A 121 -1.98 37.83 61.36
N GLU A 122 -2.09 38.41 60.16
CA GLU A 122 -2.44 39.82 60.00
C GLU A 122 -3.45 40.04 58.89
N ARG A 123 -4.24 41.13 58.98
CA ARG A 123 -5.21 41.50 57.93
C ARG A 123 -4.43 41.74 56.62
N VAL A 124 -4.99 41.30 55.50
CA VAL A 124 -4.34 41.37 54.19
C VAL A 124 -4.67 42.68 53.45
N SER A 125 -3.81 43.05 52.49
CA SER A 125 -4.08 44.24 51.68
C SER A 125 -4.82 43.88 50.38
N LEU A 126 -4.81 42.62 49.97
CA LEU A 126 -5.46 42.26 48.71
C LEU A 126 -6.19 40.92 48.77
N VAL A 127 -7.47 40.96 48.36
CA VAL A 127 -8.29 39.76 48.24
C VAL A 127 -8.46 39.53 46.73
N VAL A 128 -8.18 38.29 46.28
CA VAL A 128 -8.32 37.86 44.90
C VAL A 128 -9.31 36.70 44.94
N THR A 129 -10.30 36.70 44.05
CA THR A 129 -11.31 35.65 44.03
C THR A 129 -11.92 35.48 42.63
N GLU A 130 -12.40 34.28 42.38
CA GLU A 130 -13.03 33.88 41.14
C GLU A 130 -14.31 33.10 41.43
N THR A 131 -14.83 33.27 42.65
CA THR A 131 -16.03 32.61 43.18
C THR A 131 -17.26 33.27 42.57
N VAL A 132 -17.39 33.17 41.23
CA VAL A 132 -18.52 33.72 40.47
C VAL A 132 -19.09 32.65 39.53
N ASP A 133 -20.40 32.72 39.29
CA ASP A 133 -21.05 31.85 38.34
C ASP A 133 -21.55 32.70 37.15
N ALA A 134 -22.37 32.09 36.26
CA ALA A 134 -22.97 32.76 35.09
C ALA A 134 -23.88 33.95 35.50
N GLY A 135 -24.51 33.85 36.68
CA GLY A 135 -25.38 34.86 37.25
C GLY A 135 -24.65 35.82 38.18
N LEU A 136 -23.30 35.70 38.19
CA LEU A 136 -22.30 36.45 38.95
C LEU A 136 -22.34 36.12 40.45
N PHE A 137 -23.51 36.27 41.08
CA PHE A 137 -23.68 36.15 42.53
C PHE A 137 -23.89 34.73 43.09
N GLY A 138 -24.14 33.74 42.22
CA GLY A 138 -24.46 32.36 42.59
C GLY A 138 -23.50 31.53 43.41
N GLU A 139 -22.29 32.03 43.63
CA GLU A 139 -21.32 31.33 44.47
C GLU A 139 -21.12 32.06 45.81
N GLY A 140 -22.00 33.00 46.13
CA GLY A 140 -21.94 33.77 47.37
C GLY A 140 -20.80 34.78 47.51
N ILE A 141 -20.39 35.42 46.39
CA ILE A 141 -19.30 36.42 46.38
C ILE A 141 -19.62 37.61 47.34
N VAL A 142 -20.90 38.01 47.47
CA VAL A 142 -21.31 39.13 48.34
C VAL A 142 -21.03 38.76 49.82
N GLU A 143 -21.61 37.65 50.32
CA GLU A 143 -21.42 37.14 51.69
C GLU A 143 -19.94 36.98 52.06
N SER A 144 -19.12 36.41 51.12
CA SER A 144 -17.69 36.21 51.32
C SER A 144 -16.90 37.54 51.37
N LEU A 145 -17.24 38.51 50.49
CA LEU A 145 -16.54 39.80 50.48
C LEU A 145 -16.99 40.68 51.66
N ILE A 146 -18.23 40.53 52.16
CA ILE A 146 -18.70 41.28 53.35
C ILE A 146 -17.89 40.82 54.58
N HIS A 147 -17.65 39.48 54.70
CA HIS A 147 -16.87 38.91 55.80
C HIS A 147 -15.40 39.33 55.65
N ALA A 148 -14.88 39.37 54.41
CA ALA A 148 -13.50 39.73 54.13
C ALA A 148 -13.22 41.19 54.51
N TRP A 149 -14.13 42.12 54.15
CA TRP A 149 -13.98 43.55 54.49
C TRP A 149 -14.07 43.80 55.99
N GLU A 150 -14.90 43.02 56.70
CA GLU A 150 -15.14 43.16 58.13
C GLU A 150 -14.06 42.51 59.00
N HIS A 151 -13.42 41.42 58.53
CA HIS A 151 -12.50 40.68 59.39
C HIS A 151 -11.13 40.35 58.80
N LEU A 152 -11.00 40.24 57.47
CA LEU A 152 -9.74 39.77 56.89
C LEU A 152 -8.93 40.82 56.11
N LEU A 153 -9.57 41.93 55.73
CA LEU A 153 -8.93 43.00 54.93
C LEU A 153 -8.58 44.23 55.74
N LEU A 154 -7.53 44.95 55.32
CA LEU A 154 -7.15 46.23 55.91
C LEU A 154 -8.21 47.24 55.45
N GLN A 155 -8.36 48.37 56.14
CA GLN A 155 -9.34 49.42 55.83
C GLN A 155 -9.28 49.86 54.36
N PRO A 156 -10.41 50.22 53.69
CA PRO A 156 -10.32 50.67 52.29
C PRO A 156 -9.66 52.07 52.16
N LYS A 157 -9.30 52.47 50.91
CA LYS A 157 -8.67 53.77 50.61
C LYS A 157 -9.59 54.93 51.03
N THR A 158 -8.98 56.00 51.58
CA THR A 158 -9.68 57.20 52.06
C THR A 158 -10.08 58.12 50.90
N ASN A 164 -0.34 54.69 49.36
CA ASN A 164 0.39 53.42 49.30
C ASN A 164 -0.59 52.25 49.47
N CYS A 165 -0.58 51.30 48.51
CA CYS A 165 -1.48 50.15 48.46
C CYS A 165 -1.23 49.17 49.61
N GLU A 166 -0.01 49.14 50.19
CA GLU A 166 0.35 48.26 51.32
C GLU A 166 -0.47 48.57 52.59
N LYS A 167 -0.86 49.86 52.76
CA LYS A 167 -1.57 50.37 53.93
C LYS A 167 -3.09 50.12 53.90
N TYR A 168 -3.69 49.94 52.69
CA TYR A 168 -5.14 49.76 52.59
C TYR A 168 -5.54 48.46 51.87
N GLY A 169 -6.79 48.03 52.11
CA GLY A 169 -7.38 46.84 51.52
C GLY A 169 -8.04 47.10 50.18
N LYS A 170 -7.95 46.10 49.28
CA LYS A 170 -8.56 46.13 47.94
C LYS A 170 -8.99 44.72 47.51
N VAL A 171 -9.97 44.63 46.59
CA VAL A 171 -10.49 43.36 46.09
C VAL A 171 -10.36 43.28 44.55
N ILE A 172 -9.91 42.12 44.05
CA ILE A 172 -9.92 41.72 42.64
C ILE A 172 -10.95 40.56 42.59
N PRO A 173 -12.07 40.68 41.83
CA PRO A 173 -12.48 41.80 40.95
C PRO A 173 -12.93 43.04 41.72
N ALA A 174 -12.74 44.23 41.12
CA ALA A 174 -13.09 45.51 41.71
C ALA A 174 -14.60 45.78 41.65
N SER A 175 -15.22 45.51 40.49
CA SER A 175 -16.64 45.81 40.26
C SER A 175 -17.20 45.02 39.09
N ALA A 176 -18.50 45.18 38.81
CA ALA A 176 -19.18 44.52 37.71
C ALA A 176 -20.41 45.27 37.26
N VAL A 177 -20.73 45.14 35.95
CA VAL A 177 -21.93 45.67 35.33
C VAL A 177 -22.65 44.41 34.76
N ILE A 178 -23.90 44.21 35.16
CA ILE A 178 -24.69 43.04 34.77
C ILE A 178 -25.65 43.45 33.67
N PHE A 179 -25.68 42.68 32.55
CA PHE A 179 -26.54 42.96 31.41
C PHE A 179 -27.56 41.88 31.18
N GLY A 180 -28.63 42.25 30.51
CA GLY A 180 -29.68 41.31 30.13
C GLY A 180 -30.12 41.58 28.71
N MET A 181 -30.79 40.59 28.10
CA MET A 181 -31.37 40.70 26.77
C MET A 181 -32.48 39.68 26.62
N ALA A 182 -33.67 40.15 26.13
CA ALA A 182 -34.82 39.29 25.87
C ALA A 182 -34.54 38.52 24.57
N VAL A 183 -34.69 37.18 24.58
CA VAL A 183 -34.37 36.35 23.42
C VAL A 183 -35.50 35.34 23.11
N GLU A 184 -35.48 34.84 21.86
CA GLU A 184 -36.30 33.77 21.33
C GLU A 184 -35.28 32.64 21.19
N CYS A 185 -35.54 31.52 21.85
CA CYS A 185 -34.68 30.36 21.82
C CYS A 185 -35.50 29.10 22.09
N ALA A 186 -35.92 28.43 21.00
CA ALA A 186 -36.76 27.22 21.00
C ALA A 186 -36.15 26.11 21.84
N GLU A 187 -34.79 26.03 21.92
CA GLU A 187 -34.08 25.04 22.73
C GLU A 187 -34.33 25.24 24.22
N ILE A 188 -34.34 26.50 24.69
CA ILE A 188 -34.63 26.82 26.08
C ILE A 188 -36.13 26.53 26.32
N ARG A 189 -37.02 27.05 25.43
CA ARG A 189 -38.49 26.91 25.50
C ARG A 189 -38.94 25.45 25.69
N ARG A 190 -38.39 24.48 24.91
CA ARG A 190 -38.84 23.08 25.01
C ARG A 190 -38.49 22.44 26.37
N HIS A 191 -37.62 23.09 27.16
CA HIS A 191 -37.23 22.65 28.49
C HIS A 191 -37.96 23.35 29.62
N HIS A 192 -38.77 24.39 29.31
CA HIS A 192 -39.43 25.14 30.40
C HIS A 192 -40.90 25.39 30.14
N ARG A 193 -41.41 25.19 28.91
CA ARG A 193 -42.84 25.32 28.60
C ARG A 193 -43.34 24.13 27.78
N VAL A 194 -44.53 23.63 28.11
CA VAL A 194 -45.20 22.57 27.32
C VAL A 194 -45.87 23.32 26.15
N GLY A 195 -45.36 23.09 24.93
CA GLY A 195 -45.74 23.84 23.73
C GLY A 195 -46.91 23.39 22.88
N ILE A 196 -47.60 22.32 23.27
CA ILE A 196 -48.73 21.78 22.53
C ILE A 196 -49.85 21.46 23.49
N LYS A 197 -51.09 21.49 23.00
CA LYS A 197 -52.28 21.20 23.80
C LYS A 197 -52.85 19.80 23.49
N ASP A 198 -52.30 19.13 22.46
CA ASP A 198 -52.69 17.77 22.03
C ASP A 198 -51.48 16.94 21.66
N ILE A 199 -51.30 15.81 22.34
CA ILE A 199 -50.17 14.89 22.11
C ILE A 199 -50.69 13.49 21.83
N ALA A 200 -50.41 12.94 20.63
CA ALA A 200 -50.72 11.57 20.23
C ALA A 200 -52.17 11.16 20.60
N GLY A 201 -53.12 11.98 20.20
CA GLY A 201 -54.54 11.76 20.43
C GLY A 201 -55.08 12.13 21.80
N ILE A 202 -54.23 12.70 22.72
CA ILE A 202 -54.74 13.07 24.05
C ILE A 202 -54.75 14.59 24.21
N HIS A 203 -55.73 15.11 24.96
N HIS A 203 -55.71 15.10 24.98
CA HIS A 203 -55.79 16.54 25.25
CA HIS A 203 -55.86 16.51 25.30
C HIS A 203 -55.13 16.84 26.57
C HIS A 203 -55.12 16.82 26.60
N LEU A 204 -54.37 17.95 26.62
CA LEU A 204 -53.70 18.44 27.83
C LEU A 204 -54.59 19.63 28.21
N PRO A 205 -55.39 19.52 29.31
CA PRO A 205 -56.37 20.57 29.62
C PRO A 205 -55.76 21.86 30.18
N THR A 206 -56.53 22.95 30.06
CA THR A 206 -56.21 24.30 30.51
C THR A 206 -56.11 24.38 32.05
N ASN A 207 -56.86 23.54 32.78
CA ASN A 207 -56.87 23.55 34.24
C ASN A 207 -55.60 22.90 34.83
N VAL A 208 -54.70 22.34 33.99
CA VAL A 208 -53.41 21.80 34.42
C VAL A 208 -52.31 22.69 33.82
N LYS A 209 -51.64 23.48 34.68
CA LYS A 209 -50.56 24.39 34.26
C LYS A 209 -49.23 23.75 34.62
N PHE A 210 -48.41 23.44 33.62
CA PHE A 210 -47.10 22.86 33.87
C PHE A 210 -46.04 23.95 33.95
N GLN A 211 -45.11 23.84 34.92
CA GLN A 211 -44.07 24.84 35.16
C GLN A 211 -42.75 24.17 35.49
N SER A 212 -41.64 24.78 35.06
CA SER A 212 -40.30 24.23 35.32
C SER A 212 -39.81 24.56 36.77
N PRO A 213 -38.69 23.99 37.26
CA PRO A 213 -38.24 24.36 38.62
C PRO A 213 -37.71 25.82 38.71
N ALA A 214 -37.53 26.49 37.56
CA ALA A 214 -37.09 27.90 37.49
C ALA A 214 -38.26 28.90 37.75
N TYR A 215 -39.52 28.39 37.82
CA TYR A 215 -40.76 29.14 38.02
C TYR A 215 -40.97 29.59 39.47
N SER A 216 -41.54 30.80 39.64
CA SER A 216 -41.87 31.40 40.94
C SER A 216 -43.11 32.25 40.78
N GLU A 225 -33.53 27.68 42.15
CA GLU A 225 -33.06 27.49 40.77
C GLU A 225 -33.63 28.61 39.86
N PRO A 226 -33.39 29.94 40.13
CA PRO A 226 -34.02 30.97 39.27
C PRO A 226 -33.55 30.94 37.81
N TYR A 227 -32.33 30.47 37.57
CA TYR A 227 -31.78 30.43 36.23
C TYR A 227 -30.96 29.19 35.98
N THR A 228 -30.84 28.81 34.72
CA THR A 228 -29.96 27.74 34.29
C THR A 228 -28.70 28.45 33.74
N THR A 229 -27.67 27.68 33.44
CA THR A 229 -26.39 28.17 32.90
C THR A 229 -26.23 27.53 31.51
N GLU A 230 -26.00 28.35 30.47
CA GLU A 230 -25.95 27.87 29.09
C GLU A 230 -24.84 28.51 28.28
N LYS A 231 -24.24 27.73 27.38
CA LYS A 231 -23.24 28.23 26.45
C LYS A 231 -24.03 28.73 25.25
N MET A 232 -24.61 29.93 25.37
CA MET A 232 -25.52 30.49 24.35
C MET A 232 -24.88 30.74 22.98
N SER A 233 -23.53 30.84 22.89
CA SER A 233 -22.83 31.00 21.59
C SER A 233 -22.99 29.76 20.69
N ARG A 234 -23.36 28.59 21.27
CA ARG A 234 -23.50 27.34 20.51
C ARG A 234 -24.76 26.57 20.88
N VAL A 235 -25.79 27.25 21.45
CA VAL A 235 -27.05 26.61 21.85
C VAL A 235 -27.71 25.99 20.59
N PRO A 236 -28.13 24.68 20.61
CA PRO A 236 -28.79 24.10 19.42
C PRO A 236 -29.96 24.96 18.92
N GLY A 237 -29.96 25.22 17.61
CA GLY A 237 -30.97 26.05 16.96
C GLY A 237 -30.67 27.55 17.04
N GLY A 238 -29.77 27.94 17.94
CA GLY A 238 -29.40 29.33 18.18
C GLY A 238 -30.47 30.15 18.87
N TYR A 239 -30.23 31.47 18.96
CA TYR A 239 -31.17 32.42 19.58
C TYR A 239 -31.28 33.70 18.75
N LEU A 240 -32.37 34.45 18.97
CA LEU A 240 -32.61 35.73 18.29
C LEU A 240 -32.88 36.82 19.32
N ALA A 241 -32.11 37.92 19.23
CA ALA A 241 -32.22 39.11 20.07
C ALA A 241 -33.56 39.81 19.79
N LEU A 242 -34.44 39.89 20.78
CA LEU A 242 -35.76 40.51 20.58
C LEU A 242 -35.76 41.96 21.08
N THR A 243 -34.75 42.30 21.88
CA THR A 243 -34.50 43.64 22.41
C THR A 243 -33.00 43.87 22.30
N GLU A 244 -32.57 45.12 22.55
CA GLU A 244 -31.15 45.43 22.62
C GLU A 244 -30.71 44.98 24.02
N CYS A 245 -29.40 44.85 24.25
CA CYS A 245 -28.88 44.50 25.56
C CYS A 245 -29.19 45.71 26.46
N PHE A 246 -29.36 45.46 27.76
CA PHE A 246 -29.67 46.52 28.72
C PHE A 246 -28.99 46.22 30.04
N GLU A 247 -28.61 47.27 30.77
CA GLU A 247 -27.98 47.14 32.08
C GLU A 247 -29.07 46.77 33.07
N ILE A 248 -28.82 45.74 33.86
CA ILE A 248 -29.79 45.24 34.81
C ILE A 248 -29.37 45.61 36.26
N MET A 249 -28.04 45.79 36.50
CA MET A 249 -27.45 46.04 37.81
C MET A 249 -25.96 46.38 37.69
N THR A 250 -25.41 47.05 38.71
CA THR A 250 -23.98 47.33 38.90
C THR A 250 -23.68 46.96 40.36
N VAL A 251 -22.43 46.61 40.64
CA VAL A 251 -22.01 46.24 41.99
C VAL A 251 -20.54 46.67 42.19
N ASP A 252 -20.24 47.25 43.36
CA ASP A 252 -18.89 47.68 43.70
C ASP A 252 -18.38 46.77 44.82
N PHE A 253 -17.50 45.81 44.45
CA PHE A 253 -16.95 44.81 45.37
C PHE A 253 -16.01 45.41 46.42
N ASN A 254 -15.53 46.65 46.19
CA ASN A 254 -14.66 47.40 47.11
C ASN A 254 -15.47 48.29 48.07
N ASN A 255 -16.81 48.32 47.89
CA ASN A 255 -17.73 49.12 48.69
C ASN A 255 -18.57 48.21 49.60
N LEU A 256 -18.11 48.07 50.88
CA LEU A 256 -18.74 47.26 51.93
C LEU A 256 -20.19 47.71 52.23
N GLN A 257 -20.43 49.03 52.27
CA GLN A 257 -21.73 49.62 52.56
C GLN A 257 -22.75 49.26 51.47
N GLU A 258 -22.35 49.32 50.18
CA GLU A 258 -23.17 48.96 49.01
C GLU A 258 -23.49 47.47 49.03
N LEU A 259 -22.50 46.63 49.42
CA LEU A 259 -22.66 45.17 49.51
C LEU A 259 -23.64 44.78 50.62
N LYS A 260 -23.54 45.42 51.80
CA LYS A 260 -24.45 45.17 52.93
C LYS A 260 -25.89 45.63 52.64
N SER A 261 -26.04 46.71 51.84
CA SER A 261 -27.36 47.28 51.48
C SER A 261 -28.18 46.39 50.51
N LEU A 262 -27.53 45.40 49.87
CA LEU A 262 -28.18 44.53 48.90
C LEU A 262 -29.29 43.68 49.49
N ALA A 263 -29.15 43.21 50.75
CA ALA A 263 -30.11 42.34 51.43
C ALA A 263 -31.51 43.00 51.60
N THR A 264 -31.58 44.33 51.70
CA THR A 264 -32.84 45.04 51.91
C THR A 264 -33.17 46.03 50.77
N LYS A 265 -32.37 46.03 49.68
CA LYS A 265 -32.61 46.92 48.53
C LYS A 265 -33.87 46.49 47.78
N LYS A 266 -34.82 47.42 47.59
CA LYS A 266 -36.08 47.18 46.89
C LYS A 266 -35.81 46.83 45.41
N PRO A 267 -36.53 45.83 44.84
CA PRO A 267 -36.30 45.45 43.43
C PRO A 267 -36.44 46.61 42.44
N ASP A 268 -35.60 46.61 41.39
CA ASP A 268 -35.60 47.62 40.34
C ASP A 268 -36.55 47.20 39.24
N LYS A 269 -37.65 47.95 39.08
CA LYS A 269 -38.68 47.72 38.07
C LYS A 269 -38.19 48.37 36.77
N ILE A 270 -37.97 47.56 35.71
CA ILE A 270 -37.47 48.06 34.44
C ILE A 270 -38.42 47.67 33.28
N GLY A 271 -38.43 48.52 32.26
CA GLY A 271 -39.23 48.38 31.05
C GLY A 271 -38.36 48.47 29.82
N ILE A 272 -38.31 47.39 29.03
CA ILE A 272 -37.42 47.33 27.86
C ILE A 272 -38.22 47.29 26.56
N PRO A 273 -37.99 48.25 25.63
CA PRO A 273 -38.72 48.22 24.34
C PRO A 273 -38.30 47.06 23.44
N VAL A 274 -39.29 46.48 22.72
CA VAL A 274 -39.07 45.34 21.81
C VAL A 274 -38.63 45.89 20.44
N ILE A 275 -37.53 45.37 19.89
CA ILE A 275 -36.96 45.84 18.61
C ILE A 275 -37.18 44.81 17.48
N LYS A 276 -37.57 43.57 17.82
CA LYS A 276 -37.78 42.51 16.84
C LYS A 276 -38.98 41.64 17.22
N GLU A 277 -39.78 41.27 16.19
CA GLU A 277 -40.94 40.38 16.31
C GLU A 277 -40.42 38.98 16.65
N GLY A 278 -41.10 38.27 17.55
CA GLY A 278 -40.71 36.93 17.97
C GLY A 278 -41.37 36.38 19.21
N ILE A 279 -41.08 35.11 19.56
CA ILE A 279 -41.60 34.42 20.75
C ILE A 279 -40.66 34.66 21.93
N LEU A 280 -41.16 35.29 23.01
CA LEU A 280 -40.34 35.56 24.22
C LEU A 280 -40.09 34.26 25.01
N ASP A 281 -38.84 33.76 24.96
CA ASP A 281 -38.47 32.50 25.61
C ASP A 281 -37.61 32.64 26.88
N ALA A 282 -36.81 33.72 27.00
CA ALA A 282 -35.92 33.92 28.15
C ALA A 282 -35.29 35.29 28.16
N ILE A 283 -34.70 35.64 29.30
CA ILE A 283 -33.86 36.81 29.48
C ILE A 283 -32.45 36.20 29.64
N MET A 284 -31.57 36.48 28.68
CA MET A 284 -30.18 36.00 28.70
C MET A 284 -29.37 37.05 29.44
N VAL A 285 -28.66 36.64 30.50
CA VAL A 285 -27.89 37.52 31.37
C VAL A 285 -26.40 37.18 31.34
N TRP A 286 -25.57 38.25 31.29
CA TRP A 286 -24.11 38.15 31.33
C TRP A 286 -23.57 39.37 32.08
N PHE A 287 -22.26 39.45 32.27
CA PHE A 287 -21.68 40.58 32.99
C PHE A 287 -20.29 40.95 32.47
N VAL A 288 -19.92 42.22 32.72
CA VAL A 288 -18.60 42.78 32.42
C VAL A 288 -17.96 42.97 33.81
N LEU A 289 -16.96 42.15 34.10
CA LEU A 289 -16.21 42.13 35.36
C LEU A 289 -14.94 42.99 35.25
N GLN A 290 -14.86 44.07 36.03
CA GLN A 290 -13.73 44.98 36.05
C GLN A 290 -12.73 44.49 37.12
N LEU A 291 -11.62 43.85 36.69
CA LEU A 291 -10.59 43.32 37.62
C LEU A 291 -9.86 44.47 38.32
N ASP A 292 -9.59 45.57 37.57
CA ASP A 292 -9.01 46.84 38.00
C ASP A 292 -9.47 47.94 37.01
N ASP A 293 -8.84 49.10 37.00
CA ASP A 293 -9.23 50.18 36.10
C ASP A 293 -8.78 49.95 34.63
N GLU A 294 -7.84 49.01 34.38
CA GLU A 294 -7.28 48.69 33.05
C GLU A 294 -7.71 47.34 32.48
N HIS A 295 -7.97 46.36 33.35
CA HIS A 295 -8.25 45.00 32.93
C HIS A 295 -9.70 44.61 33.20
N SER A 296 -10.40 44.16 32.16
N SER A 296 -10.37 44.12 32.16
CA SER A 296 -11.80 43.73 32.23
CA SER A 296 -11.77 43.70 32.21
C SER A 296 -12.03 42.38 31.55
C SER A 296 -11.99 42.33 31.59
N LEU A 297 -13.03 41.63 32.04
CA LEU A 297 -13.44 40.32 31.54
C LEU A 297 -14.93 40.39 31.20
N SER A 298 -15.33 39.91 30.01
CA SER A 298 -16.75 39.88 29.64
C SER A 298 -17.25 38.44 29.51
N THR A 299 -18.44 38.15 30.07
CA THR A 299 -19.08 36.83 29.93
C THR A 299 -20.12 36.87 28.83
N SER A 300 -20.06 37.92 27.96
CA SER A 300 -20.93 38.09 26.79
C SER A 300 -20.81 36.83 25.90
N PRO A 301 -21.94 36.30 25.35
CA PRO A 301 -21.85 35.05 24.56
C PRO A 301 -20.89 35.17 23.37
N SER A 302 -19.91 34.27 23.28
CA SER A 302 -18.91 34.24 22.21
C SER A 302 -18.27 32.88 22.10
N GLU A 303 -18.08 32.38 20.86
CA GLU A 303 -17.42 31.08 20.65
C GLU A 303 -15.91 31.16 20.96
N GLU A 304 -15.37 32.39 21.13
CA GLU A 304 -13.97 32.65 21.47
C GLU A 304 -13.71 32.59 22.99
N THR A 305 -14.77 32.55 23.82
CA THR A 305 -14.63 32.51 25.29
C THR A 305 -15.29 31.28 25.90
N CYS A 306 -14.87 30.91 27.13
CA CYS A 306 -15.34 29.75 27.88
C CYS A 306 -16.64 30.03 28.67
N TRP A 307 -16.98 31.31 28.86
CA TRP A 307 -18.08 31.74 29.70
C TRP A 307 -19.46 31.37 29.22
N GLU A 308 -20.27 30.89 30.18
CA GLU A 308 -21.68 30.59 30.02
C GLU A 308 -22.49 31.78 30.54
N GLN A 309 -23.75 31.88 30.12
CA GLN A 309 -24.69 32.96 30.44
C GLN A 309 -25.79 32.43 31.38
N ALA A 310 -26.39 33.33 32.17
CA ALA A 310 -27.49 32.95 33.07
C ALA A 310 -28.76 33.08 32.24
N VAL A 311 -29.60 32.04 32.28
CA VAL A 311 -30.82 32.02 31.47
C VAL A 311 -32.05 31.99 32.40
N TYR A 312 -32.88 33.05 32.33
CA TYR A 312 -34.09 33.18 33.13
C TYR A 312 -35.24 32.86 32.18
N PRO A 313 -35.81 31.62 32.26
CA PRO A 313 -36.88 31.23 31.33
C PRO A 313 -38.16 32.07 31.50
N VAL A 314 -38.85 32.34 30.39
CA VAL A 314 -40.12 33.06 30.44
C VAL A 314 -41.23 32.03 30.35
N GLN A 315 -42.09 32.01 31.37
CA GLN A 315 -43.25 31.13 31.51
C GLN A 315 -44.41 31.88 32.22
N ASP A 316 -45.56 31.22 32.32
CA ASP A 316 -46.78 31.72 32.97
C ASP A 316 -47.28 33.06 32.35
N LEU A 317 -47.26 33.14 31.01
CA LEU A 317 -47.79 34.31 30.27
C LEU A 317 -48.92 33.83 29.38
N ALA A 318 -49.91 34.72 29.16
CA ALA A 318 -51.08 34.47 28.32
C ALA A 318 -50.69 34.41 26.84
N ASP A 319 -49.75 35.27 26.43
CA ASP A 319 -49.26 35.38 25.06
C ASP A 319 -47.74 35.63 25.10
N TYR A 320 -46.96 34.81 24.34
CA TYR A 320 -45.51 34.93 24.28
C TYR A 320 -45.05 35.70 23.03
N TRP A 321 -45.98 36.03 22.10
CA TRP A 321 -45.60 36.80 20.91
C TRP A 321 -45.42 38.26 21.27
N ILE A 322 -44.23 38.79 20.96
CA ILE A 322 -43.87 40.17 21.24
C ILE A 322 -43.43 40.83 19.92
N LYS A 323 -43.76 42.12 19.76
CA LYS A 323 -43.48 42.86 18.54
C LYS A 323 -42.98 44.29 18.83
N PRO A 324 -42.24 44.96 17.88
CA PRO A 324 -41.86 46.37 18.12
C PRO A 324 -43.08 47.21 18.54
N GLY A 325 -42.93 47.95 19.63
CA GLY A 325 -44.02 48.72 20.23
C GLY A 325 -44.39 48.18 21.60
N ASP A 326 -44.12 46.88 21.82
CA ASP A 326 -44.34 46.22 23.11
C ASP A 326 -43.17 46.57 24.03
N HIS A 327 -43.36 46.36 25.33
CA HIS A 327 -42.33 46.58 26.34
C HIS A 327 -42.25 45.35 27.27
N VAL A 328 -41.04 44.80 27.43
CA VAL A 328 -40.80 43.67 28.31
C VAL A 328 -40.52 44.24 29.71
N MET A 329 -41.42 43.95 30.66
CA MET A 329 -41.31 44.42 32.05
C MET A 329 -40.80 43.32 32.92
N MET A 330 -39.98 43.68 33.93
CA MET A 330 -39.42 42.74 34.91
C MET A 330 -38.97 43.50 36.18
N GLU A 331 -38.73 42.74 37.27
CA GLU A 331 -38.27 43.25 38.55
C GLU A 331 -36.97 42.53 38.90
N VAL A 332 -35.87 43.29 38.92
CA VAL A 332 -34.53 42.79 39.20
C VAL A 332 -34.17 43.05 40.67
N SER A 333 -33.71 42.00 41.38
CA SER A 333 -33.31 42.06 42.79
C SER A 333 -32.17 41.09 43.09
N CYS A 334 -31.41 41.35 44.18
CA CYS A 334 -30.27 40.50 44.58
C CYS A 334 -30.09 40.52 46.13
N GLN A 335 -31.17 40.22 46.86
CA GLN A 335 -31.25 40.24 48.32
C GLN A 335 -30.73 38.96 49.01
N ASP A 336 -31.09 37.76 48.50
CA ASP A 336 -30.72 36.45 49.06
C ASP A 336 -29.84 35.64 48.07
N CYS A 337 -28.55 36.00 48.02
CA CYS A 337 -27.48 35.44 47.16
C CYS A 337 -27.76 35.68 45.67
N TYR A 338 -28.56 34.82 45.03
CA TYR A 338 -28.89 34.84 43.60
C TYR A 338 -29.53 36.13 43.08
N LEU A 339 -29.13 36.52 41.86
CA LEU A 339 -29.71 37.63 41.12
C LEU A 339 -31.05 37.08 40.61
N ARG A 340 -32.13 37.80 40.88
CA ARG A 340 -33.47 37.38 40.50
C ARG A 340 -34.15 38.35 39.57
N ILE A 341 -34.83 37.81 38.56
CA ILE A 341 -35.62 38.56 37.56
C ILE A 341 -37.04 37.99 37.72
N GLN A 342 -37.92 38.80 38.31
CA GLN A 342 -39.28 38.36 38.62
C GLN A 342 -40.32 39.25 37.98
N SER A 343 -41.61 38.84 38.06
CA SER A 343 -42.78 39.56 37.53
C SER A 343 -42.58 39.98 36.06
N ILE A 344 -42.08 39.05 35.22
CA ILE A 344 -41.87 39.30 33.79
C ILE A 344 -43.24 39.38 33.09
N SER A 345 -43.48 40.50 32.39
CA SER A 345 -44.74 40.73 31.68
C SER A 345 -44.50 41.48 30.38
N VAL A 346 -45.52 41.45 29.49
CA VAL A 346 -45.51 42.16 28.22
C VAL A 346 -46.52 43.27 28.31
N LEU A 347 -46.04 44.52 28.12
CA LEU A 347 -46.91 45.70 28.14
C LEU A 347 -47.03 46.19 26.69
N GLY A 348 -48.25 46.10 26.15
CA GLY A 348 -48.57 46.47 24.77
C GLY A 348 -48.41 47.95 24.43
N LEU A 349 -48.34 48.25 23.12
CA LEU A 349 -48.22 49.61 22.60
C LEU A 349 -49.46 50.45 22.87
N GLU A 390 -57.06 26.31 38.98
CA GLU A 390 -56.24 25.50 38.08
C GLU A 390 -55.01 24.93 38.82
N GLN A 391 -54.80 23.60 38.72
CA GLN A 391 -53.67 22.92 39.39
C GLN A 391 -52.35 23.26 38.71
N THR A 392 -51.34 23.68 39.49
CA THR A 392 -50.00 23.96 38.97
C THR A 392 -49.18 22.71 39.24
N CYS A 393 -48.58 22.16 38.20
CA CYS A 393 -47.78 20.95 38.28
C CYS A 393 -46.35 21.24 37.91
N ILE A 394 -45.45 21.15 38.90
CA ILE A 394 -44.02 21.40 38.72
C ILE A 394 -43.39 20.16 38.07
N LEU A 395 -42.71 20.35 36.93
CA LEU A 395 -42.01 19.27 36.27
C LEU A 395 -40.54 19.63 36.13
N GLU A 396 -39.68 18.61 36.08
CA GLU A 396 -38.26 18.77 35.80
C GLU A 396 -38.18 19.16 34.33
N SER A 397 -37.08 19.83 33.92
CA SER A 397 -36.89 20.27 32.54
C SER A 397 -36.82 19.06 31.58
N THR A 398 -36.33 17.89 32.07
CA THR A 398 -36.30 16.63 31.31
C THR A 398 -37.76 16.17 31.01
N GLU A 399 -38.65 16.33 31.98
CA GLU A 399 -40.08 15.96 31.87
C GLU A 399 -40.85 16.92 30.95
N ILE A 400 -40.47 18.22 30.89
CA ILE A 400 -41.08 19.21 29.98
C ILE A 400 -40.58 18.90 28.56
N ALA A 401 -39.25 18.65 28.41
CA ALA A 401 -38.67 18.25 27.11
C ALA A 401 -39.38 16.96 26.63
N LEU A 402 -39.67 16.02 27.55
CA LEU A 402 -40.41 14.81 27.24
C LEU A 402 -41.82 15.12 26.66
N LEU A 403 -42.60 15.96 27.34
CA LEU A 403 -43.95 16.31 26.85
C LEU A 403 -43.90 17.02 25.49
N ASN A 404 -42.76 17.67 25.17
CA ASN A 404 -42.56 18.35 23.89
C ASN A 404 -41.97 17.43 22.81
N ASN A 405 -41.68 16.16 23.16
CA ASN A 405 -41.11 15.16 22.26
C ASN A 405 -42.26 14.42 21.60
N ILE A 406 -42.77 14.98 20.48
CA ILE A 406 -43.90 14.48 19.70
C ILE A 406 -43.59 13.10 19.09
N PRO A 407 -42.45 12.85 18.39
CA PRO A 407 -42.19 11.49 17.83
C PRO A 407 -42.17 10.35 18.86
N TYR A 408 -41.74 10.61 20.10
CA TYR A 408 -41.73 9.65 21.19
C TYR A 408 -43.16 9.16 21.48
N HIS A 409 -44.09 10.12 21.65
CA HIS A 409 -45.48 9.82 22.00
C HIS A 409 -46.25 9.22 20.84
N GLU A 410 -46.07 9.77 19.62
CA GLU A 410 -46.69 9.24 18.40
C GLU A 410 -46.16 7.82 18.10
N GLY A 411 -44.87 7.58 18.36
CA GLY A 411 -44.27 6.26 18.20
C GLY A 411 -44.88 5.25 19.15
N PHE A 412 -45.00 5.62 20.44
CA PHE A 412 -45.59 4.80 21.48
C PHE A 412 -47.07 4.51 21.20
N LYS A 413 -47.84 5.53 20.75
CA LYS A 413 -49.25 5.37 20.39
C LYS A 413 -49.42 4.31 19.28
N MET A 414 -48.67 4.43 18.17
CA MET A 414 -48.70 3.47 17.06
C MET A 414 -48.23 2.08 17.50
N ALA A 415 -47.13 1.97 18.31
CA ALA A 415 -46.62 0.66 18.75
C ALA A 415 -47.60 -0.03 19.69
N MET A 416 -48.24 0.73 20.61
CA MET A 416 -49.26 0.17 21.52
C MET A 416 -50.50 -0.30 20.75
N SER A 417 -50.95 0.48 19.74
CA SER A 417 -52.13 0.15 18.90
C SER A 417 -51.94 -1.18 18.14
N LYS A 418 -50.72 -1.44 17.64
CA LYS A 418 -50.40 -2.68 16.92
C LYS A 418 -50.45 -3.92 17.82
N VAL A 419 -50.10 -3.78 19.12
CA VAL A 419 -50.16 -4.89 20.08
C VAL A 419 -51.63 -5.19 20.38
N LEU A 420 -52.43 -4.15 20.62
CA LEU A 420 -53.87 -4.25 20.85
C LEU A 420 -54.56 -4.88 19.63
N SER A 421 -54.22 -4.41 18.40
CA SER A 421 -54.76 -4.95 17.15
C SER A 421 -54.42 -6.44 16.93
N SER A 422 -53.23 -6.89 17.36
CA SER A 422 -52.82 -8.29 17.19
C SER A 422 -53.39 -9.21 18.29
N LEU A 423 -53.59 -8.70 19.53
CA LEU A 423 -54.12 -9.51 20.64
C LEU A 423 -55.64 -9.42 20.80
N THR A 424 -56.21 -8.22 20.82
CA THR A 424 -57.65 -7.99 21.02
C THR A 424 -58.16 -6.90 20.05
N PRO A 425 -58.31 -7.19 18.73
CA PRO A 425 -58.73 -6.14 17.78
C PRO A 425 -60.09 -5.49 18.07
N GLU A 426 -61.02 -6.20 18.75
CA GLU A 426 -62.34 -5.66 19.06
C GLU A 426 -62.26 -4.57 20.14
N LYS A 427 -61.18 -4.58 20.95
CA LYS A 427 -60.94 -3.63 22.03
C LYS A 427 -60.37 -2.33 21.52
N LEU A 428 -59.78 -2.35 20.30
CA LEU A 428 -59.16 -1.18 19.68
C LEU A 428 -60.25 -0.27 19.16
N TYR A 429 -60.20 1.01 19.54
CA TYR A 429 -61.20 2.01 19.12
C TYR A 429 -61.03 2.45 17.66
N ASN A 452 -63.52 -11.21 26.19
CA ASN A 452 -64.31 -10.89 27.38
C ASN A 452 -64.38 -9.35 27.56
N ILE A 453 -65.60 -8.79 27.47
CA ILE A 453 -65.91 -7.37 27.59
C ILE A 453 -65.59 -6.81 29.03
N LEU A 454 -65.51 -7.69 30.05
CA LEU A 454 -65.18 -7.29 31.43
C LEU A 454 -63.69 -7.41 31.71
N GLU A 455 -62.92 -8.03 30.77
CA GLU A 455 -61.48 -8.25 30.90
C GLU A 455 -60.72 -7.15 30.14
N PRO A 456 -60.12 -6.13 30.78
CA PRO A 456 -59.42 -5.14 29.95
C PRO A 456 -58.01 -5.60 29.58
N PHE A 457 -57.44 -4.93 28.59
CA PHE A 457 -56.08 -5.10 28.11
C PHE A 457 -55.22 -4.39 29.16
N TYR A 458 -54.36 -5.14 29.87
CA TYR A 458 -53.58 -4.54 30.95
C TYR A 458 -52.27 -3.95 30.46
N VAL A 459 -52.00 -2.66 30.81
CA VAL A 459 -50.83 -1.90 30.40
C VAL A 459 -50.13 -1.30 31.61
N LEU A 460 -48.84 -1.64 31.80
CA LEU A 460 -48.06 -1.08 32.91
C LEU A 460 -46.98 -0.15 32.40
N ASP A 461 -46.96 1.09 32.91
CA ASP A 461 -45.91 2.03 32.55
C ASP A 461 -44.94 2.16 33.73
N VAL A 462 -43.70 1.67 33.56
CA VAL A 462 -42.65 1.70 34.59
C VAL A 462 -41.60 2.79 34.22
N SER A 463 -42.04 3.84 33.51
CA SER A 463 -41.20 4.99 33.18
C SER A 463 -40.90 5.68 34.51
N GLU A 464 -39.74 6.32 34.61
CA GLU A 464 -39.35 7.06 35.79
C GLU A 464 -39.79 8.51 35.60
N GLY A 465 -40.48 9.04 36.60
CA GLY A 465 -40.96 10.41 36.62
C GLY A 465 -42.28 10.58 35.91
N PHE A 466 -42.62 11.85 35.61
CA PHE A 466 -43.89 12.17 34.96
C PHE A 466 -44.02 11.50 33.60
N SER A 467 -45.18 10.89 33.36
CA SER A 467 -45.42 10.20 32.08
C SER A 467 -46.90 10.23 31.72
N VAL A 468 -47.22 10.42 30.43
CA VAL A 468 -48.61 10.45 29.94
C VAL A 468 -48.92 9.19 29.09
N LEU A 469 -47.93 8.27 28.93
CA LEU A 469 -48.10 7.02 28.19
C LEU A 469 -49.33 6.21 28.67
N PRO A 470 -49.65 6.14 30.01
CA PRO A 470 -50.88 5.44 30.41
C PRO A 470 -52.17 6.10 29.91
N VAL A 471 -52.16 7.44 29.71
CA VAL A 471 -53.36 8.16 29.22
C VAL A 471 -53.50 7.84 27.72
N ILE A 472 -52.40 7.88 26.97
CA ILE A 472 -52.40 7.51 25.55
C ILE A 472 -52.97 6.09 25.41
N ALA A 473 -52.47 5.12 26.24
CA ALA A 473 -52.93 3.72 26.20
C ALA A 473 -54.45 3.62 26.40
N GLY A 474 -54.99 4.33 27.42
CA GLY A 474 -56.41 4.35 27.75
C GLY A 474 -57.31 4.95 26.68
N THR A 475 -56.79 5.90 25.89
CA THR A 475 -57.57 6.54 24.81
C THR A 475 -57.64 5.64 23.57
N LEU A 476 -56.73 4.64 23.49
CA LEU A 476 -56.60 3.72 22.36
C LEU A 476 -57.64 2.62 22.33
N GLY A 477 -58.11 2.17 23.49
CA GLY A 477 -59.06 1.06 23.54
C GLY A 477 -59.54 0.66 24.91
N GLN A 478 -60.12 -0.54 25.01
CA GLN A 478 -60.61 -1.14 26.25
C GLN A 478 -59.38 -1.59 27.05
N VAL A 479 -58.69 -0.58 27.60
CA VAL A 479 -57.39 -0.70 28.27
C VAL A 479 -57.49 -0.33 29.74
N LYS A 480 -56.82 -1.12 30.61
CA LYS A 480 -56.67 -0.80 32.04
C LYS A 480 -55.21 -0.33 32.19
N PRO A 481 -54.96 0.99 32.20
CA PRO A 481 -53.57 1.46 32.28
C PRO A 481 -53.10 1.78 33.70
N TYR A 482 -51.81 1.48 33.99
CA TYR A 482 -51.22 1.75 35.30
C TYR A 482 -50.05 2.69 35.16
N SER A 483 -50.03 3.72 36.02
CA SER A 483 -49.01 4.75 36.08
C SER A 483 -48.09 4.48 37.30
N SER A 484 -46.78 4.69 37.17
CA SER A 484 -45.80 4.50 38.25
C SER A 484 -45.34 5.84 38.87
N VAL A 485 -46.05 6.97 38.63
CA VAL A 485 -45.69 8.27 39.21
C VAL A 485 -45.73 8.17 40.74
N GLU A 486 -44.75 8.79 41.40
CA GLU A 486 -44.65 8.77 42.85
C GLU A 486 -45.31 10.03 43.46
N LYS A 487 -44.90 11.23 43.01
CA LYS A 487 -45.36 12.55 43.49
C LYS A 487 -46.89 12.69 43.43
N ASP A 488 -47.50 13.16 44.55
CA ASP A 488 -48.94 13.37 44.69
C ASP A 488 -49.47 14.37 43.68
N GLN A 489 -48.71 15.44 43.39
CA GLN A 489 -49.04 16.52 42.45
C GLN A 489 -49.18 15.93 41.03
N HIS A 490 -48.30 14.97 40.66
CA HIS A 490 -48.30 14.28 39.37
C HIS A 490 -49.56 13.44 39.20
N ARG A 491 -50.03 12.79 40.29
CA ARG A 491 -51.24 11.95 40.28
C ARG A 491 -52.46 12.79 40.02
N ILE A 492 -52.57 13.95 40.71
CA ILE A 492 -53.67 14.91 40.57
C ILE A 492 -53.76 15.38 39.13
N ALA A 493 -52.62 15.82 38.56
CA ALA A 493 -52.51 16.28 37.16
C ALA A 493 -52.96 15.20 36.19
N LEU A 494 -52.49 13.95 36.40
CA LEU A 494 -52.83 12.79 35.56
C LEU A 494 -54.32 12.42 35.68
N ASP A 495 -54.93 12.61 36.86
CA ASP A 495 -56.36 12.37 37.07
C ASP A 495 -57.18 13.42 36.30
N LEU A 496 -56.71 14.69 36.25
CA LEU A 496 -57.34 15.80 35.51
C LEU A 496 -57.13 15.64 33.98
N ILE A 497 -55.96 15.13 33.56
CA ILE A 497 -55.71 14.81 32.16
C ILE A 497 -56.65 13.66 31.72
N SER A 498 -56.77 12.61 32.55
CA SER A 498 -57.64 11.44 32.31
C SER A 498 -59.08 11.91 32.12
N GLU A 499 -59.55 12.79 33.00
CA GLU A 499 -60.89 13.40 32.99
C GLU A 499 -61.14 14.18 31.68
N ALA A 500 -60.13 14.93 31.21
CA ALA A 500 -60.21 15.71 29.95
C ALA A 500 -60.24 14.78 28.71
N ASN A 501 -59.83 13.52 28.89
CA ASN A 501 -59.79 12.54 27.81
C ASN A 501 -60.91 11.51 27.96
N HIS A 502 -62.01 11.97 28.63
CA HIS A 502 -63.30 11.31 28.84
C HIS A 502 -63.22 9.98 29.58
N PHE A 503 -62.17 9.79 30.40
CA PHE A 503 -62.07 8.55 31.16
C PHE A 503 -63.02 8.66 32.35
N PRO A 504 -63.86 7.63 32.62
CA PRO A 504 -64.64 7.65 33.87
C PRO A 504 -63.61 7.53 35.02
N LYS A 505 -64.00 7.93 36.25
CA LYS A 505 -63.12 7.90 37.43
C LYS A 505 -62.50 6.52 37.64
N GLU A 506 -61.22 6.51 38.02
CA GLU A 506 -60.41 5.31 38.31
C GLU A 506 -60.25 4.36 37.08
N THR A 507 -60.21 4.90 35.83
CA THR A 507 -59.85 4.11 34.65
C THR A 507 -58.33 3.97 34.79
N LEU A 508 -57.64 5.10 34.90
CA LEU A 508 -56.20 5.13 35.12
C LEU A 508 -55.95 4.79 36.60
N GLU A 509 -55.07 3.81 36.86
CA GLU A 509 -54.74 3.47 38.24
C GLU A 509 -53.25 3.69 38.47
N PHE A 510 -52.85 3.82 39.75
CA PHE A 510 -51.47 4.10 40.11
C PHE A 510 -50.84 2.86 40.79
N TRP A 511 -49.76 2.36 40.19
CA TRP A 511 -49.02 1.17 40.59
C TRP A 511 -48.18 1.42 41.84
N MET A 521 -41.91 -2.76 42.65
CA MET A 521 -41.85 -4.19 42.37
C MET A 521 -42.75 -4.58 41.21
N LEU A 522 -42.23 -5.43 40.33
CA LEU A 522 -42.91 -5.96 39.17
C LEU A 522 -43.71 -7.20 39.56
N GLN A 523 -45.04 -7.10 39.42
CA GLN A 523 -46.00 -8.17 39.73
C GLN A 523 -47.08 -8.19 38.67
N ARG A 524 -47.90 -9.25 38.66
CA ARG A 524 -49.04 -9.42 37.77
C ARG A 524 -50.07 -8.29 38.02
N PRO A 525 -50.84 -7.82 37.02
CA PRO A 525 -51.84 -6.77 37.28
C PRO A 525 -52.80 -7.16 38.39
N LYS A 526 -53.24 -8.43 38.34
CA LYS A 526 -54.13 -9.09 39.28
C LYS A 526 -53.66 -10.54 39.37
N SER A 527 -53.89 -11.19 40.54
CA SER A 527 -53.54 -12.60 40.74
C SER A 527 -54.31 -13.39 39.70
N ASP A 528 -53.56 -14.10 38.85
CA ASP A 528 -53.98 -14.95 37.71
C ASP A 528 -54.17 -14.14 36.41
N LYS A 529 -53.74 -12.87 36.38
CA LYS A 529 -53.83 -12.03 35.18
C LYS A 529 -52.44 -11.65 34.70
N LEU A 530 -52.30 -11.38 33.40
CA LEU A 530 -51.03 -11.04 32.80
C LEU A 530 -51.07 -9.66 32.10
N TRP A 531 -49.88 -9.01 31.96
CA TRP A 531 -49.78 -7.72 31.27
C TRP A 531 -49.72 -7.94 29.78
N SER A 532 -50.40 -7.11 29.00
CA SER A 532 -50.27 -7.24 27.57
C SER A 532 -49.14 -6.27 27.10
N ILE A 533 -48.89 -5.21 27.88
CA ILE A 533 -47.83 -4.25 27.60
C ILE A 533 -47.14 -3.82 28.89
N ILE A 534 -45.79 -3.90 28.92
CA ILE A 534 -44.98 -3.39 30.03
C ILE A 534 -44.01 -2.39 29.42
N ILE A 535 -44.02 -1.12 29.88
CA ILE A 535 -43.08 -0.10 29.40
C ILE A 535 -41.98 0.06 30.44
N LEU A 536 -40.72 -0.15 30.04
CA LEU A 536 -39.57 -0.01 30.94
C LEU A 536 -38.72 1.20 30.56
N ASP A 537 -38.07 1.81 31.53
CA ASP A 537 -37.19 2.98 31.33
C ASP A 537 -35.74 2.46 31.16
N VAL A 538 -35.26 2.42 29.90
CA VAL A 538 -33.98 1.81 29.55
C VAL A 538 -32.80 2.81 29.52
N ILE A 539 -33.01 4.02 29.04
CA ILE A 539 -31.91 4.97 28.91
C ILE A 539 -32.10 6.12 29.86
N GLU A 540 -31.07 6.36 30.67
CA GLU A 540 -31.05 7.49 31.59
C GLU A 540 -30.98 8.80 30.82
N PRO A 541 -31.48 9.90 31.39
CA PRO A 541 -31.31 11.22 30.71
C PRO A 541 -29.82 11.57 30.49
N SER A 542 -28.91 10.95 31.27
CA SER A 542 -27.46 11.15 31.22
C SER A 542 -26.80 10.60 29.92
N GLY A 543 -27.48 9.63 29.29
CA GLY A 543 -27.00 8.97 28.08
C GLY A 543 -26.46 7.60 28.35
N LEU A 544 -26.53 7.16 29.61
CA LEU A 544 -26.09 5.82 30.02
C LEU A 544 -27.31 4.88 30.15
N ILE A 545 -27.05 3.57 30.16
CA ILE A 545 -28.09 2.56 30.34
C ILE A 545 -28.54 2.59 31.82
N GLN A 546 -29.86 2.48 32.06
CA GLN A 546 -30.42 2.42 33.41
C GLN A 546 -29.91 1.16 34.13
N GLN A 547 -29.56 1.31 35.42
CA GLN A 547 -29.08 0.25 36.31
C GLN A 547 -30.15 -0.82 36.46
N GLU A 548 -29.74 -2.11 36.44
CA GLU A 548 -30.59 -3.30 36.61
C GLU A 548 -31.70 -3.44 35.52
N ILE A 549 -31.53 -2.85 34.35
CA ILE A 549 -32.56 -2.94 33.31
C ILE A 549 -32.72 -4.39 32.82
N MET A 550 -31.61 -5.14 32.67
CA MET A 550 -31.64 -6.56 32.22
C MET A 550 -32.41 -7.45 33.17
N GLU A 551 -32.25 -7.19 34.49
CA GLU A 551 -32.92 -7.86 35.60
C GLU A 551 -34.42 -7.53 35.59
N LYS A 552 -34.80 -6.23 35.42
CA LYS A 552 -36.22 -5.82 35.33
C LYS A 552 -36.88 -6.44 34.09
N ALA A 553 -36.15 -6.49 32.95
CA ALA A 553 -36.65 -7.09 31.70
C ALA A 553 -36.91 -8.58 31.87
N ALA A 554 -36.00 -9.29 32.57
CA ALA A 554 -36.15 -10.74 32.79
C ALA A 554 -37.40 -11.01 33.66
N ILE A 555 -37.60 -10.23 34.74
CA ILE A 555 -38.76 -10.36 35.63
C ILE A 555 -40.04 -9.99 34.85
N SER A 556 -39.99 -8.91 34.04
CA SER A 556 -41.13 -8.44 33.26
C SER A 556 -41.61 -9.46 32.23
N ARG A 557 -40.66 -10.16 31.56
CA ARG A 557 -40.96 -11.15 30.53
C ARG A 557 -41.84 -12.30 31.06
N CYS A 558 -41.69 -12.67 32.34
CA CYS A 558 -42.49 -13.72 32.98
C CYS A 558 -43.92 -13.25 33.28
N LEU A 559 -44.16 -11.91 33.31
CA LEU A 559 -45.46 -11.33 33.64
C LEU A 559 -46.30 -10.94 32.41
N LEU A 560 -45.80 -11.29 31.22
CA LEU A 560 -46.46 -11.00 29.95
C LEU A 560 -47.41 -12.08 29.52
N GLN A 561 -48.56 -11.64 28.96
CA GLN A 561 -49.54 -12.49 28.32
C GLN A 561 -48.87 -12.99 27.02
N SER A 562 -49.34 -14.13 26.46
CA SER A 562 -48.81 -14.68 25.19
C SER A 562 -49.07 -13.65 24.09
N GLY A 563 -48.01 -13.25 23.40
CA GLY A 563 -48.09 -12.22 22.36
C GLY A 563 -47.94 -10.81 22.93
N GLY A 564 -47.81 -10.72 24.25
CA GLY A 564 -47.62 -9.48 24.99
C GLY A 564 -46.21 -8.95 24.76
N LYS A 565 -46.04 -7.63 24.98
CA LYS A 565 -44.76 -7.01 24.68
C LYS A 565 -44.18 -6.11 25.76
N ILE A 566 -42.84 -6.17 25.89
CA ILE A 566 -42.07 -5.24 26.70
C ILE A 566 -41.70 -4.11 25.75
N PHE A 567 -41.85 -2.86 26.18
CA PHE A 567 -41.42 -1.70 25.39
C PHE A 567 -40.27 -1.01 26.12
N PRO A 568 -39.15 -0.67 25.43
CA PRO A 568 -38.81 -1.07 24.04
C PRO A 568 -38.43 -2.56 23.98
N GLN A 569 -38.52 -3.16 22.79
CA GLN A 569 -38.22 -4.57 22.56
C GLN A 569 -36.71 -4.79 22.59
N TYR A 570 -35.98 -3.88 21.94
CA TYR A 570 -34.52 -3.89 21.93
C TYR A 570 -34.03 -2.48 21.67
N VAL A 571 -32.76 -2.26 22.02
CA VAL A 571 -32.10 -0.96 21.89
C VAL A 571 -30.75 -1.18 21.19
N LEU A 572 -30.47 -0.33 20.18
CA LEU A 572 -29.19 -0.37 19.48
C LEU A 572 -28.39 0.83 19.92
N MET A 573 -27.13 0.62 20.29
CA MET A 573 -26.23 1.72 20.61
C MET A 573 -25.48 2.05 19.35
N PHE A 574 -25.50 3.34 18.95
CA PHE A 574 -24.78 3.85 17.79
C PHE A 574 -23.65 4.76 18.26
N GLY A 575 -22.57 4.80 17.51
CA GLY A 575 -21.42 5.65 17.82
C GLY A 575 -20.66 6.05 16.58
N LEU A 576 -19.82 7.06 16.68
CA LEU A 576 -18.97 7.45 15.57
C LEU A 576 -17.64 7.99 16.10
N LEU A 577 -16.61 7.98 15.24
CA LEU A 577 -15.30 8.51 15.56
C LEU A 577 -15.30 10.01 15.26
N VAL A 578 -14.81 10.83 16.21
CA VAL A 578 -14.75 12.28 15.98
C VAL A 578 -13.38 12.85 16.34
N GLU A 579 -13.01 13.93 15.65
CA GLU A 579 -11.92 14.81 15.99
C GLU A 579 -12.65 16.01 16.64
N SER A 580 -12.49 16.17 17.95
CA SER A 580 -13.11 17.31 18.62
C SER A 580 -12.12 17.92 19.61
N GLN A 581 -11.54 19.09 19.26
CA GLN A 581 -10.62 19.82 20.15
C GLN A 581 -11.39 20.34 21.39
N THR A 582 -12.70 20.67 21.20
CA THR A 582 -13.62 21.13 22.26
C THR A 582 -13.77 20.07 23.36
N LEU A 583 -14.02 18.78 23.00
CA LEU A 583 -14.14 17.70 23.98
C LEU A 583 -12.81 17.46 24.70
N LEU A 584 -11.69 17.57 23.98
CA LEU A 584 -10.35 17.43 24.54
C LEU A 584 -10.06 18.51 25.60
N GLU A 585 -10.35 19.78 25.28
CA GLU A 585 -10.10 20.91 26.17
C GLU A 585 -11.05 20.94 27.39
N GLU A 586 -12.23 20.32 27.30
CA GLU A 586 -13.17 20.22 28.44
C GLU A 586 -12.86 18.97 29.30
N ASN A 587 -11.88 18.15 28.89
CA ASN A 587 -11.47 16.91 29.57
C ASN A 587 -10.07 16.98 30.17
N ALA A 588 -9.18 17.79 29.59
CA ALA A 588 -7.79 17.91 30.02
C ALA A 588 -7.17 19.26 29.71
N VAL A 589 -6.36 19.76 30.66
CA VAL A 589 -5.58 21.01 30.49
C VAL A 589 -4.44 20.65 29.50
N GLN A 590 -4.26 21.50 28.47
CA GLN A 590 -3.37 21.30 27.33
C GLN A 590 -2.00 21.98 27.51
N GLY A 591 -1.21 21.50 28.44
CA GLY A 591 0.15 22.01 28.61
C GLY A 591 0.41 22.98 29.73
N THR A 592 1.39 23.89 29.49
CA THR A 592 1.84 24.90 30.45
C THR A 592 1.76 26.31 29.85
N GLU A 593 1.73 26.41 28.51
CA GLU A 593 1.56 27.67 27.80
C GLU A 593 0.22 28.34 28.19
N ARG A 594 -0.85 27.52 28.35
CA ARG A 594 -2.19 27.98 28.71
C ARG A 594 -2.19 28.58 30.11
N THR A 595 -1.38 28.00 31.03
CA THR A 595 -1.28 28.40 32.45
C THR A 595 -0.01 29.25 32.69
N LEU A 596 0.45 29.96 31.64
CA LEU A 596 1.58 30.91 31.61
C LEU A 596 2.87 30.36 32.27
N GLY A 597 3.31 29.19 31.82
CA GLY A 597 4.52 28.53 32.31
C GLY A 597 4.33 27.61 33.51
N LEU A 598 3.28 27.85 34.32
CA LEU A 598 2.98 27.06 35.52
C LEU A 598 2.58 25.62 35.18
N ASN A 599 3.11 24.64 35.95
CA ASN A 599 2.87 23.22 35.74
C ASN A 599 1.65 22.74 36.54
N ILE A 600 0.48 22.63 35.87
CA ILE A 600 -0.77 22.25 36.52
C ILE A 600 -1.40 21.03 35.86
N ALA A 601 -1.43 21.01 34.52
CA ALA A 601 -2.00 19.98 33.66
C ALA A 601 -1.72 18.53 34.15
N PRO A 602 -0.47 18.05 34.48
CA PRO A 602 -0.33 16.63 34.88
C PRO A 602 -1.08 16.24 36.15
N PHE A 603 -1.20 17.17 37.10
CA PHE A 603 -1.83 16.93 38.40
C PHE A 603 -3.36 16.97 38.34
N ILE A 604 -3.94 17.99 37.68
CA ILE A 604 -5.41 18.10 37.59
C ILE A 604 -5.98 17.07 36.60
N ASN A 605 -5.27 16.78 35.48
CA ASN A 605 -5.73 15.85 34.46
C ASN A 605 -5.93 14.41 34.99
N GLN A 606 -5.36 14.08 36.16
CA GLN A 606 -5.49 12.77 36.81
C GLN A 606 -6.89 12.52 37.33
N PHE A 607 -7.65 13.60 37.62
CA PHE A 607 -9.01 13.52 38.19
C PHE A 607 -10.09 13.49 37.12
N GLN A 608 -9.73 13.11 35.90
CA GLN A 608 -10.76 13.01 34.88
C GLN A 608 -11.34 11.60 34.86
N VAL A 609 -12.60 11.51 34.40
CA VAL A 609 -13.39 10.29 34.26
C VAL A 609 -13.37 9.85 32.75
N PRO A 610 -13.41 8.53 32.42
CA PRO A 610 -13.38 8.13 30.99
C PRO A 610 -14.66 8.45 30.19
N ILE A 611 -15.82 8.52 30.86
CA ILE A 611 -17.08 8.79 30.15
C ILE A 611 -17.64 10.16 30.52
N ARG A 612 -17.91 10.98 29.50
N ARG A 612 -17.94 10.99 29.49
CA ARG A 612 -18.55 12.28 29.60
CA ARG A 612 -18.54 12.31 29.64
C ARG A 612 -20.03 12.00 29.40
C ARG A 612 -20.03 12.17 29.36
N VAL A 613 -20.85 12.31 30.41
CA VAL A 613 -22.30 12.14 30.41
C VAL A 613 -22.99 13.48 30.30
N PHE A 614 -24.33 13.48 30.06
CA PHE A 614 -25.17 14.67 29.88
C PHE A 614 -24.61 15.56 28.76
N LEU A 615 -24.15 14.92 27.68
CA LEU A 615 -23.58 15.64 26.54
C LEU A 615 -24.65 16.06 25.54
N ASP A 616 -24.61 17.32 25.19
CA ASP A 616 -25.48 17.87 24.18
C ASP A 616 -24.62 17.82 22.91
N LEU A 617 -24.64 16.66 22.23
CA LEU A 617 -23.85 16.33 21.04
C LEU A 617 -24.07 17.30 19.88
N SER A 618 -25.30 17.74 19.60
CA SER A 618 -25.59 18.66 18.48
C SER A 618 -24.94 20.07 18.61
N SER A 619 -24.57 20.50 19.83
CA SER A 619 -23.97 21.81 20.15
C SER A 619 -22.43 21.72 20.26
N LEU A 620 -21.91 20.52 20.13
CA LEU A 620 -20.49 20.23 20.25
C LEU A 620 -19.75 20.32 18.89
N PRO A 621 -18.81 21.28 18.75
CA PRO A 621 -18.02 21.35 17.49
C PRO A 621 -17.18 20.07 17.36
N CYS A 622 -17.51 19.28 16.29
CA CYS A 622 -16.98 17.95 15.94
C CYS A 622 -16.67 17.80 14.46
N ILE A 623 -15.58 17.07 14.14
CA ILE A 623 -15.24 16.67 12.76
C ILE A 623 -15.51 15.16 12.68
N PRO A 624 -16.46 14.70 11.83
CA PRO A 624 -16.69 13.25 11.73
C PRO A 624 -15.55 12.52 11.03
N LEU A 625 -15.05 11.40 11.63
CA LEU A 625 -13.96 10.61 11.05
C LEU A 625 -14.50 9.28 10.55
N SER A 626 -15.73 8.99 10.92
CA SER A 626 -16.42 7.80 10.46
C SER A 626 -17.89 8.12 10.34
N LYS A 627 -18.64 7.23 9.71
CA LYS A 627 -20.09 7.36 9.66
C LYS A 627 -20.60 6.71 10.96
N PRO A 628 -21.77 7.07 11.52
CA PRO A 628 -22.23 6.37 12.75
C PRO A 628 -22.45 4.89 12.48
N VAL A 629 -22.14 4.02 13.45
CA VAL A 629 -22.33 2.59 13.26
C VAL A 629 -22.81 1.96 14.56
N GLU A 630 -23.51 0.82 14.42
CA GLU A 630 -24.05 0.03 15.51
C GLU A 630 -22.91 -0.60 16.29
N LEU A 631 -22.86 -0.30 17.60
CA LEU A 631 -21.83 -0.82 18.48
C LEU A 631 -22.30 -1.97 19.34
N LEU A 632 -23.59 -1.96 19.70
CA LEU A 632 -24.19 -2.91 20.64
C LEU A 632 -25.71 -3.09 20.42
N ARG A 633 -26.21 -4.28 20.75
CA ARG A 633 -27.63 -4.60 20.74
C ARG A 633 -28.02 -5.02 22.18
N LEU A 634 -28.95 -4.27 22.80
CA LEU A 634 -29.47 -4.62 24.11
C LEU A 634 -30.91 -5.09 23.90
N ASP A 635 -31.13 -6.40 23.93
CA ASP A 635 -32.42 -7.02 23.64
C ASP A 635 -33.20 -7.42 24.90
N LEU A 636 -34.33 -6.74 25.13
CA LEU A 636 -35.16 -6.99 26.31
C LEU A 636 -36.13 -8.20 26.10
N MET A 637 -36.63 -8.40 24.88
CA MET A 637 -37.52 -9.52 24.59
C MET A 637 -36.73 -10.82 24.35
N THR A 638 -35.53 -10.76 23.74
CA THR A 638 -34.71 -11.94 23.41
C THR A 638 -33.26 -11.77 23.91
N PRO A 639 -32.98 -11.90 25.25
CA PRO A 639 -31.61 -11.66 25.74
C PRO A 639 -30.53 -12.55 25.12
N TYR A 640 -30.92 -13.67 24.49
CA TYR A 640 -29.97 -14.55 23.79
C TYR A 640 -29.27 -13.78 22.66
N LEU A 641 -29.88 -12.68 22.14
CA LEU A 641 -29.32 -11.87 21.06
C LEU A 641 -28.31 -10.82 21.55
N ASN A 642 -28.11 -10.70 22.89
CA ASN A 642 -27.08 -9.84 23.48
C ASN A 642 -25.72 -10.47 23.28
N THR A 643 -24.66 -9.66 23.24
CA THR A 643 -23.28 -10.16 23.16
C THR A 643 -22.44 -9.41 24.19
N SER A 644 -21.74 -10.17 25.04
CA SER A 644 -20.89 -9.60 26.07
C SER A 644 -19.61 -9.02 25.49
N ASN A 645 -18.90 -9.81 24.69
CA ASN A 645 -17.57 -9.48 24.15
C ASN A 645 -17.60 -9.41 22.64
N ARG A 646 -17.41 -8.19 22.10
CA ARG A 646 -17.44 -7.98 20.65
C ARG A 646 -16.35 -7.01 20.16
N GLU A 647 -15.80 -7.28 18.97
CA GLU A 647 -14.89 -6.37 18.30
C GLU A 647 -15.61 -5.77 17.10
N VAL A 648 -15.59 -4.44 16.97
CA VAL A 648 -16.26 -3.75 15.87
C VAL A 648 -15.19 -3.06 15.04
N LYS A 649 -15.15 -3.40 13.74
CA LYS A 649 -14.22 -2.82 12.77
C LYS A 649 -14.91 -1.59 12.15
N VAL A 650 -14.43 -0.40 12.50
CA VAL A 650 -14.98 0.89 12.06
C VAL A 650 -14.18 1.39 10.89
N TYR A 651 -14.86 1.68 9.78
CA TYR A 651 -14.16 2.23 8.62
C TYR A 651 -13.88 3.72 8.83
N VAL A 652 -12.62 4.10 8.77
CA VAL A 652 -12.20 5.50 8.89
C VAL A 652 -12.41 6.18 7.54
N CYS A 653 -13.35 7.10 7.50
CA CYS A 653 -13.69 7.87 6.32
C CYS A 653 -12.77 9.02 6.09
N LYS A 654 -12.27 9.61 7.17
CA LYS A 654 -11.46 10.83 7.10
C LYS A 654 -10.26 10.77 8.02
N SER A 655 -9.09 11.21 7.52
CA SER A 655 -7.85 11.30 8.30
C SER A 655 -8.01 12.42 9.32
N GLY A 656 -7.57 12.15 10.53
CA GLY A 656 -7.67 13.11 11.62
C GLY A 656 -7.17 12.55 12.93
N ARG A 657 -7.28 13.39 13.95
CA ARG A 657 -6.86 13.06 15.31
C ARG A 657 -8.10 12.69 16.08
N LEU A 658 -8.31 11.38 16.30
CA LEU A 658 -9.46 10.86 17.03
C LEU A 658 -9.34 11.24 18.50
N THR A 659 -10.34 11.97 19.03
CA THR A 659 -10.32 12.43 20.42
C THR A 659 -11.46 11.82 21.26
N ALA A 660 -12.55 11.42 20.60
CA ALA A 660 -13.72 10.90 21.30
C ALA A 660 -14.59 10.01 20.45
N ILE A 661 -15.38 9.18 21.15
CA ILE A 661 -16.37 8.31 20.55
C ILE A 661 -17.76 8.67 21.17
N PRO A 662 -18.48 9.67 20.60
CA PRO A 662 -19.85 9.95 21.07
C PRO A 662 -20.75 8.75 20.78
N PHE A 663 -21.73 8.52 21.65
CA PHE A 663 -22.65 7.42 21.46
C PHE A 663 -24.08 7.80 21.91
N TRP A 664 -25.07 7.13 21.32
CA TRP A 664 -26.51 7.35 21.55
C TRP A 664 -27.23 6.09 21.18
N TYR A 665 -28.59 6.12 21.19
CA TYR A 665 -29.34 4.89 20.97
C TYR A 665 -30.52 5.03 20.04
N HIS A 666 -30.89 3.88 19.42
CA HIS A 666 -32.09 3.68 18.63
C HIS A 666 -32.93 2.68 19.46
N MET A 667 -34.04 3.16 20.01
CA MET A 667 -34.90 2.30 20.83
C MET A 667 -36.02 1.76 19.97
N TYR A 668 -36.02 0.44 19.77
CA TYR A 668 -37.04 -0.18 18.93
C TYR A 668 -38.24 -0.65 19.74
N LEU A 669 -39.36 0.02 19.54
CA LEU A 669 -40.61 -0.33 20.22
C LEU A 669 -41.14 -1.61 19.55
N ASP A 670 -40.92 -1.73 18.25
CA ASP A 670 -41.19 -2.91 17.43
C ASP A 670 -40.23 -2.85 16.25
N GLU A 671 -40.36 -3.77 15.26
CA GLU A 671 -39.43 -3.82 14.12
C GLU A 671 -39.49 -2.59 13.22
N GLU A 672 -40.60 -1.83 13.24
CA GLU A 672 -40.76 -0.65 12.40
C GLU A 672 -40.62 0.67 13.16
N ILE A 673 -41.04 0.73 14.44
CA ILE A 673 -41.03 1.98 15.20
C ILE A 673 -39.81 2.05 16.13
N ARG A 674 -39.02 3.08 15.91
CA ARG A 674 -37.82 3.34 16.69
C ARG A 674 -37.71 4.81 17.06
N LEU A 675 -37.22 5.02 18.28
CA LEU A 675 -36.97 6.35 18.84
C LEU A 675 -35.47 6.60 18.81
N ASP A 676 -35.08 7.86 18.61
CA ASP A 676 -33.67 8.23 18.51
C ASP A 676 -33.35 9.17 19.66
N THR A 677 -32.42 8.78 20.56
CA THR A 677 -32.06 9.57 21.74
C THR A 677 -31.18 10.79 21.37
N SER A 678 -30.74 10.86 20.10
CA SER A 678 -29.95 11.98 19.56
C SER A 678 -30.82 12.91 18.72
N SER A 679 -32.12 12.60 18.53
CA SER A 679 -33.04 13.43 17.73
C SER A 679 -33.16 14.83 18.31
N GLU A 680 -33.60 15.79 17.47
CA GLU A 680 -33.76 17.19 17.81
C GLU A 680 -34.69 17.43 19.02
N ALA A 681 -35.84 16.73 19.07
CA ALA A 681 -36.80 16.83 20.17
C ALA A 681 -36.51 15.83 21.32
N SER A 682 -35.39 15.08 21.26
CA SER A 682 -35.04 14.10 22.32
C SER A 682 -34.93 14.78 23.69
N HIS A 683 -35.45 14.11 24.72
CA HIS A 683 -35.42 14.56 26.12
C HIS A 683 -34.26 13.84 26.87
N TRP A 684 -33.53 12.96 26.15
CA TRP A 684 -32.34 12.33 26.66
C TRP A 684 -31.14 13.12 26.17
N LYS A 685 -30.05 13.13 26.92
CA LYS A 685 -28.81 13.73 26.46
C LYS A 685 -28.00 12.57 25.90
N GLN A 686 -26.85 12.88 25.30
CA GLN A 686 -25.99 11.81 24.77
C GLN A 686 -24.75 11.74 25.66
N ALA A 687 -23.75 10.95 25.24
CA ALA A 687 -22.55 10.74 26.02
C ALA A 687 -21.39 10.43 25.07
N ALA A 688 -20.14 10.43 25.59
CA ALA A 688 -18.98 10.15 24.76
C ALA A 688 -17.89 9.56 25.58
N VAL A 689 -17.14 8.64 24.95
CA VAL A 689 -15.92 8.11 25.53
C VAL A 689 -14.86 9.14 25.07
N VAL A 690 -14.19 9.83 26.00
CA VAL A 690 -13.18 10.80 25.60
C VAL A 690 -11.80 10.16 25.87
N LEU A 691 -10.93 10.13 24.84
CA LEU A 691 -9.62 9.47 24.95
C LEU A 691 -8.61 10.30 25.73
N ASP A 692 -7.86 9.62 26.62
CA ASP A 692 -6.76 10.19 27.42
C ASP A 692 -5.71 10.70 26.46
N ASN A 693 -5.36 9.87 25.47
CA ASN A 693 -4.38 10.21 24.45
C ASN A 693 -5.00 10.09 23.06
N PRO A 694 -5.18 11.23 22.35
CA PRO A 694 -5.76 11.17 21.00
C PRO A 694 -4.94 10.27 20.05
N ILE A 695 -5.64 9.62 19.11
CA ILE A 695 -5.03 8.68 18.17
C ILE A 695 -5.15 9.21 16.76
N GLN A 696 -4.05 9.23 16.03
CA GLN A 696 -4.03 9.64 14.64
C GLN A 696 -4.59 8.48 13.82
N VAL A 697 -5.68 8.74 13.08
CA VAL A 697 -6.32 7.76 12.21
C VAL A 697 -6.22 8.21 10.75
N GLU A 698 -6.16 7.26 9.81
CA GLU A 698 -6.04 7.55 8.38
C GLU A 698 -7.25 7.01 7.60
N MET A 699 -7.73 7.81 6.64
CA MET A 699 -8.83 7.46 5.72
C MET A 699 -8.52 6.11 5.06
N GLY A 700 -9.49 5.18 5.07
CA GLY A 700 -9.32 3.86 4.48
C GLY A 700 -8.93 2.76 5.45
N GLU A 701 -8.59 3.13 6.69
CA GLU A 701 -8.24 2.09 7.65
C GLU A 701 -9.48 1.65 8.40
N GLU A 702 -9.44 0.43 8.96
CA GLU A 702 -10.50 -0.13 9.75
C GLU A 702 -10.02 -0.12 11.21
N LEU A 703 -10.53 0.82 12.00
CA LEU A 703 -10.21 0.93 13.42
C LEU A 703 -11.01 -0.11 14.22
N VAL A 704 -10.34 -0.84 15.11
CA VAL A 704 -11.06 -1.84 15.89
C VAL A 704 -11.44 -1.28 17.28
N LEU A 705 -12.74 -1.32 17.59
CA LEU A 705 -13.25 -0.92 18.90
C LEU A 705 -13.61 -2.20 19.65
N SER A 706 -13.25 -2.27 20.94
CA SER A 706 -13.59 -3.42 21.77
C SER A 706 -14.80 -2.96 22.57
N ILE A 707 -15.95 -3.68 22.44
CA ILE A 707 -17.19 -3.33 23.13
C ILE A 707 -17.53 -4.47 24.10
N GLN A 708 -17.50 -4.14 25.39
CA GLN A 708 -17.70 -5.06 26.51
C GLN A 708 -18.96 -4.67 27.24
N HIS A 709 -19.94 -5.60 27.23
CA HIS A 709 -21.24 -5.37 27.86
C HIS A 709 -21.51 -6.38 28.99
N HIS A 710 -21.77 -5.85 30.20
CA HIS A 710 -22.17 -6.64 31.37
C HIS A 710 -23.30 -5.88 32.05
N LYS A 711 -24.53 -6.43 31.94
CA LYS A 711 -25.77 -5.84 32.50
C LYS A 711 -26.00 -4.40 31.95
N SER A 712 -25.78 -3.37 32.77
CA SER A 712 -26.02 -1.98 32.35
C SER A 712 -24.73 -1.23 32.03
N ASN A 713 -23.60 -1.91 32.13
CA ASN A 713 -22.33 -1.30 31.80
C ASN A 713 -21.89 -1.63 30.38
N VAL A 714 -21.36 -0.63 29.69
CA VAL A 714 -20.78 -0.76 28.37
C VAL A 714 -19.41 -0.08 28.40
N SER A 715 -18.37 -0.83 28.13
CA SER A 715 -17.01 -0.33 28.00
C SER A 715 -16.69 -0.28 26.50
N ILE A 716 -16.21 0.89 26.02
CA ILE A 716 -15.77 1.09 24.63
C ILE A 716 -14.31 1.55 24.65
N THR A 717 -13.42 0.79 24.03
CA THR A 717 -12.01 1.16 23.93
C THR A 717 -11.50 0.87 22.51
N VAL A 718 -10.41 1.54 22.10
CA VAL A 718 -9.73 1.33 20.79
C VAL A 718 -8.74 0.19 21.05
N LYS A 719 -8.89 -0.92 20.31
CA LYS A 719 -8.09 -2.15 20.42
C LYS A 719 -6.88 -2.09 19.52
N TYR B 17 23.95 -37.50 14.29
CA TYR B 17 25.15 -38.09 14.89
C TYR B 17 25.58 -39.32 14.11
N ARG B 18 24.59 -40.16 13.77
CA ARG B 18 24.72 -41.41 13.02
C ARG B 18 24.97 -41.09 11.52
N VAL B 19 26.02 -40.30 11.27
CA VAL B 19 26.46 -39.87 9.95
C VAL B 19 27.48 -40.88 9.43
N ALA B 20 27.32 -41.26 8.16
CA ALA B 20 28.18 -42.20 7.45
C ALA B 20 29.41 -41.47 6.87
N ASN B 21 30.56 -42.15 6.82
CA ASN B 21 31.83 -41.63 6.33
C ASN B 21 31.91 -41.50 4.82
N TRP B 22 31.41 -42.51 4.06
CA TRP B 22 31.48 -42.54 2.59
C TRP B 22 30.08 -42.62 2.00
N LEU B 23 29.54 -41.43 1.66
CA LEU B 23 28.19 -41.18 1.16
C LEU B 23 28.05 -41.07 -0.36
N VAL B 24 27.10 -41.87 -0.92
CA VAL B 24 26.64 -41.79 -2.30
C VAL B 24 25.16 -41.38 -2.18
N GLU B 25 24.84 -40.19 -2.70
CA GLU B 25 23.48 -39.64 -2.66
C GLU B 25 22.51 -40.56 -3.40
N ARG B 26 21.29 -40.69 -2.85
CA ARG B 26 20.22 -41.58 -3.32
C ARG B 26 19.85 -41.41 -4.81
N TRP B 27 19.89 -40.17 -5.35
CA TRP B 27 19.52 -39.90 -6.74
C TRP B 27 20.42 -40.63 -7.76
N HIS B 28 21.66 -41.03 -7.38
CA HIS B 28 22.55 -41.77 -8.27
C HIS B 28 21.97 -43.14 -8.63
N PHE B 29 21.31 -43.84 -7.69
CA PHE B 29 20.73 -45.16 -7.89
C PHE B 29 19.53 -45.09 -8.85
N ILE B 30 18.63 -44.13 -8.63
CA ILE B 30 17.43 -43.84 -9.40
C ILE B 30 17.76 -43.55 -10.89
N MET B 31 18.71 -42.63 -11.13
CA MET B 31 19.18 -42.19 -12.44
C MET B 31 19.84 -43.33 -13.24
N LEU B 32 20.76 -44.07 -12.59
CA LEU B 32 21.48 -45.17 -13.24
C LEU B 32 20.55 -46.33 -13.59
N ASN B 33 19.45 -46.44 -12.84
CA ASN B 33 18.41 -47.42 -13.08
C ASN B 33 17.47 -46.99 -14.18
N ASP B 34 17.53 -45.72 -14.59
CA ASP B 34 16.69 -45.20 -15.69
C ASP B 34 17.32 -45.45 -17.06
N THR B 35 16.94 -46.60 -17.66
CA THR B 35 17.41 -47.07 -18.97
C THR B 35 17.18 -46.02 -20.06
N LYS B 36 16.00 -45.38 -20.07
CA LYS B 36 15.62 -44.36 -21.05
C LYS B 36 16.62 -43.19 -21.02
N ARG B 37 16.92 -42.66 -19.82
CA ARG B 37 17.87 -41.56 -19.60
C ARG B 37 19.26 -41.93 -20.14
N ASN B 38 19.77 -43.13 -19.77
CA ASN B 38 21.08 -43.64 -20.19
C ASN B 38 21.16 -43.79 -21.71
N THR B 39 20.04 -44.25 -22.34
CA THR B 39 19.91 -44.45 -23.81
C THR B 39 20.00 -43.13 -24.56
N ILE B 40 19.21 -42.11 -24.16
CA ILE B 40 19.16 -40.79 -24.81
C ILE B 40 20.54 -40.09 -24.69
N TYR B 41 21.19 -40.18 -23.51
CA TYR B 41 22.52 -39.57 -23.28
C TYR B 41 23.60 -40.27 -24.12
N ASN B 42 23.58 -41.62 -24.13
CA ASN B 42 24.55 -42.41 -24.93
C ASN B 42 24.33 -42.14 -26.43
N ALA B 43 23.06 -41.98 -26.86
CA ALA B 43 22.69 -41.71 -28.26
C ALA B 43 23.15 -40.32 -28.70
N ALA B 44 23.14 -39.33 -27.82
CA ALA B 44 23.61 -37.98 -28.16
C ALA B 44 25.12 -37.95 -28.17
N ILE B 45 25.79 -38.68 -27.25
CA ILE B 45 27.25 -38.71 -27.16
C ILE B 45 27.79 -39.48 -28.36
N GLN B 46 27.20 -40.65 -28.67
CA GLN B 46 27.54 -41.50 -29.83
C GLN B 46 27.43 -40.70 -31.15
N LYS B 47 26.33 -39.94 -31.32
CA LYS B 47 26.13 -39.10 -32.50
C LYS B 47 27.23 -38.03 -32.59
N ALA B 48 27.43 -37.23 -31.51
CA ALA B 48 28.41 -36.14 -31.46
C ALA B 48 29.85 -36.63 -31.62
N VAL B 49 30.21 -37.78 -31.02
CA VAL B 49 31.55 -38.37 -31.12
C VAL B 49 31.81 -38.84 -32.55
N CYS B 50 30.84 -39.57 -33.15
CA CYS B 50 30.94 -40.07 -34.53
C CYS B 50 30.97 -38.92 -35.55
N LEU B 51 30.41 -37.73 -35.21
CA LEU B 51 30.41 -36.55 -36.09
C LEU B 51 31.76 -35.80 -36.11
N GLY B 52 32.69 -36.13 -35.19
CA GLY B 52 34.00 -35.48 -35.14
C GLY B 52 34.48 -34.97 -33.79
N SER B 53 33.61 -34.92 -32.77
CA SER B 53 33.99 -34.49 -31.42
C SER B 53 34.72 -35.68 -30.72
N LYS B 54 36.02 -35.75 -30.95
CA LYS B 54 36.91 -36.81 -30.46
C LYS B 54 37.57 -36.49 -29.12
N SER B 55 37.60 -35.21 -28.68
CA SER B 55 38.13 -34.79 -27.36
C SER B 55 36.93 -34.36 -26.49
N VAL B 56 36.73 -35.06 -25.36
CA VAL B 56 35.56 -34.87 -24.50
C VAL B 56 35.93 -34.56 -23.03
N LEU B 57 35.16 -33.63 -22.42
CA LEU B 57 35.25 -33.29 -21.01
C LEU B 57 33.87 -33.50 -20.37
N ASP B 58 33.81 -34.44 -19.41
CA ASP B 58 32.64 -34.76 -18.64
C ASP B 58 32.70 -33.93 -17.35
N ILE B 59 31.77 -32.94 -17.21
CA ILE B 59 31.70 -32.10 -16.02
C ILE B 59 30.70 -32.72 -15.03
N GLY B 60 31.22 -33.16 -13.89
CA GLY B 60 30.44 -33.79 -12.83
C GLY B 60 30.11 -35.22 -13.16
N ALA B 61 31.17 -36.02 -13.36
CA ALA B 61 31.20 -37.41 -13.82
C ALA B 61 30.37 -38.42 -13.02
N GLY B 62 30.20 -38.23 -11.71
CA GLY B 62 29.49 -39.18 -10.88
C GLY B 62 30.26 -40.49 -10.85
N THR B 63 29.67 -41.57 -11.40
CA THR B 63 30.31 -42.90 -11.55
C THR B 63 31.19 -42.97 -12.83
N GLY B 64 31.10 -41.96 -13.70
CA GLY B 64 31.84 -41.90 -14.96
C GLY B 64 31.13 -42.50 -16.16
N ILE B 65 29.81 -42.72 -16.07
CA ILE B 65 28.96 -43.35 -17.11
C ILE B 65 29.01 -42.60 -18.47
N LEU B 66 28.92 -41.25 -18.47
CA LEU B 66 28.95 -40.45 -19.69
C LEU B 66 30.32 -40.49 -20.38
N SER B 67 31.41 -40.60 -19.55
CA SER B 67 32.79 -40.71 -20.03
C SER B 67 33.03 -42.05 -20.73
N MET B 68 32.45 -43.14 -20.18
CA MET B 68 32.56 -44.49 -20.73
C MET B 68 31.76 -44.58 -22.02
N PHE B 69 30.61 -43.86 -22.10
CA PHE B 69 29.79 -43.75 -23.31
C PHE B 69 30.61 -43.10 -24.42
N ALA B 70 31.34 -42.01 -24.10
CA ALA B 70 32.19 -41.25 -25.01
C ALA B 70 33.32 -42.08 -25.57
N LYS B 71 34.01 -42.85 -24.70
CA LYS B 71 35.13 -43.73 -25.07
C LYS B 71 34.65 -44.91 -25.93
N LYS B 72 33.50 -45.53 -25.59
CA LYS B 72 32.91 -46.64 -26.35
C LYS B 72 32.46 -46.17 -27.75
N ALA B 73 32.02 -44.89 -27.86
CA ALA B 73 31.59 -44.29 -29.12
C ALA B 73 32.77 -44.07 -30.09
N GLY B 74 33.98 -43.98 -29.54
CA GLY B 74 35.22 -43.79 -30.29
C GLY B 74 35.97 -42.50 -30.08
N ALA B 75 35.82 -41.85 -28.90
CA ALA B 75 36.54 -40.61 -28.58
C ALA B 75 38.04 -40.90 -28.35
N HIS B 76 38.90 -40.01 -28.85
CA HIS B 76 40.35 -40.18 -28.78
C HIS B 76 40.90 -39.80 -27.40
N SER B 77 40.34 -38.76 -26.78
CA SER B 77 40.74 -38.31 -25.44
C SER B 77 39.52 -37.94 -24.62
N VAL B 78 39.35 -38.59 -23.45
CA VAL B 78 38.22 -38.37 -22.54
C VAL B 78 38.74 -37.94 -21.15
N TYR B 79 38.22 -36.84 -20.64
CA TYR B 79 38.55 -36.29 -19.31
C TYR B 79 37.27 -36.18 -18.52
N ALA B 80 37.26 -36.72 -17.30
CA ALA B 80 36.08 -36.66 -16.43
C ALA B 80 36.46 -36.00 -15.13
N CYS B 81 35.79 -34.89 -14.78
CA CYS B 81 36.09 -34.23 -13.53
C CYS B 81 34.94 -34.44 -12.55
N GLU B 82 35.30 -34.67 -11.29
CA GLU B 82 34.36 -34.90 -10.23
C GLU B 82 34.79 -34.21 -8.94
N LEU B 83 33.98 -33.24 -8.50
CA LEU B 83 34.08 -32.41 -7.31
C LEU B 83 34.25 -33.29 -6.02
N SER B 84 33.31 -34.24 -5.81
CA SER B 84 33.24 -35.15 -4.66
C SER B 84 34.35 -36.20 -4.66
N LYS B 85 35.03 -36.33 -3.51
CA LYS B 85 36.10 -37.29 -3.30
C LYS B 85 35.57 -38.74 -3.44
N THR B 86 34.41 -39.03 -2.82
CA THR B 86 33.75 -40.34 -2.82
C THR B 86 33.40 -40.76 -4.25
N MET B 87 32.65 -39.89 -4.99
CA MET B 87 32.26 -40.16 -6.39
C MET B 87 33.49 -40.34 -7.27
N TYR B 88 34.50 -39.46 -7.12
CA TYR B 88 35.75 -39.54 -7.88
C TYR B 88 36.41 -40.90 -7.73
N GLU B 89 36.60 -41.36 -6.46
CA GLU B 89 37.23 -42.65 -6.13
C GLU B 89 36.41 -43.80 -6.70
N LEU B 90 35.06 -43.72 -6.60
CA LEU B 90 34.15 -44.72 -7.15
C LEU B 90 34.28 -44.78 -8.68
N ALA B 91 34.33 -43.60 -9.34
CA ALA B 91 34.45 -43.49 -10.80
C ALA B 91 35.78 -44.09 -11.28
N CYS B 92 36.88 -43.89 -10.53
CA CYS B 92 38.20 -44.49 -10.85
C CYS B 92 38.11 -46.00 -10.91
N ASP B 93 37.42 -46.60 -9.92
CA ASP B 93 37.20 -48.06 -9.82
C ASP B 93 36.25 -48.59 -10.90
N VAL B 94 35.12 -47.87 -11.18
CA VAL B 94 34.15 -48.28 -12.22
C VAL B 94 34.82 -48.32 -13.60
N VAL B 95 35.51 -47.22 -13.99
CA VAL B 95 36.23 -47.08 -15.27
C VAL B 95 37.28 -48.22 -15.43
N ALA B 96 38.06 -48.49 -14.37
CA ALA B 96 39.08 -49.54 -14.34
C ALA B 96 38.45 -50.93 -14.44
N ALA B 97 37.29 -51.14 -13.80
CA ALA B 97 36.55 -52.42 -13.84
C ALA B 97 35.92 -52.66 -15.23
N ASN B 98 35.69 -51.57 -15.99
CA ASN B 98 35.12 -51.64 -17.34
C ASN B 98 36.22 -51.59 -18.41
N LYS B 99 37.49 -51.81 -17.97
CA LYS B 99 38.73 -51.88 -18.77
C LYS B 99 38.94 -50.62 -19.62
N MET B 100 38.70 -49.43 -19.03
CA MET B 100 38.85 -48.15 -19.73
C MET B 100 39.80 -47.18 -19.04
N GLU B 101 40.67 -47.69 -18.13
CA GLU B 101 41.68 -46.95 -17.37
C GLU B 101 42.60 -46.08 -18.27
N ALA B 102 43.07 -46.66 -19.40
CA ALA B 102 43.99 -46.01 -20.35
C ALA B 102 43.32 -44.93 -21.21
N GLY B 103 42.01 -45.09 -21.47
CA GLY B 103 41.24 -44.19 -22.32
C GLY B 103 40.54 -43.01 -21.64
N ILE B 104 40.30 -43.11 -20.33
CA ILE B 104 39.61 -42.06 -19.57
C ILE B 104 40.50 -41.58 -18.41
N LYS B 105 40.75 -40.26 -18.36
CA LYS B 105 41.51 -39.63 -17.30
C LYS B 105 40.56 -38.94 -16.33
N LEU B 106 40.48 -39.44 -15.10
CA LEU B 106 39.63 -38.90 -14.05
C LEU B 106 40.39 -37.87 -13.22
N LEU B 107 39.72 -36.75 -12.93
CA LEU B 107 40.29 -35.64 -12.18
C LEU B 107 39.43 -35.30 -10.96
N HIS B 108 40.06 -35.29 -9.75
CA HIS B 108 39.39 -34.90 -8.51
C HIS B 108 39.51 -33.40 -8.35
N THR B 109 38.52 -32.68 -8.90
CA THR B 109 38.45 -31.20 -8.91
C THR B 109 37.07 -30.73 -9.39
N LYS B 110 36.75 -29.46 -9.11
CA LYS B 110 35.59 -28.81 -9.68
C LYS B 110 36.13 -28.38 -11.07
N SER B 111 35.28 -28.35 -12.10
CA SER B 111 35.69 -27.97 -13.46
C SER B 111 36.25 -26.53 -13.53
N LEU B 112 35.83 -25.66 -12.59
CA LEU B 112 36.27 -24.27 -12.51
C LEU B 112 37.75 -24.13 -12.19
N ASP B 113 38.34 -25.17 -11.57
CA ASP B 113 39.74 -25.18 -11.16
C ASP B 113 40.65 -25.88 -12.19
N ILE B 114 40.05 -26.35 -13.33
CA ILE B 114 40.81 -26.98 -14.40
C ILE B 114 41.52 -25.89 -15.20
N GLU B 115 42.84 -26.06 -15.41
CA GLU B 115 43.70 -25.16 -16.17
C GLU B 115 44.37 -25.93 -17.30
N ILE B 116 44.57 -25.27 -18.44
CA ILE B 116 45.24 -25.84 -19.62
C ILE B 116 46.61 -25.12 -19.79
N PRO B 117 47.76 -25.84 -19.97
CA PRO B 117 47.92 -27.31 -20.10
C PRO B 117 48.17 -28.05 -18.78
N LYS B 118 48.11 -27.34 -17.62
CA LYS B 118 48.38 -27.88 -16.29
C LYS B 118 47.62 -29.17 -15.96
N HIS B 119 46.30 -29.22 -16.18
CA HIS B 119 45.46 -30.38 -15.86
C HIS B 119 44.99 -31.12 -17.11
N ILE B 120 44.58 -30.38 -18.16
CA ILE B 120 44.15 -30.91 -19.46
C ILE B 120 45.11 -30.29 -20.49
N PRO B 121 45.74 -31.10 -21.38
CA PRO B 121 46.76 -30.52 -22.29
C PRO B 121 46.23 -29.58 -23.36
N GLU B 122 45.04 -29.84 -23.91
CA GLU B 122 44.47 -29.01 -24.98
C GLU B 122 42.99 -28.72 -24.75
N ARG B 123 42.49 -27.60 -25.32
CA ARG B 123 41.08 -27.24 -25.25
C ARG B 123 40.26 -28.36 -25.91
N VAL B 124 39.12 -28.72 -25.33
CA VAL B 124 38.29 -29.82 -25.84
C VAL B 124 37.27 -29.33 -26.88
N SER B 125 36.75 -30.28 -27.67
CA SER B 125 35.72 -30.01 -28.68
C SER B 125 34.33 -30.34 -28.16
N LEU B 126 34.21 -31.07 -27.02
CA LEU B 126 32.89 -31.42 -26.50
C LEU B 126 32.84 -31.47 -24.96
N VAL B 127 31.88 -30.72 -24.40
CA VAL B 127 31.60 -30.74 -22.98
C VAL B 127 30.26 -31.49 -22.81
N VAL B 128 30.25 -32.48 -21.92
CA VAL B 128 29.07 -33.27 -21.59
C VAL B 128 28.86 -33.07 -20.09
N THR B 129 27.61 -32.80 -19.68
CA THR B 129 27.32 -32.57 -18.26
C THR B 129 25.85 -32.91 -17.93
N GLU B 130 25.62 -33.26 -16.68
CA GLU B 130 24.29 -33.56 -16.12
C GLU B 130 24.15 -32.86 -14.77
N THR B 131 24.92 -31.76 -14.58
CA THR B 131 24.93 -30.91 -13.39
C THR B 131 23.69 -30.02 -13.40
N VAL B 132 22.51 -30.64 -13.38
CA VAL B 132 21.21 -29.96 -13.36
C VAL B 132 20.34 -30.51 -12.23
N ASP B 133 19.48 -29.64 -11.68
CA ASP B 133 18.51 -30.05 -10.68
C ASP B 133 17.11 -29.90 -11.26
N ALA B 134 16.06 -30.04 -10.43
CA ALA B 134 14.65 -29.89 -10.78
C ALA B 134 14.35 -28.47 -11.34
N GLY B 135 15.07 -27.46 -10.85
CA GLY B 135 14.96 -26.06 -11.27
C GLY B 135 15.92 -25.70 -12.39
N LEU B 136 16.59 -26.74 -12.94
CA LEU B 136 17.58 -26.74 -14.03
C LEU B 136 18.92 -26.11 -13.61
N PHE B 137 18.88 -24.85 -13.12
CA PHE B 137 20.06 -24.05 -12.81
C PHE B 137 20.71 -24.27 -11.43
N GLY B 138 20.02 -24.97 -10.52
CA GLY B 138 20.43 -25.17 -9.13
C GLY B 138 21.75 -25.83 -8.78
N GLU B 139 22.44 -26.37 -9.79
CA GLU B 139 23.75 -26.98 -9.58
C GLU B 139 24.86 -26.13 -10.21
N GLY B 140 24.54 -24.89 -10.59
CA GLY B 140 25.49 -23.96 -11.18
C GLY B 140 25.96 -24.25 -12.60
N ILE B 141 25.08 -24.82 -13.44
CA ILE B 141 25.39 -25.17 -14.85
C ILE B 141 25.84 -23.90 -15.65
N VAL B 142 25.27 -22.71 -15.36
CA VAL B 142 25.59 -21.47 -16.06
C VAL B 142 27.06 -21.09 -15.75
N GLU B 143 27.43 -20.93 -14.46
CA GLU B 143 28.79 -20.60 -14.00
C GLU B 143 29.84 -21.58 -14.56
N SER B 144 29.54 -22.89 -14.55
CA SER B 144 30.43 -23.93 -15.05
C SER B 144 30.59 -23.88 -16.59
N LEU B 145 29.49 -23.64 -17.33
CA LEU B 145 29.57 -23.56 -18.79
C LEU B 145 30.21 -22.25 -19.26
N ILE B 146 30.08 -21.14 -18.47
CA ILE B 146 30.72 -19.85 -18.80
C ILE B 146 32.26 -20.03 -18.69
N HIS B 147 32.73 -20.74 -17.65
CA HIS B 147 34.15 -21.04 -17.45
C HIS B 147 34.64 -21.97 -18.53
N ALA B 148 33.82 -22.96 -18.91
CA ALA B 148 34.17 -23.96 -19.93
C ALA B 148 34.35 -23.31 -21.30
N TRP B 149 33.43 -22.40 -21.71
CA TRP B 149 33.52 -21.69 -22.98
C TRP B 149 34.71 -20.74 -23.04
N GLU B 150 35.05 -20.13 -21.90
CA GLU B 150 36.15 -19.16 -21.80
C GLU B 150 37.53 -19.79 -21.68
N HIS B 151 37.65 -20.99 -21.08
CA HIS B 151 38.96 -21.56 -20.82
C HIS B 151 39.19 -23.01 -21.25
N LEU B 152 38.13 -23.83 -21.32
CA LEU B 152 38.34 -25.26 -21.59
C LEU B 152 37.85 -25.76 -22.96
N LEU B 153 37.01 -24.99 -23.65
CA LEU B 153 36.44 -25.35 -24.95
C LEU B 153 37.06 -24.63 -26.13
N LEU B 154 37.08 -25.31 -27.30
CA LEU B 154 37.50 -24.70 -28.55
C LEU B 154 36.40 -23.70 -28.94
N GLN B 155 36.72 -22.73 -29.83
CA GLN B 155 35.78 -21.69 -30.27
C GLN B 155 34.45 -22.30 -30.79
N PRO B 156 33.27 -21.65 -30.61
CA PRO B 156 32.02 -22.23 -31.15
C PRO B 156 31.95 -22.16 -32.69
N LYS B 157 30.97 -22.87 -33.30
CA LYS B 157 30.77 -22.88 -34.75
C LYS B 157 30.48 -21.47 -35.30
N THR B 158 31.06 -21.14 -36.47
CA THR B 158 30.92 -19.84 -37.13
C THR B 158 29.59 -19.73 -37.88
N ASN B 164 34.21 -31.70 -39.40
CA ASN B 164 34.23 -30.27 -39.07
C ASN B 164 34.04 -30.02 -37.56
N CYS B 165 33.41 -30.99 -36.84
CA CYS B 165 33.10 -30.93 -35.40
C CYS B 165 34.37 -30.95 -34.53
N GLU B 166 35.48 -31.52 -35.05
CA GLU B 166 36.77 -31.61 -34.34
C GLU B 166 37.40 -30.23 -34.11
N LYS B 167 37.13 -29.27 -35.01
CA LYS B 167 37.71 -27.93 -35.01
C LYS B 167 37.00 -26.95 -34.08
N TYR B 168 35.72 -27.19 -33.74
CA TYR B 168 34.97 -26.26 -32.88
C TYR B 168 34.39 -26.93 -31.60
N GLY B 169 34.09 -26.09 -30.60
CA GLY B 169 33.52 -26.52 -29.32
C GLY B 169 32.01 -26.59 -29.33
N LYS B 170 31.46 -27.56 -28.58
CA LYS B 170 30.02 -27.78 -28.42
C LYS B 170 29.72 -28.34 -27.01
N VAL B 171 28.48 -28.12 -26.53
CA VAL B 171 28.02 -28.59 -25.22
C VAL B 171 26.79 -29.49 -25.34
N ILE B 172 26.78 -30.62 -24.59
CA ILE B 172 25.64 -31.51 -24.36
C ILE B 172 25.32 -31.31 -22.85
N PRO B 173 24.12 -30.83 -22.47
CA PRO B 173 22.96 -30.47 -23.31
C PRO B 173 23.17 -29.17 -24.10
N ALA B 174 22.52 -29.08 -25.27
CA ALA B 174 22.62 -27.93 -26.17
C ALA B 174 21.80 -26.74 -25.66
N SER B 175 20.56 -26.99 -25.22
CA SER B 175 19.63 -25.94 -24.80
C SER B 175 18.51 -26.48 -23.92
N ALA B 176 17.62 -25.60 -23.46
CA ALA B 176 16.47 -25.97 -22.64
C ALA B 176 15.35 -24.96 -22.74
N VAL B 177 14.11 -25.45 -22.57
CA VAL B 177 12.89 -24.64 -22.49
C VAL B 177 12.31 -24.98 -21.12
N ILE B 178 12.09 -23.95 -20.29
CA ILE B 178 11.58 -24.11 -18.93
C ILE B 178 10.09 -23.77 -18.92
N PHE B 179 9.29 -24.67 -18.31
CA PHE B 179 7.84 -24.49 -18.23
C PHE B 179 7.36 -24.35 -16.80
N GLY B 180 6.19 -23.77 -16.65
CA GLY B 180 5.57 -23.61 -15.36
C GLY B 180 4.09 -23.86 -15.44
N MET B 181 3.46 -24.14 -14.30
CA MET B 181 2.02 -24.35 -14.19
C MET B 181 1.54 -24.06 -12.78
N ALA B 182 0.50 -23.22 -12.66
CA ALA B 182 -0.13 -22.88 -11.39
C ALA B 182 -0.97 -24.10 -10.99
N VAL B 183 -0.78 -24.60 -9.74
CA VAL B 183 -1.45 -25.80 -9.24
C VAL B 183 -2.06 -25.59 -7.85
N GLU B 184 -3.02 -26.46 -7.52
CA GLU B 184 -3.65 -26.63 -6.23
C GLU B 184 -3.08 -27.95 -5.74
N CYS B 185 -2.43 -27.94 -4.59
CA CYS B 185 -1.82 -29.11 -4.00
C CYS B 185 -1.73 -28.94 -2.49
N ALA B 186 -2.75 -29.49 -1.78
CA ALA B 186 -2.90 -29.43 -0.32
C ALA B 186 -1.67 -29.95 0.41
N GLU B 187 -0.95 -30.94 -0.17
CA GLU B 187 0.29 -31.50 0.39
C GLU B 187 1.40 -30.46 0.44
N ILE B 188 1.55 -29.66 -0.62
CA ILE B 188 2.55 -28.57 -0.65
C ILE B 188 2.10 -27.49 0.35
N ARG B 189 0.81 -27.07 0.27
CA ARG B 189 0.19 -26.02 1.12
C ARG B 189 0.43 -26.24 2.63
N ARG B 190 0.21 -27.48 3.15
CA ARG B 190 0.36 -27.75 4.59
C ARG B 190 1.83 -27.60 5.07
N HIS B 191 2.79 -27.54 4.14
CA HIS B 191 4.20 -27.36 4.42
C HIS B 191 4.67 -25.92 4.25
N HIS B 192 3.83 -25.01 3.70
CA HIS B 192 4.30 -23.64 3.47
C HIS B 192 3.36 -22.57 3.98
N ARG B 193 2.10 -22.92 4.30
CA ARG B 193 1.12 -21.97 4.86
C ARG B 193 0.42 -22.55 6.08
N VAL B 194 0.23 -21.72 7.12
CA VAL B 194 -0.54 -22.12 8.31
C VAL B 194 -2.02 -21.89 7.89
N GLY B 195 -2.78 -22.98 7.75
CA GLY B 195 -4.13 -22.99 7.19
C GLY B 195 -5.33 -22.75 8.07
N ILE B 196 -5.11 -22.53 9.36
CA ILE B 196 -6.18 -22.31 10.33
C ILE B 196 -5.82 -21.13 11.22
N LYS B 197 -6.83 -20.44 11.76
CA LYS B 197 -6.62 -19.30 12.65
C LYS B 197 -6.87 -19.67 14.12
N ASP B 198 -7.37 -20.91 14.38
CA ASP B 198 -7.65 -21.44 15.72
C ASP B 198 -7.22 -22.91 15.82
N ILE B 199 -6.33 -23.21 16.76
CA ILE B 199 -5.82 -24.56 16.99
C ILE B 199 -6.02 -24.96 18.46
N ALA B 200 -6.81 -26.02 18.70
CA ALA B 200 -7.04 -26.60 20.03
C ALA B 200 -7.33 -25.53 21.12
N GLY B 201 -8.28 -24.66 20.82
CA GLY B 201 -8.71 -23.60 21.72
C GLY B 201 -7.85 -22.35 21.78
N ILE B 202 -6.77 -22.25 20.95
CA ILE B 202 -5.93 -21.04 20.95
C ILE B 202 -6.10 -20.27 19.64
N HIS B 203 -5.99 -18.95 19.72
CA HIS B 203 -6.06 -18.04 18.59
C HIS B 203 -4.65 -17.76 18.05
N LEU B 204 -4.50 -17.84 16.71
CA LEU B 204 -3.26 -17.48 16.02
C LEU B 204 -3.58 -16.10 15.46
N PRO B 205 -3.00 -15.02 16.04
CA PRO B 205 -3.38 -13.66 15.62
C PRO B 205 -2.88 -13.24 14.24
N THR B 206 -3.56 -12.26 13.65
CA THR B 206 -3.28 -11.65 12.35
C THR B 206 -1.93 -10.91 12.34
N ASN B 207 -1.50 -10.38 13.49
CA ASN B 207 -0.24 -9.62 13.59
C ASN B 207 0.99 -10.56 13.58
N VAL B 208 0.79 -11.90 13.56
CA VAL B 208 1.89 -12.87 13.44
C VAL B 208 1.73 -13.58 12.09
N LYS B 209 2.62 -13.28 11.14
CA LYS B 209 2.59 -13.86 9.80
C LYS B 209 3.65 -14.94 9.71
N PHE B 210 3.23 -16.18 9.53
CA PHE B 210 4.17 -17.28 9.41
C PHE B 210 4.52 -17.52 7.94
N GLN B 211 5.81 -17.73 7.66
CA GLN B 211 6.28 -17.94 6.30
C GLN B 211 7.30 -19.06 6.27
N SER B 212 7.37 -19.78 5.16
CA SER B 212 8.32 -20.89 5.02
C SER B 212 9.72 -20.38 4.60
N PRO B 213 10.80 -21.22 4.58
CA PRO B 213 12.10 -20.70 4.14
C PRO B 213 12.14 -20.37 2.63
N ALA B 214 11.12 -20.77 1.86
CA ALA B 214 10.98 -20.47 0.42
C ALA B 214 10.49 -19.04 0.14
N TYR B 215 10.06 -18.31 1.20
CA TYR B 215 9.52 -16.95 1.17
C TYR B 215 10.60 -15.86 1.01
N SER B 216 10.26 -14.80 0.24
CA SER B 216 11.11 -13.64 0.00
C SER B 216 10.24 -12.41 -0.15
N GLU B 225 17.54 -21.22 -1.35
CA GLU B 225 16.71 -22.13 -2.17
C GLU B 225 15.24 -21.64 -2.24
N PRO B 226 14.82 -21.01 -3.37
CA PRO B 226 13.43 -20.50 -3.43
C PRO B 226 12.37 -21.56 -3.76
N TYR B 227 12.81 -22.78 -4.05
CA TYR B 227 11.93 -23.89 -4.39
C TYR B 227 12.33 -25.19 -3.73
N THR B 228 11.36 -26.08 -3.56
CA THR B 228 11.61 -27.44 -3.08
C THR B 228 11.59 -28.30 -4.36
N THR B 229 11.96 -29.58 -4.22
CA THR B 229 12.02 -30.55 -5.31
C THR B 229 11.02 -31.66 -4.96
N GLU B 230 10.10 -31.98 -5.86
CA GLU B 230 9.03 -32.94 -5.59
C GLU B 230 8.74 -33.90 -6.74
N LYS B 231 8.41 -35.14 -6.42
CA LYS B 231 7.99 -36.12 -7.41
C LYS B 231 6.49 -35.94 -7.54
N MET B 232 6.07 -34.93 -8.31
CA MET B 232 4.66 -34.52 -8.43
C MET B 232 3.74 -35.58 -9.04
N SER B 233 4.28 -36.57 -9.77
CA SER B 233 3.48 -37.66 -10.36
C SER B 233 2.88 -38.59 -9.26
N ARG B 234 3.42 -38.55 -8.02
CA ARG B 234 2.97 -39.38 -6.91
C ARG B 234 2.85 -38.58 -5.58
N VAL B 235 2.68 -37.24 -5.66
CA VAL B 235 2.55 -36.40 -4.46
C VAL B 235 1.26 -36.83 -3.69
N PRO B 236 1.34 -37.07 -2.34
CA PRO B 236 0.12 -37.45 -1.60
C PRO B 236 -1.02 -36.46 -1.82
N GLY B 237 -2.20 -37.00 -2.14
CA GLY B 237 -3.41 -36.23 -2.44
C GLY B 237 -3.48 -35.73 -3.88
N GLY B 238 -2.35 -35.76 -4.58
CA GLY B 238 -2.23 -35.28 -5.96
C GLY B 238 -2.30 -33.77 -6.11
N TYR B 239 -2.37 -33.31 -7.36
CA TYR B 239 -2.47 -31.87 -7.67
C TYR B 239 -3.48 -31.63 -8.80
N LEU B 240 -3.96 -30.38 -8.91
CA LEU B 240 -4.90 -29.97 -9.96
C LEU B 240 -4.35 -28.75 -10.70
N ALA B 241 -4.27 -28.86 -12.05
CA ALA B 241 -3.83 -27.80 -12.96
C ALA B 241 -4.84 -26.66 -12.95
N LEU B 242 -4.43 -25.46 -12.49
CA LEU B 242 -5.35 -24.32 -12.42
C LEU B 242 -5.20 -23.40 -13.63
N THR B 243 -4.10 -23.55 -14.36
CA THR B 243 -3.79 -22.85 -15.59
C THR B 243 -3.30 -23.92 -16.53
N GLU B 244 -2.99 -23.52 -17.78
CA GLU B 244 -2.35 -24.42 -18.74
C GLU B 244 -0.85 -24.27 -18.51
N CYS B 245 -0.06 -25.15 -19.11
N CYS B 245 -0.04 -25.16 -19.11
CA CYS B 245 1.40 -25.12 -19.04
CA CYS B 245 1.42 -25.10 -19.04
C CYS B 245 1.87 -23.89 -19.84
C CYS B 245 1.87 -23.88 -19.83
N PHE B 246 2.89 -23.16 -19.34
CA PHE B 246 3.38 -21.96 -20.00
C PHE B 246 4.90 -21.90 -19.96
N GLU B 247 5.50 -21.34 -21.00
CA GLU B 247 6.95 -21.19 -21.10
C GLU B 247 7.34 -20.06 -20.17
N ILE B 248 8.35 -20.31 -19.34
CA ILE B 248 8.79 -19.35 -18.36
C ILE B 248 10.16 -18.76 -18.76
N MET B 249 10.97 -19.53 -19.52
CA MET B 249 12.33 -19.18 -19.93
C MET B 249 12.88 -20.18 -20.97
N THR B 250 13.88 -19.76 -21.73
CA THR B 250 14.68 -20.57 -22.66
C THR B 250 16.14 -20.22 -22.38
N VAL B 251 17.04 -21.15 -22.64
CA VAL B 251 18.47 -20.93 -22.41
C VAL B 251 19.27 -21.71 -23.47
N ASP B 252 20.29 -21.08 -24.06
CA ASP B 252 21.15 -21.70 -25.07
C ASP B 252 22.53 -21.93 -24.43
N PHE B 253 22.81 -23.19 -24.04
CA PHE B 253 24.05 -23.58 -23.37
C PHE B 253 25.28 -23.45 -24.28
N ASN B 254 25.07 -23.37 -25.62
CA ASN B 254 26.14 -23.19 -26.60
C ASN B 254 26.41 -21.71 -26.91
N ASN B 255 25.61 -20.81 -26.30
CA ASN B 255 25.72 -19.37 -26.49
C ASN B 255 26.27 -18.70 -25.22
N LEU B 256 27.60 -18.44 -25.22
CA LEU B 256 28.35 -17.82 -24.12
C LEU B 256 27.83 -16.42 -23.78
N GLN B 257 27.50 -15.63 -24.81
CA GLN B 257 27.01 -14.26 -24.66
C GLN B 257 25.66 -14.22 -23.95
N GLU B 258 24.74 -15.14 -24.30
CA GLU B 258 23.42 -15.30 -23.68
C GLU B 258 23.56 -15.74 -22.22
N LEU B 259 24.52 -16.64 -21.94
CA LEU B 259 24.79 -17.15 -20.59
C LEU B 259 25.35 -16.04 -19.68
N LYS B 260 26.29 -15.21 -20.19
CA LYS B 260 26.88 -14.09 -19.45
C LYS B 260 25.86 -12.97 -19.18
N SER B 261 24.89 -12.77 -20.11
CA SER B 261 23.85 -11.74 -20.01
C SER B 261 22.78 -12.04 -18.92
N LEU B 262 22.73 -13.29 -18.40
CA LEU B 262 21.75 -13.70 -17.40
C LEU B 262 21.88 -12.96 -16.07
N ALA B 263 23.13 -12.65 -15.63
CA ALA B 263 23.42 -11.96 -14.37
C ALA B 263 22.79 -10.54 -14.27
N THR B 264 22.60 -9.86 -15.40
CA THR B 264 22.04 -8.50 -15.42
C THR B 264 20.71 -8.40 -16.19
N LYS B 265 20.16 -9.54 -16.67
CA LYS B 265 18.89 -9.53 -17.41
C LYS B 265 17.73 -9.19 -16.48
N LYS B 266 16.94 -8.16 -16.85
CA LYS B 266 15.77 -7.70 -16.09
C LYS B 266 14.70 -8.81 -16.03
N PRO B 267 14.06 -9.04 -14.84
CA PRO B 267 13.04 -10.11 -14.74
C PRO B 267 11.90 -9.97 -15.76
N ASP B 268 11.40 -11.12 -16.23
CA ASP B 268 10.32 -11.20 -17.20
C ASP B 268 8.99 -11.26 -16.45
N LYS B 269 8.19 -10.18 -16.58
CA LYS B 269 6.88 -10.05 -15.95
C LYS B 269 5.87 -10.77 -16.85
N ILE B 270 5.23 -11.84 -16.33
CA ILE B 270 4.27 -12.63 -17.11
C ILE B 270 2.91 -12.70 -16.40
N GLY B 271 1.86 -12.80 -17.21
CA GLY B 271 0.46 -12.89 -16.79
C GLY B 271 -0.19 -14.11 -17.40
N ILE B 272 -0.64 -15.04 -16.55
CA ILE B 272 -1.21 -16.30 -17.02
C ILE B 272 -2.70 -16.40 -16.68
N PRO B 273 -3.58 -16.61 -17.70
CA PRO B 273 -5.02 -16.74 -17.41
C PRO B 273 -5.37 -18.04 -16.68
N VAL B 274 -6.33 -17.95 -15.74
CA VAL B 274 -6.79 -19.09 -14.92
C VAL B 274 -7.86 -19.85 -15.71
N ILE B 275 -7.72 -21.18 -15.83
CA ILE B 275 -8.64 -22.03 -16.61
C ILE B 275 -9.51 -22.91 -15.70
N LYS B 276 -9.17 -23.00 -14.41
CA LYS B 276 -9.90 -23.84 -13.46
C LYS B 276 -9.98 -23.16 -12.09
N GLU B 277 -11.16 -23.26 -11.46
CA GLU B 277 -11.45 -22.76 -10.10
C GLU B 277 -10.63 -23.62 -9.10
N GLY B 278 -10.04 -22.98 -8.09
CA GLY B 278 -9.23 -23.67 -7.08
C GLY B 278 -8.40 -22.78 -6.17
N ILE B 279 -7.69 -23.41 -5.21
CA ILE B 279 -6.80 -22.75 -4.25
C ILE B 279 -5.37 -22.73 -4.84
N LEU B 280 -4.80 -21.52 -5.07
CA LEU B 280 -3.43 -21.38 -5.60
C LEU B 280 -2.39 -21.76 -4.53
N ASP B 281 -1.73 -22.93 -4.71
CA ASP B 281 -0.77 -23.44 -3.73
C ASP B 281 0.69 -23.36 -4.19
N ALA B 282 0.96 -23.44 -5.50
CA ALA B 282 2.33 -23.42 -6.00
C ALA B 282 2.39 -23.24 -7.52
N ILE B 283 3.59 -22.91 -8.02
CA ILE B 283 3.91 -22.90 -9.45
C ILE B 283 4.84 -24.12 -9.60
N MET B 284 4.38 -25.13 -10.32
CA MET B 284 5.16 -26.36 -10.58
C MET B 284 5.97 -26.10 -11.85
N VAL B 285 7.28 -26.26 -11.75
CA VAL B 285 8.22 -25.98 -12.83
C VAL B 285 8.98 -27.26 -13.27
N TRP B 286 9.11 -27.41 -14.60
CA TRP B 286 9.87 -28.50 -15.23
C TRP B 286 10.53 -27.96 -16.49
N PHE B 287 11.30 -28.80 -17.19
CA PHE B 287 11.97 -28.34 -18.39
C PHE B 287 12.12 -29.45 -19.44
N VAL B 288 12.28 -29.03 -20.69
CA VAL B 288 12.54 -29.87 -21.85
C VAL B 288 14.00 -29.55 -22.22
N LEU B 289 14.90 -30.52 -21.97
CA LEU B 289 16.32 -30.42 -22.22
C LEU B 289 16.66 -31.02 -23.60
N GLN B 290 17.17 -30.18 -24.52
CA GLN B 290 17.57 -30.58 -25.86
C GLN B 290 19.05 -30.98 -25.84
N LEU B 291 19.34 -32.30 -25.86
CA LEU B 291 20.72 -32.82 -25.84
C LEU B 291 21.45 -32.48 -27.14
N ASP B 292 20.73 -32.58 -28.25
CA ASP B 292 21.10 -32.21 -29.63
C ASP B 292 19.79 -31.92 -30.40
N ASP B 293 19.84 -31.75 -31.71
CA ASP B 293 18.62 -31.41 -32.48
C ASP B 293 17.69 -32.64 -32.70
N GLU B 294 18.11 -33.83 -32.24
CA GLU B 294 17.41 -35.11 -32.40
C GLU B 294 16.97 -35.76 -31.07
N HIS B 295 17.74 -35.53 -29.99
CA HIS B 295 17.53 -36.16 -28.69
C HIS B 295 17.17 -35.13 -27.62
N SER B 296 15.99 -35.32 -27.03
CA SER B 296 15.46 -34.44 -26.00
C SER B 296 14.97 -35.25 -24.79
N LEU B 297 15.10 -34.65 -23.60
CA LEU B 297 14.70 -35.21 -22.31
C LEU B 297 13.68 -34.26 -21.65
N SER B 298 12.58 -34.80 -21.13
CA SER B 298 11.60 -33.97 -20.43
C SER B 298 11.51 -34.32 -18.94
N THR B 299 11.48 -33.29 -18.07
CA THR B 299 11.32 -33.49 -16.62
C THR B 299 9.85 -33.26 -16.25
N SER B 300 8.95 -33.27 -17.25
CA SER B 300 7.50 -33.16 -17.07
C SER B 300 7.03 -34.28 -16.09
N PRO B 301 6.12 -33.99 -15.12
CA PRO B 301 5.72 -35.02 -14.14
C PRO B 301 5.13 -36.27 -14.81
N SER B 302 5.70 -37.45 -14.50
CA SER B 302 5.27 -38.73 -15.05
C SER B 302 5.75 -39.88 -14.19
N GLU B 303 4.86 -40.88 -13.94
CA GLU B 303 5.24 -42.07 -13.15
C GLU B 303 6.23 -42.97 -13.93
N GLU B 304 6.38 -42.72 -15.24
CA GLU B 304 7.29 -43.44 -16.13
C GLU B 304 8.72 -42.90 -16.09
N THR B 305 8.95 -41.71 -15.47
CA THR B 305 10.27 -41.09 -15.39
C THR B 305 10.73 -40.86 -13.94
N CYS B 306 12.04 -40.69 -13.73
CA CYS B 306 12.69 -40.49 -12.43
C CYS B 306 12.70 -39.02 -11.99
N TRP B 307 12.46 -38.10 -12.91
CA TRP B 307 12.58 -36.66 -12.70
C TRP B 307 11.57 -36.06 -11.74
N GLU B 308 12.10 -35.19 -10.86
CA GLU B 308 11.34 -34.38 -9.93
C GLU B 308 11.19 -32.97 -10.52
N GLN B 309 10.20 -32.22 -10.02
CA GLN B 309 9.82 -30.87 -10.44
C GLN B 309 10.21 -29.83 -9.39
N ALA B 310 10.44 -28.58 -9.84
CA ALA B 310 10.75 -27.48 -8.92
C ALA B 310 9.42 -26.92 -8.46
N VAL B 311 9.25 -26.76 -7.15
CA VAL B 311 7.99 -26.28 -6.60
C VAL B 311 8.20 -24.91 -5.91
N TYR B 312 7.55 -23.87 -6.44
CA TYR B 312 7.62 -22.52 -5.91
C TYR B 312 6.33 -22.29 -5.14
N PRO B 313 6.37 -22.39 -3.77
CA PRO B 313 5.14 -22.24 -2.98
C PRO B 313 4.53 -20.85 -3.08
N VAL B 314 3.19 -20.78 -3.05
CA VAL B 314 2.49 -19.51 -3.08
C VAL B 314 2.08 -19.23 -1.65
N GLN B 315 2.53 -18.09 -1.14
CA GLN B 315 2.28 -17.58 0.20
C GLN B 315 2.21 -16.03 0.17
N ASP B 316 1.90 -15.43 1.32
CA ASP B 316 1.80 -13.97 1.49
C ASP B 316 0.73 -13.33 0.55
N LEU B 317 -0.42 -13.99 0.38
CA LEU B 317 -1.53 -13.45 -0.42
C LEU B 317 -2.74 -13.27 0.50
N ALA B 318 -3.58 -12.26 0.18
CA ALA B 318 -4.80 -11.94 0.91
C ALA B 318 -5.88 -13.01 0.66
N ASP B 319 -5.94 -13.52 -0.57
CA ASP B 319 -6.91 -14.53 -1.02
C ASP B 319 -6.19 -15.50 -1.98
N TYR B 320 -6.32 -16.82 -1.72
CA TYR B 320 -5.71 -17.86 -2.54
C TYR B 320 -6.71 -18.48 -3.53
N TRP B 321 -8.01 -18.13 -3.42
CA TRP B 321 -9.01 -18.64 -4.36
C TRP B 321 -8.90 -17.93 -5.69
N ILE B 322 -8.70 -18.71 -6.75
CA ILE B 322 -8.56 -18.21 -8.11
C ILE B 322 -9.61 -18.90 -8.99
N LYS B 323 -10.15 -18.16 -9.97
CA LYS B 323 -11.21 -18.65 -10.84
C LYS B 323 -11.02 -18.22 -12.31
N PRO B 324 -11.61 -18.93 -13.32
CA PRO B 324 -11.50 -18.45 -14.72
C PRO B 324 -11.87 -16.97 -14.82
N GLY B 325 -11.00 -16.19 -15.45
CA GLY B 325 -11.16 -14.74 -15.54
C GLY B 325 -10.06 -14.00 -14.81
N ASP B 326 -9.49 -14.67 -13.79
CA ASP B 326 -8.36 -14.17 -13.01
C ASP B 326 -7.08 -14.41 -13.80
N HIS B 327 -6.02 -13.70 -13.44
CA HIS B 327 -4.70 -13.83 -14.07
C HIS B 327 -3.64 -13.98 -12.97
N VAL B 328 -2.81 -15.03 -13.08
CA VAL B 328 -1.72 -15.28 -12.14
C VAL B 328 -0.50 -14.52 -12.67
N MET B 329 -0.04 -13.52 -11.89
CA MET B 329 1.10 -12.67 -12.24
C MET B 329 2.31 -13.11 -11.47
N MET B 330 3.50 -13.00 -12.11
CA MET B 330 4.78 -13.36 -11.50
C MET B 330 5.93 -12.71 -12.28
N GLU B 331 7.13 -12.69 -11.66
CA GLU B 331 8.36 -12.15 -12.22
C GLU B 331 9.41 -13.24 -12.22
N VAL B 332 9.80 -13.69 -13.41
CA VAL B 332 10.77 -14.76 -13.61
C VAL B 332 12.16 -14.17 -13.90
N SER B 333 13.19 -14.61 -13.15
CA SER B 333 14.57 -14.17 -13.32
C SER B 333 15.56 -15.29 -12.99
N CYS B 334 16.83 -15.14 -13.41
CA CYS B 334 17.89 -16.15 -13.20
C CYS B 334 19.30 -15.49 -13.13
N GLN B 335 19.44 -14.45 -12.32
CA GLN B 335 20.66 -13.65 -12.17
C GLN B 335 21.73 -14.29 -11.27
N ASP B 336 21.34 -14.99 -10.17
CA ASP B 336 22.28 -15.62 -9.22
C ASP B 336 21.97 -17.12 -9.01
N CYS B 337 22.51 -17.97 -9.92
CA CYS B 337 22.37 -19.43 -9.99
C CYS B 337 20.91 -19.81 -10.21
N TYR B 338 20.11 -19.92 -9.12
CA TYR B 338 18.71 -20.36 -9.13
C TYR B 338 17.76 -19.53 -9.98
N LEU B 339 16.81 -20.23 -10.57
CA LEU B 339 15.69 -19.69 -11.31
C LEU B 339 14.73 -19.20 -10.21
N ARG B 340 14.31 -17.94 -10.31
CA ARG B 340 13.44 -17.33 -9.30
C ARG B 340 12.13 -16.87 -9.89
N ILE B 341 11.05 -17.13 -9.17
CA ILE B 341 9.68 -16.72 -9.51
C ILE B 341 9.24 -15.85 -8.31
N GLN B 342 9.17 -14.54 -8.53
CA GLN B 342 8.88 -13.59 -7.48
C GLN B 342 7.66 -12.75 -7.79
N SER B 343 7.20 -11.96 -6.80
CA SER B 343 6.05 -11.03 -6.89
C SER B 343 4.80 -11.74 -7.46
N ILE B 344 4.49 -12.95 -6.95
CA ILE B 344 3.31 -13.71 -7.39
C ILE B 344 2.06 -13.03 -6.85
N SER B 345 1.12 -12.70 -7.74
CA SER B 345 -0.13 -12.04 -7.40
C SER B 345 -1.29 -12.53 -8.27
N VAL B 346 -2.52 -12.26 -7.81
CA VAL B 346 -3.75 -12.58 -8.52
C VAL B 346 -4.36 -11.28 -9.00
N LEU B 347 -4.53 -11.16 -10.31
CA LEU B 347 -5.15 -9.99 -10.92
C LEU B 347 -6.55 -10.40 -11.39
N GLY B 348 -7.58 -9.82 -10.76
CA GLY B 348 -8.99 -10.12 -11.04
C GLY B 348 -9.49 -9.73 -12.41
N LEU B 349 -10.64 -10.31 -12.81
CA LEU B 349 -11.30 -10.05 -14.09
C LEU B 349 -11.85 -8.62 -14.14
N GLU B 390 2.78 -6.25 14.02
CA GLU B 390 3.07 -6.97 12.79
C GLU B 390 4.50 -7.58 12.83
N GLN B 391 4.56 -8.91 12.87
CA GLN B 391 5.82 -9.64 12.94
C GLN B 391 5.78 -10.81 11.95
N THR B 392 6.85 -10.97 11.15
CA THR B 392 6.99 -12.09 10.22
C THR B 392 7.84 -13.13 10.91
N CYS B 393 7.32 -14.34 11.04
CA CYS B 393 8.01 -15.43 11.71
C CYS B 393 8.31 -16.55 10.72
N ILE B 394 9.60 -16.76 10.45
CA ILE B 394 10.07 -17.79 9.53
C ILE B 394 10.05 -19.12 10.25
N LEU B 395 9.34 -20.10 9.69
CA LEU B 395 9.31 -21.45 10.23
C LEU B 395 9.82 -22.42 9.18
N GLU B 396 10.39 -23.54 9.64
CA GLU B 396 10.78 -24.66 8.78
C GLU B 396 9.47 -25.26 8.29
N SER B 397 9.48 -25.96 7.15
CA SER B 397 8.30 -26.62 6.58
C SER B 397 7.74 -27.70 7.54
N THR B 398 8.64 -28.33 8.35
CA THR B 398 8.24 -29.32 9.37
C THR B 398 7.40 -28.63 10.46
N GLU B 399 7.77 -27.40 10.82
CA GLU B 399 7.07 -26.59 11.84
C GLU B 399 5.74 -26.06 11.32
N ILE B 400 5.64 -25.80 9.99
CA ILE B 400 4.38 -25.35 9.35
C ILE B 400 3.45 -26.58 9.28
N ALA B 401 3.97 -27.73 8.85
CA ALA B 401 3.20 -29.01 8.82
C ALA B 401 2.71 -29.33 10.26
N LEU B 402 3.56 -29.08 11.28
CA LEU B 402 3.18 -29.22 12.69
C LEU B 402 1.97 -28.34 13.06
N LEU B 403 2.00 -27.05 12.75
CA LEU B 403 0.89 -26.14 13.07
C LEU B 403 -0.38 -26.54 12.35
N ASN B 404 -0.26 -27.24 11.20
CA ASN B 404 -1.42 -27.73 10.42
C ASN B 404 -1.88 -29.13 10.86
N ASN B 405 -1.19 -29.75 11.84
CA ASN B 405 -1.50 -31.07 12.38
C ASN B 405 -2.47 -30.88 13.54
N ILE B 406 -3.77 -30.82 13.21
CA ILE B 406 -4.88 -30.61 14.13
C ILE B 406 -4.99 -31.77 15.15
N PRO B 407 -5.01 -33.09 14.76
CA PRO B 407 -5.11 -34.17 15.78
C PRO B 407 -3.99 -34.17 16.85
N TYR B 408 -2.77 -33.75 16.47
CA TYR B 408 -1.63 -33.63 17.39
C TYR B 408 -1.96 -32.66 18.53
N HIS B 409 -2.44 -31.45 18.16
CA HIS B 409 -2.73 -30.40 19.13
C HIS B 409 -3.97 -30.69 19.93
N GLU B 410 -5.04 -31.16 19.30
CA GLU B 410 -6.26 -31.56 19.97
C GLU B 410 -6.01 -32.75 20.92
N GLY B 411 -5.16 -33.69 20.52
CA GLY B 411 -4.76 -34.81 21.36
C GLY B 411 -4.01 -34.35 22.60
N PHE B 412 -3.03 -33.43 22.42
CA PHE B 412 -2.25 -32.86 23.51
C PHE B 412 -3.12 -32.03 24.46
N LYS B 413 -4.05 -31.22 23.92
CA LYS B 413 -4.99 -30.42 24.72
C LYS B 413 -5.82 -31.34 25.65
N MET B 414 -6.39 -32.39 25.07
CA MET B 414 -7.19 -33.41 25.76
C MET B 414 -6.35 -34.14 26.83
N ALA B 415 -5.14 -34.59 26.48
CA ALA B 415 -4.28 -35.33 27.41
C ALA B 415 -3.82 -34.44 28.55
N MET B 416 -3.48 -33.16 28.29
CA MET B 416 -3.04 -32.23 29.33
C MET B 416 -4.20 -31.90 30.29
N SER B 417 -5.44 -31.70 29.76
CA SER B 417 -6.65 -31.43 30.56
C SER B 417 -6.95 -32.56 31.56
N LYS B 418 -6.77 -33.82 31.16
CA LYS B 418 -7.00 -34.99 32.02
C LYS B 418 -6.00 -35.06 33.20
N VAL B 419 -4.74 -34.62 32.99
CA VAL B 419 -3.73 -34.59 34.05
C VAL B 419 -4.09 -33.50 35.04
N LEU B 420 -4.43 -32.31 34.54
CA LEU B 420 -4.85 -31.17 35.36
C LEU B 420 -6.13 -31.53 36.15
N SER B 421 -7.14 -32.17 35.50
CA SER B 421 -8.38 -32.63 36.14
C SER B 421 -8.13 -33.67 37.26
N SER B 422 -7.12 -34.55 37.10
CA SER B 422 -6.81 -35.55 38.12
C SER B 422 -5.95 -35.00 39.28
N LEU B 423 -5.09 -34.00 39.01
CA LEU B 423 -4.21 -33.42 40.04
C LEU B 423 -4.80 -32.17 40.71
N THR B 424 -5.29 -31.20 39.93
CA THR B 424 -5.84 -29.94 40.45
C THR B 424 -7.13 -29.56 39.68
N PRO B 425 -8.28 -30.24 39.92
CA PRO B 425 -9.50 -29.93 39.15
C PRO B 425 -10.02 -28.49 39.28
N GLU B 426 -9.73 -27.79 40.39
CA GLU B 426 -10.17 -26.41 40.58
C GLU B 426 -9.43 -25.43 39.67
N LYS B 427 -8.22 -25.83 39.20
CA LYS B 427 -7.36 -25.03 38.33
C LYS B 427 -7.77 -25.14 36.88
N LEU B 428 -8.56 -26.18 36.53
CA LEU B 428 -9.03 -26.43 35.17
C LEU B 428 -10.15 -25.47 34.87
N TYR B 429 -10.06 -24.74 33.75
CA TYR B 429 -11.07 -23.74 33.36
C TYR B 429 -12.37 -24.36 32.83
N GLN B 430 -12.27 -25.42 32.02
CA GLN B 430 -13.43 -26.12 31.44
C GLN B 430 -13.32 -27.62 31.69
N ASN B 452 -3.49 -24.44 46.51
CA ASN B 452 -2.91 -23.11 46.72
C ASN B 452 -3.06 -22.27 45.43
N ILE B 453 -3.81 -21.15 45.53
CA ILE B 453 -4.10 -20.24 44.43
C ILE B 453 -2.81 -19.53 43.88
N LEU B 454 -1.72 -19.48 44.66
CA LEU B 454 -0.45 -18.86 44.25
C LEU B 454 0.50 -19.90 43.68
N GLU B 455 0.15 -21.21 43.80
CA GLU B 455 0.97 -22.33 43.32
C GLU B 455 0.46 -22.76 41.92
N PRO B 456 1.08 -22.40 40.80
CA PRO B 456 0.53 -22.86 39.53
C PRO B 456 0.94 -24.31 39.20
N PHE B 457 0.23 -24.91 38.24
CA PHE B 457 0.48 -26.24 37.70
C PHE B 457 1.61 -26.02 36.70
N TYR B 458 2.78 -26.60 36.97
CA TYR B 458 3.98 -26.40 36.14
C TYR B 458 4.03 -27.36 34.95
N VAL B 459 4.18 -26.79 33.75
CA VAL B 459 4.24 -27.54 32.49
C VAL B 459 5.50 -27.17 31.73
N LEU B 460 6.33 -28.18 31.40
CA LEU B 460 7.55 -27.95 30.63
C LEU B 460 7.45 -28.58 29.25
N ASP B 461 7.64 -27.78 28.21
CA ASP B 461 7.65 -28.31 26.85
C ASP B 461 9.10 -28.37 26.35
N VAL B 462 9.64 -29.60 26.15
CA VAL B 462 11.01 -29.84 25.68
C VAL B 462 10.97 -30.29 24.19
N SER B 463 9.94 -29.86 23.45
CA SER B 463 9.83 -30.10 22.00
C SER B 463 10.98 -29.34 21.37
N GLU B 464 11.50 -29.85 20.25
N GLU B 464 11.49 -29.84 20.24
CA GLU B 464 12.57 -29.17 19.52
CA GLU B 464 12.60 -29.18 19.53
C GLU B 464 11.92 -28.30 18.45
C GLU B 464 12.02 -28.34 18.38
N GLY B 465 12.34 -27.05 18.40
CA GLY B 465 11.86 -26.09 17.42
C GLY B 465 10.60 -25.38 17.87
N PHE B 466 9.92 -24.73 16.91
CA PHE B 466 8.70 -23.96 17.21
C PHE B 466 7.61 -24.86 17.77
N SER B 467 6.96 -24.40 18.85
CA SER B 467 5.90 -25.17 19.47
C SER B 467 4.89 -24.26 20.15
N VAL B 468 3.59 -24.58 20.05
CA VAL B 468 2.51 -23.80 20.67
C VAL B 468 1.89 -24.57 21.85
N LEU B 469 2.41 -25.80 22.15
CA LEU B 469 1.92 -26.61 23.26
C LEU B 469 1.93 -25.83 24.61
N PRO B 470 2.93 -24.96 24.93
CA PRO B 470 2.84 -24.15 26.16
C PRO B 470 1.68 -23.14 26.17
N VAL B 471 1.25 -22.65 24.99
CA VAL B 471 0.13 -21.70 24.90
C VAL B 471 -1.17 -22.49 25.14
N ILE B 472 -1.31 -23.67 24.53
CA ILE B 472 -2.45 -24.55 24.74
C ILE B 472 -2.57 -24.85 26.26
N ALA B 473 -1.44 -25.24 26.91
CA ALA B 473 -1.41 -25.54 28.34
C ALA B 473 -1.93 -24.34 29.20
N GLY B 474 -1.44 -23.12 28.91
CA GLY B 474 -1.83 -21.90 29.60
C GLY B 474 -3.30 -21.52 29.45
N THR B 475 -3.91 -21.88 28.30
CA THR B 475 -5.34 -21.56 28.05
C THR B 475 -6.26 -22.55 28.76
N LEU B 476 -5.72 -23.69 29.19
CA LEU B 476 -6.44 -24.78 29.85
C LEU B 476 -6.75 -24.54 31.31
N GLY B 477 -5.87 -23.84 32.02
CA GLY B 477 -6.07 -23.62 33.46
C GLY B 477 -5.03 -22.75 34.10
N GLN B 478 -5.01 -22.76 35.46
CA GLN B 478 -4.06 -22.03 36.31
C GLN B 478 -2.69 -22.74 36.15
N VAL B 479 -2.09 -22.52 34.97
CA VAL B 479 -0.89 -23.20 34.50
C VAL B 479 0.25 -22.22 34.32
N LYS B 480 1.44 -22.62 34.78
CA LYS B 480 2.68 -21.88 34.53
C LYS B 480 3.40 -22.69 33.43
N PRO B 481 3.28 -22.28 32.16
CA PRO B 481 3.93 -23.04 31.08
C PRO B 481 5.31 -22.52 30.68
N TYR B 482 6.22 -23.44 30.36
CA TYR B 482 7.57 -23.10 29.93
C TYR B 482 7.82 -23.61 28.52
N SER B 483 8.35 -22.74 27.67
CA SER B 483 8.70 -23.00 26.27
C SER B 483 10.23 -23.19 26.14
N SER B 484 10.68 -24.13 25.28
CA SER B 484 12.11 -24.40 25.05
C SER B 484 12.62 -23.80 23.71
N VAL B 485 11.85 -22.88 23.06
CA VAL B 485 12.27 -22.27 21.80
C VAL B 485 13.58 -21.51 22.01
N GLU B 486 14.51 -21.59 21.06
CA GLU B 486 15.79 -20.89 21.16
C GLU B 486 15.72 -19.53 20.43
N LYS B 487 15.34 -19.54 19.14
CA LYS B 487 15.28 -18.38 18.23
C LYS B 487 14.48 -17.21 18.83
N ASP B 488 15.06 -15.99 18.77
CA ASP B 488 14.47 -14.75 19.29
C ASP B 488 13.16 -14.43 18.60
N GLN B 489 13.06 -14.66 17.29
CA GLN B 489 11.88 -14.42 16.46
C GLN B 489 10.71 -15.30 16.94
N HIS B 490 11.01 -16.55 17.33
CA HIS B 490 10.04 -17.53 17.84
C HIS B 490 9.47 -17.07 19.18
N ARG B 491 10.31 -16.44 20.05
CA ARG B 491 9.89 -15.96 21.37
C ARG B 491 8.89 -14.84 21.19
N ILE B 492 9.23 -13.86 20.31
CA ILE B 492 8.41 -12.70 20.01
C ILE B 492 7.04 -13.15 19.53
N ALA B 493 7.00 -14.08 18.54
CA ALA B 493 5.76 -14.65 18.00
C ALA B 493 4.93 -15.30 19.09
N LEU B 494 5.59 -16.11 19.97
CA LEU B 494 4.92 -16.81 21.09
C LEU B 494 4.39 -15.82 22.14
N ASP B 495 5.09 -14.69 22.37
CA ASP B 495 4.63 -13.63 23.27
C ASP B 495 3.38 -12.94 22.70
N LEU B 496 3.32 -12.75 21.37
CA LEU B 496 2.17 -12.15 20.66
C LEU B 496 0.99 -13.14 20.59
N ILE B 497 1.27 -14.44 20.45
CA ILE B 497 0.25 -15.49 20.49
C ILE B 497 -0.35 -15.52 21.92
N SER B 498 0.50 -15.48 22.95
CA SER B 498 0.11 -15.50 24.36
C SER B 498 -0.81 -14.32 24.64
N GLU B 499 -0.44 -13.12 24.17
CA GLU B 499 -1.20 -11.87 24.30
C GLU B 499 -2.58 -12.01 23.64
N ALA B 500 -2.67 -12.66 22.47
CA ALA B 500 -3.94 -12.86 21.74
C ALA B 500 -4.84 -13.89 22.45
N ASN B 501 -4.26 -14.68 23.37
CA ASN B 501 -4.99 -15.68 24.14
C ASN B 501 -5.17 -15.23 25.59
N HIS B 502 -5.18 -13.88 25.76
CA HIS B 502 -5.48 -13.11 26.98
C HIS B 502 -4.54 -13.40 28.15
N PHE B 503 -3.30 -13.84 27.87
CA PHE B 503 -2.35 -14.10 28.95
C PHE B 503 -1.81 -12.77 29.43
N PRO B 504 -1.78 -12.49 30.76
CA PRO B 504 -1.05 -11.28 31.22
C PRO B 504 0.45 -11.52 30.93
N LYS B 505 1.25 -10.44 30.83
CA LYS B 505 2.68 -10.52 30.51
C LYS B 505 3.41 -11.49 31.43
N GLU B 506 4.35 -12.25 30.86
CA GLU B 506 5.20 -13.25 31.54
C GLU B 506 4.38 -14.41 32.20
N THR B 507 3.21 -14.80 31.63
CA THR B 507 2.50 -16.03 32.05
C THR B 507 3.36 -17.14 31.43
N LEU B 508 3.57 -17.06 30.11
CA LEU B 508 4.43 -18.00 29.39
C LEU B 508 5.89 -17.61 29.67
N GLU B 509 6.71 -18.56 30.12
CA GLU B 509 8.13 -18.29 30.35
C GLU B 509 8.98 -19.17 29.44
N PHE B 510 10.24 -18.77 29.24
CA PHE B 510 11.14 -19.49 28.35
C PHE B 510 12.25 -20.18 29.16
N TRP B 511 12.35 -21.50 29.00
CA TRP B 511 13.28 -22.38 29.70
C TRP B 511 14.72 -22.27 29.20
N LEU B 512 14.94 -22.16 27.88
CA LEU B 512 16.27 -22.06 27.25
C LEU B 512 17.09 -20.83 27.75
N MET B 521 19.16 -28.38 29.76
CA MET B 521 19.23 -29.21 30.96
C MET B 521 17.89 -29.29 31.67
N LEU B 522 17.56 -30.50 32.11
CA LEU B 522 16.34 -30.80 32.82
C LEU B 522 16.54 -30.59 34.31
N GLN B 523 15.79 -29.62 34.86
CA GLN B 523 15.82 -29.25 36.28
C GLN B 523 14.38 -28.97 36.75
N ARG B 524 14.22 -28.78 38.06
CA ARG B 524 12.97 -28.44 38.71
C ARG B 524 12.49 -27.08 38.21
N PRO B 525 11.16 -26.82 38.14
CA PRO B 525 10.68 -25.50 37.69
C PRO B 525 11.17 -24.35 38.59
N LYS B 526 11.26 -24.62 39.89
CA LYS B 526 11.69 -23.76 41.00
C LYS B 526 12.14 -24.70 42.13
N SER B 527 12.99 -24.23 43.05
CA SER B 527 13.48 -25.04 44.19
C SER B 527 12.29 -25.61 44.98
N ASP B 528 12.35 -26.90 45.34
CA ASP B 528 11.31 -27.64 46.08
C ASP B 528 10.05 -27.90 45.21
N LYS B 529 9.96 -27.30 44.02
CA LYS B 529 8.81 -27.46 43.13
C LYS B 529 9.04 -28.56 42.09
N LEU B 530 7.95 -29.21 41.67
CA LEU B 530 8.01 -30.30 40.71
C LEU B 530 7.13 -30.04 39.49
N TRP B 531 7.48 -30.65 38.33
CA TRP B 531 6.66 -30.48 37.13
C TRP B 531 5.42 -31.36 37.19
N SER B 532 4.28 -30.85 36.73
CA SER B 532 3.09 -31.71 36.66
C SER B 532 3.10 -32.41 35.29
N ILE B 533 3.63 -31.72 34.26
CA ILE B 533 3.70 -32.24 32.91
C ILE B 533 5.06 -31.88 32.29
N ILE B 534 5.73 -32.90 31.71
CA ILE B 534 6.97 -32.71 30.93
C ILE B 534 6.71 -33.29 29.54
N ILE B 535 6.86 -32.46 28.48
CA ILE B 535 6.68 -32.94 27.10
C ILE B 535 8.06 -33.15 26.49
N LEU B 536 8.35 -34.37 26.04
CA LEU B 536 9.64 -34.69 25.42
C LEU B 536 9.47 -34.96 23.94
N ASP B 537 10.50 -34.67 23.13
CA ASP B 537 10.50 -34.91 21.69
C ASP B 537 11.12 -36.28 21.43
N VAL B 538 10.29 -37.29 21.13
CA VAL B 538 10.70 -38.68 21.00
C VAL B 538 11.05 -39.12 19.57
N ILE B 539 10.30 -38.66 18.58
CA ILE B 539 10.52 -39.11 17.20
C ILE B 539 11.02 -37.96 16.37
N GLU B 540 12.15 -38.18 15.71
CA GLU B 540 12.74 -37.23 14.79
C GLU B 540 11.85 -37.09 13.55
N PRO B 541 11.89 -35.93 12.86
CA PRO B 541 11.12 -35.82 11.60
C PRO B 541 11.57 -36.86 10.55
N SER B 542 12.78 -37.40 10.69
CA SER B 542 13.39 -38.41 9.82
C SER B 542 12.70 -39.80 9.90
N GLY B 543 12.00 -40.05 10.99
CA GLY B 543 11.32 -41.32 11.24
C GLY B 543 12.06 -42.19 12.23
N LEU B 544 13.23 -41.70 12.73
CA LEU B 544 14.03 -42.41 13.72
C LEU B 544 13.76 -41.89 15.13
N ILE B 545 14.16 -42.66 16.14
CA ILE B 545 14.02 -42.27 17.54
C ILE B 545 15.07 -41.18 17.85
N GLN B 546 14.68 -40.14 18.61
CA GLN B 546 15.59 -39.07 19.03
C GLN B 546 16.68 -39.64 19.94
N GLN B 547 17.93 -39.19 19.72
CA GLN B 547 19.13 -39.56 20.47
C GLN B 547 18.95 -39.21 21.95
N GLU B 548 19.37 -40.12 22.87
CA GLU B 548 19.33 -39.95 24.34
C GLU B 548 17.91 -39.74 24.92
N ILE B 549 16.87 -40.19 24.23
CA ILE B 549 15.50 -39.97 24.74
C ILE B 549 15.28 -40.76 26.05
N MET B 550 15.81 -42.01 26.15
CA MET B 550 15.69 -42.84 27.36
C MET B 550 16.34 -42.20 28.59
N GLU B 551 17.48 -41.54 28.36
CA GLU B 551 18.26 -40.81 29.36
C GLU B 551 17.50 -39.54 29.81
N LYS B 552 16.94 -38.77 28.86
CA LYS B 552 16.11 -37.58 29.18
C LYS B 552 14.85 -37.99 29.95
N ALA B 553 14.22 -39.11 29.56
CA ALA B 553 13.00 -39.61 30.23
C ALA B 553 13.30 -40.04 31.66
N ALA B 554 14.49 -40.68 31.89
CA ALA B 554 14.86 -41.13 33.23
C ALA B 554 15.09 -39.91 34.14
N ILE B 555 15.79 -38.88 33.64
CA ILE B 555 16.03 -37.62 34.38
C ILE B 555 14.70 -36.89 34.63
N SER B 556 13.82 -36.85 33.62
CA SER B 556 12.52 -36.19 33.71
C SER B 556 11.60 -36.82 34.75
N ARG B 557 11.62 -38.17 34.86
CA ARG B 557 10.76 -38.91 35.79
C ARG B 557 11.03 -38.53 37.26
N CYS B 558 12.28 -38.17 37.60
CA CYS B 558 12.67 -37.73 38.95
C CYS B 558 12.16 -36.32 39.26
N LEU B 559 11.81 -35.51 38.23
CA LEU B 559 11.38 -34.11 38.38
C LEU B 559 9.85 -33.95 38.34
N LEU B 560 9.12 -35.07 38.34
CA LEU B 560 7.67 -35.09 38.29
C LEU B 560 7.05 -35.10 39.67
N GLN B 561 5.96 -34.33 39.81
CA GLN B 561 5.11 -34.31 40.99
C GLN B 561 4.38 -35.67 41.01
N SER B 562 3.92 -36.12 42.20
CA SER B 562 3.15 -37.37 42.34
C SER B 562 1.90 -37.26 41.48
N GLY B 563 1.72 -38.22 40.57
CA GLY B 563 0.61 -38.23 39.62
C GLY B 563 0.91 -37.44 38.35
N GLY B 564 2.08 -36.81 38.31
CA GLY B 564 2.58 -36.02 37.18
C GLY B 564 2.92 -36.94 36.02
N LYS B 565 2.95 -36.37 34.80
CA LYS B 565 3.18 -37.20 33.61
C LYS B 565 4.21 -36.68 32.63
N ILE B 566 4.97 -37.64 32.03
CA ILE B 566 5.84 -37.36 30.90
C ILE B 566 4.97 -37.60 29.66
N PHE B 567 5.00 -36.71 28.68
CA PHE B 567 4.31 -36.91 27.40
C PHE B 567 5.36 -37.07 26.29
N PRO B 568 5.21 -38.07 25.41
CA PRO B 568 4.26 -39.21 25.47
C PRO B 568 4.66 -40.19 26.57
N GLN B 569 3.71 -41.00 27.03
CA GLN B 569 3.93 -41.98 28.10
C GLN B 569 4.71 -43.18 27.56
N TYR B 570 4.33 -43.63 26.36
CA TYR B 570 5.02 -44.71 25.65
C TYR B 570 4.75 -44.56 24.17
N VAL B 571 5.61 -45.20 23.38
CA VAL B 571 5.56 -45.18 21.93
C VAL B 571 5.63 -46.62 21.41
N LEU B 572 4.73 -46.97 20.48
CA LEU B 572 4.74 -48.27 19.85
C LEU B 572 5.26 -48.11 18.43
N MET B 573 6.21 -48.94 18.02
CA MET B 573 6.70 -48.95 16.65
C MET B 573 5.91 -50.00 15.90
N PHE B 574 5.32 -49.62 14.77
CA PHE B 574 4.55 -50.50 13.88
C PHE B 574 5.31 -50.68 12.57
N GLY B 575 5.17 -51.84 11.96
CA GLY B 575 5.82 -52.13 10.69
C GLY B 575 5.04 -53.15 9.88
N LEU B 576 5.38 -53.29 8.60
CA LEU B 576 4.73 -54.29 7.77
C LEU B 576 5.67 -54.73 6.67
N LEU B 577 5.44 -55.92 6.15
CA LEU B 577 6.21 -56.48 5.06
C LEU B 577 5.67 -55.95 3.74
N VAL B 578 6.57 -55.44 2.87
CA VAL B 578 6.11 -54.96 1.55
C VAL B 578 6.96 -55.53 0.42
N GLU B 579 6.33 -55.66 -0.76
CA GLU B 579 6.98 -55.89 -2.03
C GLU B 579 6.96 -54.47 -2.67
N SER B 580 8.11 -53.84 -2.80
CA SER B 580 8.17 -52.53 -3.42
C SER B 580 9.39 -52.47 -4.37
N GLN B 581 9.13 -52.54 -5.69
CA GLN B 581 10.18 -52.44 -6.72
C GLN B 581 10.79 -51.01 -6.71
N THR B 582 9.94 -50.00 -6.37
CA THR B 582 10.32 -48.59 -6.24
C THR B 582 11.39 -48.38 -5.18
N LEU B 583 11.22 -48.96 -3.95
CA LEU B 583 12.21 -48.87 -2.87
C LEU B 583 13.50 -49.59 -3.25
N LEU B 584 13.40 -50.71 -3.96
CA LEU B 584 14.55 -51.47 -4.44
C LEU B 584 15.38 -50.65 -5.43
N GLU B 585 14.73 -50.04 -6.43
CA GLU B 585 15.40 -49.25 -7.46
C GLU B 585 15.98 -47.91 -6.94
N GLU B 586 15.45 -47.38 -5.83
CA GLU B 586 16.00 -46.17 -5.20
C GLU B 586 17.13 -46.51 -4.19
N ASN B 587 17.40 -47.82 -3.99
CA ASN B 587 18.41 -48.33 -3.05
C ASN B 587 19.58 -49.01 -3.75
N ALA B 588 19.35 -49.60 -4.94
CA ALA B 588 20.38 -50.33 -5.69
C ALA B 588 20.16 -50.32 -7.18
N VAL B 589 21.26 -50.21 -7.95
CA VAL B 589 21.25 -50.29 -9.42
C VAL B 589 21.00 -51.79 -9.74
N GLN B 590 20.03 -52.05 -10.65
CA GLN B 590 19.54 -53.39 -11.00
C GLN B 590 20.18 -53.98 -12.25
N GLY B 591 21.44 -54.38 -12.15
CA GLY B 591 22.13 -55.06 -13.25
C GLY B 591 23.05 -54.24 -14.12
N THR B 592 23.15 -54.63 -15.42
CA THR B 592 24.00 -54.00 -16.44
C THR B 592 23.16 -53.58 -17.66
N GLU B 593 21.99 -54.20 -17.84
CA GLU B 593 21.06 -53.88 -18.91
C GLU B 593 20.61 -52.41 -18.84
N ARG B 594 20.38 -51.91 -17.60
CA ARG B 594 19.98 -50.54 -17.32
C ARG B 594 21.05 -49.54 -17.71
N THR B 595 22.34 -49.92 -17.51
CA THR B 595 23.52 -49.09 -17.79
C THR B 595 24.18 -49.50 -19.13
N LEU B 596 23.35 -50.05 -20.06
CA LEU B 596 23.67 -50.45 -21.44
C LEU B 596 24.97 -51.30 -21.55
N GLY B 597 25.01 -52.39 -20.78
CA GLY B 597 26.13 -53.33 -20.77
C GLY B 597 27.25 -53.00 -19.79
N LEU B 598 27.40 -51.72 -19.41
CA LEU B 598 28.45 -51.25 -18.49
C LEU B 598 28.25 -51.79 -17.07
N ASN B 599 29.35 -52.24 -16.42
CA ASN B 599 29.34 -52.82 -15.09
C ASN B 599 29.55 -51.73 -14.02
N ILE B 600 28.44 -51.27 -13.39
CA ILE B 600 28.47 -50.20 -12.40
C ILE B 600 27.83 -50.63 -11.09
N ALA B 601 26.66 -51.31 -11.17
CA ALA B 601 25.85 -51.78 -10.05
C ALA B 601 26.69 -52.41 -8.88
N PRO B 602 27.65 -53.37 -9.06
CA PRO B 602 28.34 -53.92 -7.87
C PRO B 602 29.13 -52.91 -7.06
N PHE B 603 29.71 -51.90 -7.73
CA PHE B 603 30.58 -50.90 -7.12
C PHE B 603 29.79 -49.79 -6.43
N ILE B 604 28.76 -49.23 -7.07
CA ILE B 604 27.97 -48.16 -6.46
C ILE B 604 27.04 -48.72 -5.34
N ASN B 605 26.48 -49.93 -5.53
CA ASN B 605 25.56 -50.55 -4.56
C ASN B 605 26.20 -50.78 -3.18
N GLN B 606 27.55 -50.75 -3.09
CA GLN B 606 28.29 -50.93 -1.83
C GLN B 606 28.12 -49.75 -0.89
N PHE B 607 27.82 -48.55 -1.44
CA PHE B 607 27.67 -47.31 -0.67
C PHE B 607 26.24 -47.07 -0.19
N GLN B 608 25.42 -48.12 -0.16
CA GLN B 608 24.08 -47.96 0.35
C GLN B 608 24.05 -48.15 1.87
N VAL B 609 23.09 -47.50 2.52
CA VAL B 609 22.83 -47.51 3.96
C VAL B 609 21.63 -48.48 4.23
N PRO B 610 21.58 -49.22 5.36
CA PRO B 610 20.47 -50.17 5.57
C PRO B 610 19.10 -49.52 5.86
N ILE B 611 19.11 -48.30 6.45
CA ILE B 611 17.84 -47.63 6.77
C ILE B 611 17.61 -46.42 5.88
N ARG B 612 16.45 -46.37 5.22
N ARG B 612 16.44 -46.34 5.22
CA ARG B 612 15.99 -45.27 4.38
CA ARG B 612 16.03 -45.23 4.37
C ARG B 612 15.17 -44.40 5.34
C ARG B 612 15.10 -44.34 5.19
N VAL B 613 15.60 -43.15 5.54
CA VAL B 613 14.94 -42.16 6.40
C VAL B 613 14.26 -41.09 5.56
N PHE B 614 13.43 -40.23 6.19
CA PHE B 614 12.64 -39.16 5.55
C PHE B 614 11.77 -39.73 4.43
N LEU B 615 11.18 -40.91 4.69
CA LEU B 615 10.33 -41.59 3.71
C LEU B 615 8.88 -41.11 3.78
N ASP B 616 8.35 -40.80 2.62
CA ASP B 616 6.98 -40.43 2.45
C ASP B 616 6.29 -41.71 2.02
N LEU B 617 5.95 -42.55 3.01
CA LEU B 617 5.35 -43.88 2.84
C LEU B 617 4.07 -43.84 2.02
N SER B 618 3.16 -42.86 2.23
CA SER B 618 1.88 -42.78 1.48
C SER B 618 2.02 -42.56 -0.04
N SER B 619 3.16 -42.04 -0.51
CA SER B 619 3.46 -41.73 -1.90
C SER B 619 4.25 -42.85 -2.61
N LEU B 620 4.69 -43.83 -1.83
CA LEU B 620 5.49 -44.96 -2.26
C LEU B 620 4.67 -46.15 -2.80
N PRO B 621 4.82 -46.50 -4.10
CA PRO B 621 4.09 -47.67 -4.64
C PRO B 621 4.63 -48.94 -3.95
N CYS B 622 3.70 -49.61 -3.20
CA CYS B 622 3.90 -50.79 -2.33
C CYS B 622 2.81 -51.85 -2.50
N ILE B 623 3.20 -53.13 -2.37
CA ILE B 623 2.27 -54.25 -2.29
C ILE B 623 2.37 -54.78 -0.84
N PRO B 624 1.27 -54.74 -0.05
CA PRO B 624 1.35 -55.26 1.34
C PRO B 624 1.45 -56.79 1.36
N LEU B 625 2.41 -57.34 2.14
CA LEU B 625 2.57 -58.80 2.26
C LEU B 625 2.13 -59.27 3.63
N SER B 626 1.93 -58.33 4.52
CA SER B 626 1.43 -58.59 5.86
C SER B 626 0.58 -57.43 6.26
N LYS B 627 -0.15 -57.59 7.37
CA LYS B 627 -0.91 -56.51 7.97
C LYS B 627 0.10 -55.77 8.88
N PRO B 628 -0.05 -54.46 9.19
CA PRO B 628 0.94 -53.81 10.08
C PRO B 628 0.91 -54.47 11.46
N VAL B 629 2.06 -54.59 12.13
CA VAL B 629 2.07 -55.18 13.46
C VAL B 629 3.07 -54.45 14.35
N GLU B 630 2.82 -54.52 15.67
CA GLU B 630 3.66 -53.91 16.69
C GLU B 630 5.00 -54.64 16.75
N LEU B 631 6.08 -53.88 16.55
CA LEU B 631 7.43 -54.42 16.56
C LEU B 631 8.16 -54.16 17.87
N LEU B 632 7.84 -53.06 18.55
CA LEU B 632 8.55 -52.62 19.76
C LEU B 632 7.69 -51.66 20.59
N ARG B 633 7.98 -51.61 21.88
CA ARG B 633 7.37 -50.69 22.83
C ARG B 633 8.50 -49.87 23.49
N LEU B 634 8.47 -48.55 23.31
CA LEU B 634 9.44 -47.68 23.98
C LEU B 634 8.65 -46.94 25.07
N ASP B 635 8.85 -47.32 26.32
CA ASP B 635 8.09 -46.79 27.45
C ASP B 635 8.88 -45.78 28.26
N LEU B 636 8.39 -44.52 28.28
CA LEU B 636 9.05 -43.44 29.02
C LEU B 636 8.65 -43.42 30.51
N MET B 637 7.38 -43.70 30.84
CA MET B 637 6.94 -43.74 32.24
C MET B 637 7.37 -45.02 32.96
N THR B 638 7.36 -46.17 32.26
CA THR B 638 7.70 -47.47 32.87
C THR B 638 8.80 -48.20 32.08
N PRO B 639 10.11 -47.82 32.20
CA PRO B 639 11.16 -48.49 31.42
C PRO B 639 11.26 -50.00 31.63
N TYR B 640 10.70 -50.54 32.73
CA TYR B 640 10.68 -51.97 33.03
C TYR B 640 9.93 -52.72 31.91
N LEU B 641 9.08 -52.01 31.11
CA LEU B 641 8.28 -52.59 30.03
C LEU B 641 8.97 -52.59 28.64
N ASN B 642 10.19 -52.01 28.54
CA ASN B 642 11.04 -52.04 27.35
C ASN B 642 11.60 -53.46 27.17
N THR B 643 11.95 -53.85 25.94
CA THR B 643 12.58 -55.15 25.69
C THR B 643 13.75 -54.94 24.74
N SER B 644 14.94 -55.41 25.14
CA SER B 644 16.13 -55.29 24.30
C SER B 644 16.10 -56.26 23.11
N ASN B 645 15.90 -57.55 23.40
CA ASN B 645 16.01 -58.65 22.46
C ASN B 645 14.68 -59.37 22.34
N ARG B 646 14.02 -59.21 21.20
CA ARG B 646 12.71 -59.82 20.92
C ARG B 646 12.69 -60.37 19.47
N GLU B 647 11.94 -61.46 19.27
CA GLU B 647 11.65 -62.02 17.95
C GLU B 647 10.14 -61.85 17.73
N VAL B 648 9.73 -61.40 16.55
CA VAL B 648 8.32 -61.18 16.21
C VAL B 648 8.02 -62.08 15.02
N LYS B 649 6.99 -62.94 15.20
CA LYS B 649 6.45 -63.86 14.19
C LYS B 649 5.39 -63.07 13.42
N VAL B 650 5.68 -62.77 12.16
CA VAL B 650 4.83 -61.97 11.28
C VAL B 650 4.10 -62.91 10.36
N TYR B 651 2.77 -62.86 10.35
CA TYR B 651 2.02 -63.70 9.45
C TYR B 651 2.06 -63.12 8.03
N VAL B 652 2.53 -63.91 7.07
CA VAL B 652 2.57 -63.52 5.67
C VAL B 652 1.17 -63.75 5.07
N CYS B 653 0.50 -62.66 4.72
CA CYS B 653 -0.84 -62.67 4.13
C CYS B 653 -0.80 -62.95 2.66
N LYS B 654 0.26 -62.48 1.99
CA LYS B 654 0.34 -62.55 0.54
C LYS B 654 1.72 -62.97 0.07
N SER B 655 1.76 -63.89 -0.91
CA SER B 655 2.99 -64.36 -1.54
C SER B 655 3.58 -63.22 -2.35
N GLY B 656 4.88 -63.05 -2.24
CA GLY B 656 5.57 -61.99 -2.94
C GLY B 656 7.04 -61.94 -2.62
N ARG B 657 7.72 -60.96 -3.21
CA ARG B 657 9.14 -60.72 -3.03
C ARG B 657 9.28 -59.60 -2.03
N LEU B 658 9.62 -59.94 -0.77
CA LEU B 658 9.81 -58.95 0.29
C LEU B 658 11.05 -58.11 0.00
N THR B 659 10.88 -56.78 -0.12
CA THR B 659 12.00 -55.88 -0.41
C THR B 659 12.30 -54.89 0.72
N ALA B 660 11.31 -54.61 1.56
CA ALA B 660 11.44 -53.62 2.63
C ALA B 660 10.46 -53.81 3.76
N ILE B 661 10.87 -53.27 4.92
CA ILE B 661 10.03 -53.23 6.12
C ILE B 661 9.84 -51.74 6.51
N PRO B 662 8.81 -51.05 5.95
CA PRO B 662 8.52 -49.68 6.41
C PRO B 662 8.09 -49.70 7.88
N PHE B 663 8.38 -48.65 8.61
CA PHE B 663 7.99 -48.57 10.02
C PHE B 663 7.64 -47.13 10.42
N TRP B 664 6.79 -47.01 11.45
CA TRP B 664 6.27 -45.73 11.97
C TRP B 664 5.85 -45.94 13.40
N TYR B 665 5.23 -44.93 14.03
CA TYR B 665 4.92 -45.06 15.45
C TYR B 665 3.54 -44.59 15.84
N HIS B 666 3.05 -45.16 16.97
CA HIS B 666 1.84 -44.75 17.67
C HIS B 666 2.34 -44.17 19.01
N MET B 667 2.21 -42.87 19.17
CA MET B 667 2.68 -42.20 20.39
C MET B 667 1.52 -42.04 21.34
N TYR B 668 1.59 -42.74 22.48
CA TYR B 668 0.52 -42.70 23.46
C TYR B 668 0.75 -41.62 24.49
N LEU B 669 -0.08 -40.57 24.46
CA LEU B 669 -0.03 -39.49 25.42
C LEU B 669 -0.60 -39.99 26.75
N ASP B 670 -1.59 -40.88 26.66
CA ASP B 670 -2.19 -41.63 27.76
C ASP B 670 -2.76 -42.91 27.15
N GLU B 671 -3.50 -43.71 27.94
CA GLU B 671 -4.03 -45.00 27.46
C GLU B 671 -5.08 -44.85 26.35
N GLU B 672 -5.72 -43.68 26.24
CA GLU B 672 -6.75 -43.44 25.23
C GLU B 672 -6.29 -42.58 24.06
N ILE B 673 -5.39 -41.60 24.31
CA ILE B 673 -4.98 -40.66 23.26
C ILE B 673 -3.64 -41.06 22.68
N ARG B 674 -3.67 -41.30 21.37
CA ARG B 674 -2.47 -41.67 20.62
C ARG B 674 -2.38 -40.89 19.31
N LEU B 675 -1.15 -40.55 18.96
CA LEU B 675 -0.80 -39.85 17.74
C LEU B 675 -0.15 -40.85 16.79
N ASP B 676 -0.36 -40.67 15.49
CA ASP B 676 0.14 -41.60 14.49
C ASP B 676 1.08 -40.82 13.58
N THR B 677 2.37 -41.22 13.54
CA THR B 677 3.39 -40.53 12.76
C THR B 677 3.26 -40.81 11.24
N SER B 678 2.36 -41.74 10.87
CA SER B 678 2.05 -42.08 9.47
C SER B 678 0.73 -41.44 9.04
N SER B 679 0.01 -40.72 9.93
CA SER B 679 -1.26 -40.08 9.61
C SER B 679 -1.10 -39.04 8.50
N GLU B 680 -2.20 -38.72 7.81
CA GLU B 680 -2.26 -37.80 6.70
C GLU B 680 -1.72 -36.40 7.03
N ALA B 681 -2.07 -35.85 8.21
CA ALA B 681 -1.62 -34.54 8.67
C ALA B 681 -0.30 -34.62 9.48
N SER B 682 0.34 -35.83 9.60
CA SER B 682 1.61 -35.99 10.34
C SER B 682 2.70 -35.07 9.78
N HIS B 683 3.48 -34.46 10.69
CA HIS B 683 4.61 -33.58 10.36
C HIS B 683 5.93 -34.37 10.46
N TRP B 684 5.83 -35.66 10.83
CA TRP B 684 6.96 -36.57 10.85
C TRP B 684 6.94 -37.35 9.54
N LYS B 685 8.11 -37.77 9.05
CA LYS B 685 8.17 -38.65 7.88
C LYS B 685 8.29 -40.06 8.47
N GLN B 686 8.25 -41.08 7.61
CA GLN B 686 8.42 -42.45 8.07
C GLN B 686 9.78 -42.95 7.60
N ALA B 687 10.05 -44.24 7.77
CA ALA B 687 11.34 -44.83 7.43
C ALA B 687 11.12 -46.30 7.05
N ALA B 688 12.17 -46.95 6.49
CA ALA B 688 12.06 -48.36 6.10
C ALA B 688 13.38 -49.00 6.13
N VAL B 689 13.37 -50.29 6.53
CA VAL B 689 14.56 -51.12 6.43
C VAL B 689 14.47 -51.67 5.00
N VAL B 690 15.45 -51.38 4.14
CA VAL B 690 15.39 -51.89 2.77
C VAL B 690 16.41 -53.05 2.69
N LEU B 691 15.95 -54.23 2.21
CA LEU B 691 16.81 -55.43 2.14
C LEU B 691 17.80 -55.38 0.99
N ASP B 692 19.04 -55.79 1.27
CA ASP B 692 20.14 -55.91 0.29
C ASP B 692 19.72 -56.95 -0.75
N ASN B 693 19.19 -58.08 -0.27
CA ASN B 693 18.72 -59.16 -1.12
C ASN B 693 17.25 -59.48 -0.82
N PRO B 694 16.33 -59.18 -1.76
CA PRO B 694 14.91 -59.49 -1.52
C PRO B 694 14.66 -60.99 -1.23
N ILE B 695 13.66 -61.26 -0.40
CA ILE B 695 13.33 -62.61 0.06
C ILE B 695 11.97 -62.97 -0.44
N GLN B 696 11.84 -64.16 -1.04
CA GLN B 696 10.58 -64.71 -1.49
C GLN B 696 9.83 -65.23 -0.26
N VAL B 697 8.63 -64.69 -0.01
CA VAL B 697 7.78 -65.10 1.09
C VAL B 697 6.47 -65.70 0.53
N GLU B 698 5.88 -66.65 1.27
CA GLU B 698 4.65 -67.34 0.86
C GLU B 698 3.52 -67.11 1.85
N MET B 699 2.30 -66.88 1.32
CA MET B 699 1.07 -66.70 2.07
C MET B 699 0.92 -67.90 3.06
N GLY B 700 0.66 -67.60 4.34
CA GLY B 700 0.49 -68.62 5.36
C GLY B 700 1.72 -68.91 6.19
N GLU B 701 2.88 -68.34 5.81
CA GLU B 701 4.08 -68.57 6.61
C GLU B 701 4.21 -67.49 7.66
N GLU B 702 4.94 -67.79 8.74
CA GLU B 702 5.22 -66.84 9.79
C GLU B 702 6.69 -66.43 9.68
N LEU B 703 6.94 -65.23 9.14
CA LEU B 703 8.29 -64.70 9.01
C LEU B 703 8.80 -64.18 10.37
N VAL B 704 10.01 -64.57 10.77
CA VAL B 704 10.54 -64.11 12.06
C VAL B 704 11.43 -62.88 11.85
N LEU B 705 11.10 -61.79 12.54
CA LEU B 705 11.88 -60.56 12.53
C LEU B 705 12.59 -60.46 13.86
N SER B 706 13.90 -60.17 13.86
CA SER B 706 14.68 -59.96 15.07
C SER B 706 14.71 -58.46 15.28
N ILE B 707 14.24 -57.98 16.46
CA ILE B 707 14.13 -56.55 16.81
C ILE B 707 15.03 -56.33 18.03
N GLN B 708 16.07 -55.55 17.81
CA GLN B 708 17.11 -55.31 18.77
C GLN B 708 17.10 -53.85 19.16
N HIS B 709 16.77 -53.58 20.44
CA HIS B 709 16.67 -52.19 20.91
C HIS B 709 17.71 -51.88 22.01
N HIS B 710 18.52 -50.84 21.78
CA HIS B 710 19.48 -50.31 22.74
C HIS B 710 19.38 -48.78 22.66
N LYS B 711 18.81 -48.15 23.72
CA LYS B 711 18.59 -46.70 23.86
C LYS B 711 17.75 -46.15 22.69
N SER B 712 18.35 -45.43 21.74
CA SER B 712 17.62 -44.82 20.63
C SER B 712 17.79 -45.62 19.32
N ASN B 713 18.54 -46.70 19.36
CA ASN B 713 18.75 -47.53 18.20
C ASN B 713 17.81 -48.71 18.19
N VAL B 714 17.28 -49.00 17.00
CA VAL B 714 16.47 -50.15 16.74
C VAL B 714 17.00 -50.80 15.48
N SER B 715 17.37 -52.06 15.58
CA SER B 715 17.80 -52.88 14.45
C SER B 715 16.66 -53.85 14.14
N ILE B 716 16.25 -53.95 12.86
CA ILE B 716 15.21 -54.86 12.37
C ILE B 716 15.84 -55.73 11.28
N THR B 717 15.85 -57.04 11.48
CA THR B 717 16.39 -57.94 10.47
C THR B 717 15.48 -59.15 10.39
N VAL B 718 15.52 -59.87 9.25
CA VAL B 718 14.79 -61.12 8.99
C VAL B 718 15.73 -62.23 9.47
N LYS B 719 15.23 -63.12 10.32
CA LYS B 719 16.00 -64.24 10.87
C LYS B 719 15.75 -65.53 10.11
N VAL C 24 -45.94 6.70 -39.64
CA VAL C 24 -44.87 6.24 -40.52
C VAL C 24 -43.53 6.09 -39.76
N GLU C 25 -42.70 5.13 -40.18
CA GLU C 25 -41.38 4.83 -39.62
C GLU C 25 -40.28 5.28 -40.58
N ARG C 26 -39.15 5.75 -40.02
CA ARG C 26 -38.00 6.31 -40.73
C ARG C 26 -37.41 5.41 -41.82
N TRP C 27 -37.39 4.07 -41.61
CA TRP C 27 -36.82 3.13 -42.58
C TRP C 27 -37.54 3.15 -43.93
N HIS C 28 -38.81 3.62 -43.99
CA HIS C 28 -39.53 3.71 -45.26
C HIS C 28 -38.87 4.70 -46.23
N PHE C 29 -38.36 5.84 -45.72
CA PHE C 29 -37.72 6.88 -46.53
C PHE C 29 -36.40 6.38 -47.13
N ILE C 30 -35.57 5.72 -46.30
CA ILE C 30 -34.26 5.14 -46.65
C ILE C 30 -34.39 4.08 -47.78
N MET C 31 -35.31 3.11 -47.59
CA MET C 31 -35.59 2.01 -48.51
C MET C 31 -36.12 2.48 -49.87
N LEU C 32 -37.11 3.41 -49.86
CA LEU C 32 -37.71 3.94 -51.08
C LEU C 32 -36.71 4.79 -51.89
N ASN C 33 -35.74 5.40 -51.21
CA ASN C 33 -34.65 6.15 -51.84
C ASN C 33 -33.59 5.21 -52.43
N ASP C 34 -33.59 3.92 -52.01
CA ASP C 34 -32.62 2.95 -52.50
C ASP C 34 -33.05 2.40 -53.87
N THR C 35 -32.59 3.10 -54.95
CA THR C 35 -32.87 2.77 -56.36
C THR C 35 -32.46 1.33 -56.69
N LYS C 36 -31.30 0.87 -56.17
CA LYS C 36 -30.78 -0.49 -56.39
C LYS C 36 -31.77 -1.54 -55.86
N ARG C 37 -32.25 -1.38 -54.60
CA ARG C 37 -33.23 -2.26 -53.95
C ARG C 37 -34.53 -2.35 -54.78
N ASN C 38 -35.08 -1.19 -55.18
CA ASN C 38 -36.30 -1.07 -55.98
C ASN C 38 -36.14 -1.76 -57.35
N THR C 39 -34.95 -1.63 -57.98
CA THR C 39 -34.59 -2.24 -59.28
C THR C 39 -34.57 -3.78 -59.18
N ILE C 40 -33.88 -4.33 -58.15
CA ILE C 40 -33.75 -5.78 -57.90
C ILE C 40 -35.14 -6.41 -57.67
N TYR C 41 -35.97 -5.77 -56.83
CA TYR C 41 -37.31 -6.26 -56.51
C TYR C 41 -38.24 -6.19 -57.73
N ASN C 42 -38.20 -5.08 -58.49
CA ASN C 42 -39.01 -4.92 -59.70
C ASN C 42 -38.60 -5.94 -60.77
N ALA C 43 -37.29 -6.19 -60.95
CA ALA C 43 -36.80 -7.15 -61.95
C ALA C 43 -37.17 -8.60 -61.63
N ALA C 44 -37.29 -8.95 -60.34
CA ALA C 44 -37.67 -10.29 -59.86
C ALA C 44 -39.18 -10.47 -60.02
N ILE C 45 -39.96 -9.40 -59.73
CA ILE C 45 -41.42 -9.43 -59.86
C ILE C 45 -41.78 -9.48 -61.33
N GLN C 46 -41.11 -8.66 -62.20
CA GLN C 46 -41.30 -8.62 -63.67
C GLN C 46 -41.03 -10.02 -64.24
N LYS C 47 -39.90 -10.63 -63.83
CA LYS C 47 -39.46 -11.98 -64.21
C LYS C 47 -40.55 -13.01 -63.89
N ALA C 48 -41.09 -12.99 -62.64
CA ALA C 48 -42.11 -13.93 -62.14
C ALA C 48 -43.47 -13.77 -62.87
N VAL C 49 -43.93 -12.51 -63.06
CA VAL C 49 -45.21 -12.19 -63.73
C VAL C 49 -45.15 -12.64 -65.22
N CYS C 50 -44.04 -12.34 -65.94
CA CYS C 50 -43.85 -12.73 -67.34
C CYS C 50 -43.72 -14.26 -67.47
N LEU C 51 -43.36 -14.96 -66.36
CA LEU C 51 -43.25 -16.42 -66.33
C LEU C 51 -44.62 -17.11 -66.11
N GLY C 52 -45.67 -16.33 -65.86
CA GLY C 52 -47.01 -16.88 -65.68
C GLY C 52 -47.81 -16.49 -64.45
N SER C 53 -47.12 -16.20 -63.31
CA SER C 53 -47.75 -15.84 -62.03
C SER C 53 -48.51 -14.49 -62.13
N LYS C 54 -49.81 -14.57 -62.52
CA LYS C 54 -50.67 -13.41 -62.75
C LYS C 54 -51.49 -13.00 -61.50
N SER C 55 -51.69 -13.92 -60.54
CA SER C 55 -52.35 -13.63 -59.27
C SER C 55 -51.26 -13.38 -58.23
N VAL C 56 -51.20 -12.16 -57.67
CA VAL C 56 -50.16 -11.78 -56.71
C VAL C 56 -50.71 -11.26 -55.39
N LEU C 57 -50.06 -11.66 -54.29
CA LEU C 57 -50.36 -11.17 -52.94
C LEU C 57 -49.09 -10.57 -52.32
N ASP C 58 -49.16 -9.27 -52.02
CA ASP C 58 -48.10 -8.50 -51.38
C ASP C 58 -48.36 -8.51 -49.87
N ILE C 59 -47.49 -9.19 -49.09
CA ILE C 59 -47.61 -9.26 -47.63
C ILE C 59 -46.75 -8.15 -47.02
N GLY C 60 -47.41 -7.19 -46.40
CA GLY C 60 -46.75 -6.04 -45.78
C GLY C 60 -46.41 -4.97 -46.78
N ALA C 61 -47.43 -4.56 -47.55
CA ALA C 61 -47.44 -3.61 -48.69
C ALA C 61 -46.65 -2.31 -48.48
N GLY C 62 -46.76 -1.70 -47.30
CA GLY C 62 -46.11 -0.43 -46.99
C GLY C 62 -46.81 0.68 -47.75
N THR C 63 -46.10 1.28 -48.73
CA THR C 63 -46.67 2.31 -49.62
C THR C 63 -47.34 1.65 -50.84
N GLY C 64 -47.15 0.33 -50.99
CA GLY C 64 -47.69 -0.48 -52.08
C GLY C 64 -46.81 -0.55 -53.32
N ILE C 65 -45.51 -0.24 -53.20
CA ILE C 65 -44.52 -0.20 -54.29
C ILE C 65 -44.37 -1.57 -55.01
N LEU C 66 -44.32 -2.69 -54.27
CA LEU C 66 -44.18 -4.04 -54.87
C LEU C 66 -45.44 -4.44 -55.63
N SER C 67 -46.63 -3.98 -55.17
CA SER C 67 -47.93 -4.23 -55.80
C SER C 67 -48.04 -3.50 -57.13
N MET C 68 -47.52 -2.26 -57.19
CA MET C 68 -47.52 -1.43 -58.39
C MET C 68 -46.54 -2.01 -59.41
N PHE C 69 -45.40 -2.59 -58.92
CA PHE C 69 -44.42 -3.28 -59.77
C PHE C 69 -45.08 -4.48 -60.43
N ALA C 70 -45.88 -5.26 -59.67
CA ALA C 70 -46.60 -6.45 -60.13
C ALA C 70 -47.63 -6.12 -61.20
N LYS C 71 -48.42 -5.05 -60.99
CA LYS C 71 -49.45 -4.58 -61.91
C LYS C 71 -48.84 -4.02 -63.21
N LYS C 72 -47.73 -3.25 -63.12
CA LYS C 72 -47.00 -2.70 -64.27
C LYS C 72 -46.39 -3.82 -65.12
N ALA C 73 -45.95 -4.91 -64.47
CA ALA C 73 -45.36 -6.10 -65.11
C ALA C 73 -46.38 -6.87 -65.94
N GLY C 74 -47.66 -6.73 -65.60
CA GLY C 74 -48.78 -7.37 -66.30
C GLY C 74 -49.60 -8.37 -65.52
N ALA C 75 -49.63 -8.27 -64.17
CA ALA C 75 -50.41 -9.17 -63.32
C ALA C 75 -51.90 -8.92 -63.51
N HIS C 76 -52.70 -10.00 -63.57
CA HIS C 76 -54.15 -9.92 -63.80
C HIS C 76 -54.90 -9.52 -62.53
N SER C 77 -54.46 -10.01 -61.36
CA SER C 77 -55.06 -9.69 -60.07
C SER C 77 -53.98 -9.49 -59.01
N VAL C 78 -53.96 -8.30 -58.37
CA VAL C 78 -52.99 -7.93 -57.33
C VAL C 78 -53.71 -7.57 -56.04
N TYR C 79 -53.28 -8.19 -54.93
CA TYR C 79 -53.82 -7.95 -53.59
C TYR C 79 -52.68 -7.54 -52.69
N ALA C 80 -52.83 -6.43 -51.96
CA ALA C 80 -51.80 -5.93 -51.06
C ALA C 80 -52.37 -5.81 -49.67
N CYS C 81 -51.79 -6.52 -48.69
CA CYS C 81 -52.27 -6.41 -47.32
C CYS C 81 -51.27 -5.62 -46.47
N GLU C 82 -51.79 -4.76 -45.58
CA GLU C 82 -51.01 -3.92 -44.68
C GLU C 82 -51.67 -3.88 -43.31
N LEU C 83 -50.92 -4.38 -42.30
CA LEU C 83 -51.23 -4.47 -40.88
C LEU C 83 -51.55 -3.06 -40.30
N SER C 84 -50.62 -2.10 -40.52
CA SER C 84 -50.70 -0.73 -40.05
C SER C 84 -51.78 0.07 -40.78
N LYS C 85 -52.60 0.84 -40.01
CA LYS C 85 -53.67 1.70 -40.50
C LYS C 85 -53.12 2.87 -41.32
N THR C 86 -52.08 3.56 -40.81
CA THR C 86 -51.44 4.73 -41.43
C THR C 86 -50.77 4.36 -42.76
N MET C 87 -50.11 3.20 -42.80
CA MET C 87 -49.43 2.69 -44.00
C MET C 87 -50.45 2.24 -45.06
N TYR C 88 -51.55 1.58 -44.62
CA TYR C 88 -52.65 1.14 -45.47
C TYR C 88 -53.29 2.34 -46.16
N GLU C 89 -53.65 3.37 -45.38
CA GLU C 89 -54.29 4.60 -45.87
C GLU C 89 -53.39 5.32 -46.87
N LEU C 90 -52.07 5.38 -46.57
CA LEU C 90 -51.08 6.00 -47.46
C LEU C 90 -50.98 5.21 -48.77
N ALA C 91 -50.94 3.86 -48.70
CA ALA C 91 -50.87 2.96 -49.86
C ALA C 91 -52.10 3.12 -50.77
N CYS C 92 -53.31 3.29 -50.17
CA CYS C 92 -54.56 3.53 -50.92
C CYS C 92 -54.42 4.78 -51.79
N ASP C 93 -53.88 5.87 -51.21
CA ASP C 93 -53.67 7.15 -51.88
C ASP C 93 -52.56 7.07 -52.95
N VAL C 94 -51.41 6.41 -52.64
CA VAL C 94 -50.28 6.24 -53.59
C VAL C 94 -50.75 5.48 -54.86
N VAL C 95 -51.39 4.31 -54.68
CA VAL C 95 -51.91 3.45 -55.76
C VAL C 95 -52.91 4.23 -56.65
N ALA C 96 -53.84 4.99 -56.02
CA ALA C 96 -54.82 5.83 -56.70
C ALA C 96 -54.17 6.98 -57.47
N ALA C 97 -53.10 7.58 -56.89
CA ALA C 97 -52.35 8.67 -57.53
C ALA C 97 -51.53 8.17 -58.71
N ASN C 98 -51.19 6.86 -58.72
CA ASN C 98 -50.42 6.23 -59.80
C ASN C 98 -51.35 5.54 -60.83
N LYS C 99 -52.67 5.87 -60.76
CA LYS C 99 -53.77 5.40 -61.62
C LYS C 99 -53.85 3.86 -61.67
N MET C 100 -53.74 3.21 -60.50
CA MET C 100 -53.78 1.76 -60.41
C MET C 100 -54.86 1.27 -59.43
N GLU C 101 -55.86 2.14 -59.10
CA GLU C 101 -57.01 1.86 -58.21
C GLU C 101 -57.79 0.60 -58.61
N ALA C 102 -58.06 0.44 -59.93
CA ALA C 102 -58.82 -0.67 -60.51
C ALA C 102 -58.05 -2.00 -60.53
N GLY C 103 -56.73 -1.93 -60.63
CA GLY C 103 -55.87 -3.10 -60.72
C GLY C 103 -55.32 -3.68 -59.43
N ILE C 104 -55.27 -2.87 -58.36
CA ILE C 104 -54.75 -3.30 -57.06
C ILE C 104 -55.79 -3.14 -55.95
N LYS C 105 -56.07 -4.24 -55.23
CA LYS C 105 -57.00 -4.25 -54.11
C LYS C 105 -56.19 -4.26 -52.80
N LEU C 106 -56.25 -3.13 -52.05
CA LEU C 106 -55.57 -2.95 -50.77
C LEU C 106 -56.47 -3.43 -49.63
N LEU C 107 -55.88 -4.16 -48.67
CA LEU C 107 -56.57 -4.73 -47.52
C LEU C 107 -55.91 -4.32 -46.22
N HIS C 108 -56.69 -3.72 -45.29
CA HIS C 108 -56.20 -3.33 -43.96
C HIS C 108 -56.39 -4.52 -43.04
N THR C 109 -55.35 -5.36 -42.97
CA THR C 109 -55.32 -6.60 -42.16
C THR C 109 -53.90 -7.18 -42.12
N LYS C 110 -53.67 -8.07 -41.15
CA LYS C 110 -52.45 -8.86 -41.10
C LYS C 110 -52.79 -10.01 -42.08
N SER C 111 -51.79 -10.53 -42.82
CA SER C 111 -52.00 -11.61 -43.79
C SER C 111 -52.57 -12.88 -43.15
N LEU C 112 -52.33 -13.08 -41.83
CA LEU C 112 -52.80 -14.23 -41.05
C LEU C 112 -54.32 -14.27 -40.93
N ASP C 113 -54.97 -13.10 -41.06
CA ASP C 113 -56.41 -12.97 -40.92
C ASP C 113 -57.13 -12.98 -42.29
N ILE C 114 -56.37 -13.16 -43.40
CA ILE C 114 -56.94 -13.25 -44.74
C ILE C 114 -57.53 -14.66 -44.91
N GLU C 115 -58.80 -14.72 -45.33
CA GLU C 115 -59.56 -15.95 -45.59
C GLU C 115 -60.04 -15.97 -47.02
N ILE C 116 -60.08 -17.16 -47.64
CA ILE C 116 -60.56 -17.35 -49.02
C ILE C 116 -61.90 -18.15 -48.96
N PRO C 117 -62.99 -17.71 -49.65
CA PRO C 117 -63.10 -16.57 -50.56
C PRO C 117 -63.55 -15.25 -49.91
N LYS C 118 -63.66 -15.22 -48.57
CA LYS C 118 -64.14 -14.07 -47.77
C LYS C 118 -63.42 -12.75 -48.10
N HIS C 119 -62.06 -12.74 -48.14
CA HIS C 119 -61.27 -11.53 -48.39
C HIS C 119 -60.62 -11.55 -49.78
N ILE C 120 -60.06 -12.70 -50.19
CA ILE C 120 -59.45 -12.92 -51.50
C ILE C 120 -60.24 -14.07 -52.15
N PRO C 121 -60.74 -13.93 -53.41
CA PRO C 121 -61.60 -14.97 -53.99
C PRO C 121 -60.92 -16.31 -54.29
N GLU C 122 -59.65 -16.30 -54.72
CA GLU C 122 -58.94 -17.52 -55.07
C GLU C 122 -57.52 -17.51 -54.54
N ARG C 123 -56.94 -18.72 -54.31
CA ARG C 123 -55.55 -18.88 -53.87
C ARG C 123 -54.63 -18.26 -54.94
N VAL C 124 -53.63 -17.50 -54.50
CA VAL C 124 -52.72 -16.81 -55.43
C VAL C 124 -51.55 -17.71 -55.79
N SER C 125 -50.90 -17.40 -56.94
CA SER C 125 -49.75 -18.14 -57.44
C SER C 125 -48.43 -17.50 -56.98
N LEU C 126 -48.44 -16.21 -56.60
CA LEU C 126 -47.22 -15.54 -56.15
C LEU C 126 -47.41 -14.68 -54.89
N VAL C 127 -46.57 -14.95 -53.87
CA VAL C 127 -46.52 -14.15 -52.67
C VAL C 127 -45.21 -13.35 -52.72
N VAL C 128 -45.30 -12.03 -52.52
CA VAL C 128 -44.17 -11.10 -52.50
C VAL C 128 -44.19 -10.45 -51.14
N THR C 129 -43.02 -10.39 -50.46
CA THR C 129 -42.93 -9.80 -49.12
C THR C 129 -41.53 -9.23 -48.84
N GLU C 130 -41.50 -8.25 -47.95
CA GLU C 130 -40.27 -7.60 -47.49
C GLU C 130 -40.35 -7.46 -45.95
N THR C 131 -41.17 -8.35 -45.31
CA THR C 131 -41.37 -8.41 -43.86
C THR C 131 -40.16 -9.08 -43.20
N VAL C 132 -38.99 -8.44 -43.34
CA VAL C 132 -37.72 -8.93 -42.79
C VAL C 132 -37.01 -7.80 -42.06
N ASP C 133 -36.27 -8.15 -41.01
CA ASP C 133 -35.46 -7.21 -40.28
C ASP C 133 -33.98 -7.58 -40.49
N ALA C 134 -33.07 -6.92 -39.73
CA ALA C 134 -31.62 -7.16 -39.75
C ALA C 134 -31.28 -8.63 -39.40
N GLY C 135 -32.10 -9.26 -38.55
CA GLY C 135 -31.93 -10.65 -38.12
C GLY C 135 -32.72 -11.64 -38.96
N LEU C 136 -33.29 -11.11 -40.07
CA LEU C 136 -34.11 -11.75 -41.08
C LEU C 136 -35.50 -12.14 -40.57
N PHE C 137 -35.56 -12.91 -39.48
CA PHE C 137 -36.78 -13.51 -38.94
C PHE C 137 -37.60 -12.64 -37.99
N GLY C 138 -37.03 -11.55 -37.49
CA GLY C 138 -37.65 -10.65 -36.52
C GLY C 138 -39.04 -10.10 -36.75
N GLU C 139 -39.51 -10.07 -38.02
CA GLU C 139 -40.84 -9.56 -38.36
C GLU C 139 -41.85 -10.69 -38.58
N GLY C 140 -41.50 -11.92 -38.16
CA GLY C 140 -42.35 -13.10 -38.26
C GLY C 140 -42.60 -13.65 -39.66
N ILE C 141 -41.60 -13.57 -40.57
CA ILE C 141 -41.70 -14.05 -41.95
C ILE C 141 -42.04 -15.58 -41.99
N VAL C 142 -41.55 -16.37 -41.04
CA VAL C 142 -41.79 -17.81 -41.00
C VAL C 142 -43.30 -18.07 -40.73
N GLU C 143 -43.86 -17.51 -39.63
CA GLU C 143 -45.28 -17.62 -39.25
C GLU C 143 -46.22 -17.18 -40.39
N SER C 144 -45.89 -16.05 -41.05
CA SER C 144 -46.68 -15.51 -42.17
C SER C 144 -46.60 -16.40 -43.43
N LEU C 145 -45.40 -16.94 -43.75
CA LEU C 145 -45.26 -17.80 -44.94
C LEU C 145 -45.83 -19.20 -44.69
N ILE C 146 -45.85 -19.69 -43.43
CA ILE C 146 -46.48 -20.99 -43.09
C ILE C 146 -47.99 -20.88 -43.31
N HIS C 147 -48.60 -19.73 -42.90
CA HIS C 147 -50.03 -19.48 -43.09
C HIS C 147 -50.33 -19.31 -44.58
N ALA C 148 -49.44 -18.63 -45.32
CA ALA C 148 -49.61 -18.37 -46.75
C ALA C 148 -49.60 -19.67 -47.55
N TRP C 149 -48.65 -20.59 -47.27
CA TRP C 149 -48.56 -21.87 -47.96
C TRP C 149 -49.76 -22.78 -47.65
N GLU C 150 -50.29 -22.70 -46.42
CA GLU C 150 -51.40 -23.53 -45.97
C GLU C 150 -52.78 -23.02 -46.42
N HIS C 151 -52.94 -21.70 -46.59
CA HIS C 151 -54.28 -21.15 -46.86
C HIS C 151 -54.39 -20.17 -48.02
N LEU C 152 -53.32 -19.46 -48.39
CA LEU C 152 -53.43 -18.41 -49.41
C LEU C 152 -52.75 -18.71 -50.74
N LEU C 153 -51.82 -19.68 -50.78
CA LEU C 153 -51.06 -20.03 -51.97
C LEU C 153 -51.51 -21.31 -52.64
N LEU C 154 -51.34 -21.38 -53.99
CA LEU C 154 -51.60 -22.61 -54.75
C LEU C 154 -50.48 -23.60 -54.37
N GLN C 155 -50.68 -24.91 -54.60
CA GLN C 155 -49.71 -25.95 -54.28
C GLN C 155 -48.31 -25.66 -54.90
N PRO C 156 -47.17 -26.02 -54.25
CA PRO C 156 -45.85 -25.76 -54.86
C PRO C 156 -45.59 -26.65 -56.08
N LYS C 157 -44.52 -26.36 -56.86
CA LYS C 157 -44.13 -27.14 -58.05
C LYS C 157 -43.86 -28.61 -57.72
N THR C 158 -44.31 -29.53 -58.61
CA THR C 158 -44.17 -30.98 -58.45
C THR C 158 -42.77 -31.44 -58.85
N ASN C 164 -46.49 -22.23 -67.07
CA ASN C 164 -46.71 -23.27 -66.06
C ASN C 164 -46.75 -22.70 -64.65
N CYS C 165 -46.21 -21.47 -64.45
CA CYS C 165 -46.13 -20.78 -63.15
C CYS C 165 -47.52 -20.34 -62.65
N GLU C 166 -48.51 -20.20 -63.54
CA GLU C 166 -49.89 -19.82 -63.18
C GLU C 166 -50.60 -20.91 -62.34
N LYS C 167 -50.21 -22.18 -62.54
CA LYS C 167 -50.80 -23.36 -61.91
C LYS C 167 -50.26 -23.66 -60.50
N TYR C 168 -49.03 -23.20 -60.17
CA TYR C 168 -48.45 -23.48 -58.86
C TYR C 168 -48.06 -22.21 -58.08
N GLY C 169 -47.92 -22.36 -56.76
CA GLY C 169 -47.53 -21.27 -55.85
C GLY C 169 -46.03 -21.10 -55.70
N LYS C 170 -45.60 -19.85 -55.52
CA LYS C 170 -44.20 -19.46 -55.32
C LYS C 170 -44.09 -18.22 -54.41
N VAL C 171 -42.95 -18.06 -53.72
CA VAL C 171 -42.69 -16.93 -52.81
C VAL C 171 -41.42 -16.15 -53.22
N ILE C 172 -41.52 -14.80 -53.21
CA ILE C 172 -40.41 -13.86 -53.37
C ILE C 172 -40.31 -13.19 -51.96
N PRO C 173 -39.20 -13.32 -51.21
CA PRO C 173 -37.93 -13.99 -51.56
C PRO C 173 -38.04 -15.52 -51.54
N ALA C 174 -37.23 -16.18 -52.37
CA ALA C 174 -37.22 -17.63 -52.50
C ALA C 174 -36.50 -18.32 -51.34
N SER C 175 -35.33 -17.78 -50.93
CA SER C 175 -34.50 -18.37 -49.88
C SER C 175 -33.51 -17.36 -49.31
N ALA C 176 -32.72 -17.79 -48.32
CA ALA C 176 -31.70 -16.97 -47.67
C ALA C 176 -30.61 -17.79 -47.05
N VAL C 177 -29.41 -17.20 -46.99
CA VAL C 177 -28.22 -17.75 -46.32
C VAL C 177 -27.84 -16.69 -45.28
N ILE C 178 -27.77 -17.10 -44.00
CA ILE C 178 -27.49 -16.20 -42.89
C ILE C 178 -26.03 -16.39 -42.50
N PHE C 179 -25.31 -15.26 -42.35
CA PHE C 179 -23.89 -15.25 -41.98
C PHE C 179 -23.65 -14.56 -40.65
N GLY C 180 -22.64 -15.04 -39.93
CA GLY C 180 -22.18 -14.49 -38.66
C GLY C 180 -20.71 -14.13 -38.76
N MET C 181 -20.23 -13.28 -37.84
CA MET C 181 -18.81 -12.87 -37.79
C MET C 181 -18.46 -12.29 -36.43
N ALA C 182 -17.47 -12.90 -35.74
CA ALA C 182 -17.00 -12.42 -34.44
C ALA C 182 -16.25 -11.09 -34.64
N VAL C 183 -16.66 -10.05 -33.88
CA VAL C 183 -16.05 -8.73 -34.02
C VAL C 183 -15.66 -8.14 -32.66
N GLU C 184 -14.73 -7.19 -32.73
CA GLU C 184 -14.26 -6.33 -31.65
C GLU C 184 -14.85 -4.99 -32.03
N CYS C 185 -15.66 -4.41 -31.14
CA CYS C 185 -16.32 -3.15 -31.38
C CYS C 185 -16.62 -2.49 -30.04
N ALA C 186 -15.71 -1.58 -29.62
CA ALA C 186 -15.77 -0.84 -28.35
C ALA C 186 -17.08 -0.07 -28.19
N GLU C 187 -17.69 0.39 -29.31
CA GLU C 187 -18.97 1.10 -29.34
C GLU C 187 -20.11 0.19 -28.87
N ILE C 188 -20.12 -1.07 -29.33
CA ILE C 188 -21.12 -2.05 -28.89
C ILE C 188 -20.84 -2.41 -27.40
N ARG C 189 -19.58 -2.69 -27.07
CA ARG C 189 -19.14 -3.09 -25.72
C ARG C 189 -19.58 -2.10 -24.62
N ARG C 190 -19.41 -0.77 -24.84
CA ARG C 190 -19.79 0.24 -23.81
C ARG C 190 -21.31 0.28 -23.55
N HIS C 191 -22.11 -0.36 -24.41
CA HIS C 191 -23.56 -0.43 -24.29
C HIS C 191 -24.04 -1.76 -23.71
N HIS C 192 -23.15 -2.76 -23.53
CA HIS C 192 -23.62 -4.06 -23.03
C HIS C 192 -22.78 -4.62 -21.89
N ARG C 193 -21.56 -4.08 -21.67
CA ARG C 193 -20.69 -4.49 -20.54
C ARG C 193 -20.17 -3.29 -19.75
N VAL C 194 -20.23 -3.38 -18.41
CA VAL C 194 -19.67 -2.35 -17.53
C VAL C 194 -18.13 -2.65 -17.50
N GLY C 195 -17.33 -1.77 -18.09
CA GLY C 195 -15.90 -1.96 -18.28
C GLY C 195 -14.90 -1.53 -17.23
N ILE C 196 -15.36 -1.03 -16.10
CA ILE C 196 -14.50 -0.61 -14.99
C ILE C 196 -15.09 -1.10 -13.69
N LYS C 197 -14.23 -1.36 -12.69
CA LYS C 197 -14.65 -1.85 -11.38
C LYS C 197 -14.64 -0.71 -10.33
N ASP C 198 -14.12 0.49 -10.70
CA ASP C 198 -14.03 1.67 -9.82
C ASP C 198 -14.38 2.94 -10.58
N ILE C 199 -15.43 3.64 -10.12
CA ILE C 199 -15.91 4.87 -10.75
C ILE C 199 -15.96 6.00 -9.73
N ALA C 200 -15.22 7.08 -9.97
CA ALA C 200 -15.20 8.31 -9.16
C ALA C 200 -15.17 8.04 -7.64
N GLY C 201 -14.23 7.22 -7.22
CA GLY C 201 -14.03 6.88 -5.82
C GLY C 201 -14.89 5.77 -5.26
N ILE C 202 -15.79 5.15 -6.08
CA ILE C 202 -16.65 4.07 -5.56
C ILE C 202 -16.26 2.73 -6.21
N HIS C 203 -16.44 1.64 -5.48
CA HIS C 203 -16.14 0.33 -6.02
C HIS C 203 -17.46 -0.32 -6.44
N LEU C 204 -17.45 -0.97 -7.61
CA LEU C 204 -18.59 -1.73 -8.13
C LEU C 204 -18.23 -3.18 -7.77
N PRO C 205 -18.94 -3.80 -6.81
CA PRO C 205 -18.55 -5.13 -6.33
C PRO C 205 -18.80 -6.29 -7.29
N THR C 206 -18.09 -7.39 -7.06
CA THR C 206 -18.14 -8.64 -7.82
C THR C 206 -19.50 -9.35 -7.66
N ASN C 207 -20.18 -9.16 -6.51
CA ASN C 207 -21.46 -9.81 -6.22
C ASN C 207 -22.63 -9.12 -6.96
N VAL C 208 -22.36 -8.03 -7.70
CA VAL C 208 -23.38 -7.35 -8.52
C VAL C 208 -22.94 -7.51 -9.98
N LYS C 209 -23.65 -8.36 -10.73
CA LYS C 209 -23.37 -8.62 -12.14
C LYS C 209 -24.37 -7.84 -12.97
N PHE C 210 -23.89 -6.86 -13.74
CA PHE C 210 -24.74 -6.07 -14.60
C PHE C 210 -24.80 -6.69 -15.98
N GLN C 211 -26.01 -6.77 -16.55
CA GLN C 211 -26.25 -7.35 -17.86
C GLN C 211 -27.22 -6.49 -18.66
N SER C 212 -27.07 -6.50 -19.98
CA SER C 212 -27.95 -5.71 -20.85
C SER C 212 -29.28 -6.46 -21.12
N PRO C 213 -30.31 -5.85 -21.76
CA PRO C 213 -31.55 -6.59 -22.03
C PRO C 213 -31.37 -7.71 -23.07
N ALA C 214 -30.21 -7.73 -23.77
CA ALA C 214 -29.86 -8.75 -24.78
C ALA C 214 -29.36 -10.08 -24.15
N TYR C 215 -29.15 -10.08 -22.81
CA TYR C 215 -28.65 -11.21 -22.01
C TYR C 215 -29.75 -12.24 -21.69
N SER C 216 -29.38 -13.53 -21.66
CA SER C 216 -30.33 -14.59 -21.32
C SER C 216 -29.81 -15.62 -20.30
N SER C 217 -28.79 -16.44 -20.64
CA SER C 217 -28.30 -17.56 -19.81
C SER C 217 -29.42 -18.57 -19.50
N GLU C 222 -36.70 -16.21 -21.04
CA GLU C 222 -35.71 -15.82 -22.02
C GLU C 222 -35.83 -14.32 -22.40
N THR C 223 -34.85 -13.81 -23.20
CA THR C 223 -34.85 -12.42 -23.66
C THR C 223 -35.71 -12.28 -24.93
N ILE C 224 -36.47 -11.19 -25.04
CA ILE C 224 -37.29 -10.87 -26.22
C ILE C 224 -36.57 -9.77 -27.04
N GLU C 225 -35.30 -9.53 -26.67
CA GLU C 225 -34.40 -8.58 -27.34
C GLU C 225 -33.02 -9.28 -27.57
N PRO C 226 -32.92 -10.45 -28.29
CA PRO C 226 -31.62 -11.12 -28.40
C PRO C 226 -30.54 -10.30 -29.11
N TYR C 227 -30.94 -9.42 -30.02
CA TYR C 227 -30.01 -8.59 -30.78
C TYR C 227 -30.51 -7.19 -30.99
N THR C 228 -29.57 -6.26 -31.19
CA THR C 228 -29.88 -4.89 -31.57
C THR C 228 -29.67 -4.84 -33.10
N THR C 229 -30.06 -3.74 -33.73
CA THR C 229 -29.92 -3.50 -35.18
C THR C 229 -28.96 -2.30 -35.34
N GLU C 230 -27.87 -2.47 -36.15
CA GLU C 230 -26.84 -1.45 -36.28
C GLU C 230 -26.33 -1.25 -37.68
N LYS C 231 -26.03 0.00 -38.04
CA LYS C 231 -25.43 0.32 -39.35
C LYS C 231 -23.93 0.17 -39.14
N MET C 232 -23.44 -1.09 -39.16
CA MET C 232 -22.04 -1.40 -38.84
C MET C 232 -21.00 -0.80 -39.80
N SER C 233 -21.39 -0.40 -41.02
CA SER C 233 -20.48 0.24 -41.99
C SER C 233 -20.02 1.62 -41.51
N ARG C 234 -20.82 2.24 -40.61
CA ARG C 234 -20.57 3.56 -40.05
C ARG C 234 -20.65 3.59 -38.50
N VAL C 235 -20.38 2.46 -37.79
CA VAL C 235 -20.43 2.43 -36.32
C VAL C 235 -19.25 3.29 -35.75
N PRO C 236 -19.51 4.22 -34.78
CA PRO C 236 -18.41 5.03 -34.23
C PRO C 236 -17.26 4.17 -33.74
N GLY C 237 -16.04 4.54 -34.15
CA GLY C 237 -14.80 3.82 -33.82
C GLY C 237 -14.53 2.60 -34.69
N GLY C 238 -15.55 2.17 -35.44
CA GLY C 238 -15.48 1.01 -36.32
C GLY C 238 -15.42 -0.31 -35.58
N TYR C 239 -15.18 -1.39 -36.34
CA TYR C 239 -15.08 -2.74 -35.82
C TYR C 239 -13.93 -3.49 -36.50
N LEU C 240 -13.46 -4.57 -35.85
CA LEU C 240 -12.41 -5.43 -36.38
C LEU C 240 -12.87 -6.88 -36.41
N ALA C 241 -12.75 -7.53 -37.59
CA ALA C 241 -13.10 -8.92 -37.85
C ALA C 241 -12.12 -9.83 -37.09
N LEU C 242 -12.62 -10.62 -36.14
CA LEU C 242 -11.75 -11.49 -35.34
C LEU C 242 -11.73 -12.93 -35.90
N THR C 243 -12.73 -13.25 -36.74
CA THR C 243 -12.88 -14.53 -37.43
C THR C 243 -13.28 -14.18 -38.87
N GLU C 244 -13.27 -15.18 -39.76
CA GLU C 244 -13.76 -15.00 -41.13
C GLU C 244 -15.29 -15.04 -41.06
N CYS C 245 -15.98 -14.72 -42.16
CA CYS C 245 -17.44 -14.82 -42.18
C CYS C 245 -17.80 -16.30 -42.30
N PHE C 246 -18.81 -16.72 -41.54
CA PHE C 246 -19.26 -18.11 -41.52
C PHE C 246 -20.76 -18.19 -41.66
N GLU C 247 -21.24 -19.25 -42.28
CA GLU C 247 -22.65 -19.52 -42.48
C GLU C 247 -23.20 -19.99 -41.15
N ILE C 248 -24.31 -19.40 -40.74
CA ILE C 248 -24.93 -19.71 -39.45
C ILE C 248 -26.23 -20.49 -39.67
N MET C 249 -26.90 -20.31 -40.83
CA MET C 249 -28.19 -20.92 -41.17
C MET C 249 -28.55 -20.68 -42.65
N THR C 250 -29.41 -21.53 -43.21
CA THR C 250 -30.03 -21.40 -44.53
C THR C 250 -31.53 -21.64 -44.30
N VAL C 251 -32.37 -21.05 -45.15
CA VAL C 251 -33.82 -21.21 -45.04
C VAL C 251 -34.43 -21.18 -46.45
N ASP C 252 -35.35 -22.09 -46.73
CA ASP C 252 -36.05 -22.17 -48.01
C ASP C 252 -37.51 -21.72 -47.81
N PHE C 253 -37.81 -20.47 -48.20
CA PHE C 253 -39.13 -19.86 -48.03
C PHE C 253 -40.23 -20.54 -48.87
N ASN C 254 -39.82 -21.33 -49.90
CA ASN C 254 -40.71 -22.09 -50.78
C ASN C 254 -40.97 -23.51 -50.25
N ASN C 255 -40.30 -23.87 -49.16
CA ASN C 255 -40.40 -25.19 -48.55
C ASN C 255 -41.15 -25.10 -47.20
N LEU C 256 -42.48 -25.42 -47.25
CA LEU C 256 -43.39 -25.39 -46.10
C LEU C 256 -42.95 -26.36 -44.98
N GLN C 257 -42.50 -27.58 -45.37
CA GLN C 257 -42.05 -28.62 -44.45
C GLN C 257 -40.83 -28.16 -43.64
N GLU C 258 -39.86 -27.49 -44.30
CA GLU C 258 -38.64 -26.95 -43.70
C GLU C 258 -38.99 -25.82 -42.73
N LEU C 259 -39.96 -24.95 -43.09
CA LEU C 259 -40.42 -23.82 -42.27
C LEU C 259 -41.15 -24.31 -41.02
N LYS C 260 -42.00 -25.36 -41.15
CA LYS C 260 -42.72 -25.94 -40.02
C LYS C 260 -41.77 -26.66 -39.04
N SER C 261 -40.67 -27.26 -39.56
CA SER C 261 -39.69 -28.00 -38.76
C SER C 261 -38.81 -27.08 -37.88
N LEU C 262 -38.80 -25.76 -38.14
CA LEU C 262 -37.98 -24.80 -37.40
C LEU C 262 -38.32 -24.70 -35.93
N ALA C 263 -39.63 -24.77 -35.57
CA ALA C 263 -40.12 -24.65 -34.20
C ALA C 263 -39.57 -25.73 -33.23
N THR C 264 -39.22 -26.93 -33.75
CA THR C 264 -38.71 -28.02 -32.92
C THR C 264 -37.28 -28.47 -33.32
N LYS C 265 -36.64 -27.75 -34.26
CA LYS C 265 -35.27 -28.08 -34.69
C LYS C 265 -34.27 -27.81 -33.57
N LYS C 266 -33.47 -28.83 -33.22
CA LYS C 266 -32.44 -28.74 -32.18
C LYS C 266 -31.36 -27.71 -32.59
N PRO C 267 -30.90 -26.82 -31.67
CA PRO C 267 -29.88 -25.83 -32.05
C PRO C 267 -28.61 -26.42 -32.69
N ASP C 268 -28.04 -25.67 -33.65
CA ASP C 268 -26.84 -26.05 -34.36
C ASP C 268 -25.61 -25.55 -33.59
N LYS C 269 -24.83 -26.48 -33.03
CA LYS C 269 -23.62 -26.17 -32.28
C LYS C 269 -22.49 -25.99 -33.29
N ILE C 270 -21.91 -24.76 -33.36
CA ILE C 270 -20.84 -24.46 -34.31
C ILE C 270 -19.57 -23.96 -33.59
N GLY C 271 -18.42 -24.22 -34.21
CA GLY C 271 -17.10 -23.84 -33.73
C GLY C 271 -16.35 -23.08 -34.79
N ILE C 272 -16.00 -21.82 -34.51
CA ILE C 272 -15.36 -20.94 -35.50
C ILE C 272 -13.93 -20.60 -35.07
N PRO C 273 -12.91 -20.91 -35.93
CA PRO C 273 -11.52 -20.56 -35.57
C PRO C 273 -11.25 -19.06 -35.60
N VAL C 274 -10.43 -18.58 -34.63
CA VAL C 274 -10.06 -17.17 -34.48
C VAL C 274 -8.87 -16.88 -35.40
N ILE C 275 -8.97 -15.83 -36.22
CA ILE C 275 -7.91 -15.46 -37.19
C ILE C 275 -7.17 -14.18 -36.75
N LYS C 276 -7.71 -13.44 -35.78
CA LYS C 276 -7.12 -12.19 -35.32
C LYS C 276 -7.26 -12.03 -33.82
N GLU C 277 -6.18 -11.54 -33.16
CA GLU C 277 -6.12 -11.25 -31.73
C GLU C 277 -7.05 -10.04 -31.46
N GLY C 278 -7.79 -10.09 -30.34
CA GLY C 278 -8.72 -9.02 -29.97
C GLY C 278 -9.77 -9.35 -28.94
N ILE C 279 -10.51 -8.31 -28.51
CA ILE C 279 -11.57 -8.40 -27.49
C ILE C 279 -12.90 -8.80 -28.16
N LEU C 280 -13.47 -9.96 -27.80
CA LEU C 280 -14.74 -10.43 -28.36
C LEU C 280 -15.91 -9.58 -27.81
N ASP C 281 -16.50 -8.74 -28.67
CA ASP C 281 -17.58 -7.83 -28.26
C ASP C 281 -18.97 -8.22 -28.78
N ALA C 282 -19.04 -8.81 -29.97
CA ALA C 282 -20.33 -9.18 -30.57
C ALA C 282 -20.16 -10.21 -31.65
N ILE C 283 -21.28 -10.78 -32.11
CA ILE C 283 -21.39 -11.59 -33.32
C ILE C 283 -22.25 -10.72 -34.23
N MET C 284 -21.66 -10.25 -35.34
CA MET C 284 -22.37 -9.41 -36.31
C MET C 284 -22.99 -10.34 -37.34
N VAL C 285 -24.31 -10.23 -37.52
CA VAL C 285 -25.09 -11.10 -38.41
C VAL C 285 -25.73 -10.30 -39.56
N TRP C 286 -25.66 -10.89 -40.76
CA TRP C 286 -26.27 -10.39 -41.97
C TRP C 286 -26.75 -11.58 -42.81
N PHE C 287 -27.37 -11.32 -43.97
CA PHE C 287 -27.86 -12.38 -44.81
C PHE C 287 -27.84 -12.03 -46.29
N VAL C 288 -27.81 -13.07 -47.13
CA VAL C 288 -27.87 -12.99 -48.58
C VAL C 288 -29.26 -13.57 -48.92
N LEU C 289 -30.16 -12.69 -49.36
CA LEU C 289 -31.54 -12.99 -49.71
C LEU C 289 -31.67 -13.25 -51.23
N GLN C 290 -32.05 -14.47 -51.59
CA GLN C 290 -32.24 -14.90 -52.98
C GLN C 290 -33.69 -14.65 -53.40
N LEU C 291 -33.95 -13.56 -54.17
CA LEU C 291 -35.31 -13.20 -54.62
C LEU C 291 -35.83 -14.22 -55.60
N ASP C 292 -34.94 -14.72 -56.48
CA ASP C 292 -35.15 -15.77 -57.46
C ASP C 292 -33.76 -16.37 -57.77
N ASP C 293 -33.64 -17.19 -58.84
CA ASP C 293 -32.38 -17.83 -59.23
C ASP C 293 -31.32 -16.85 -59.81
N GLU C 294 -31.74 -15.65 -60.30
CA GLU C 294 -30.84 -14.63 -60.87
C GLU C 294 -30.59 -13.43 -59.93
N HIS C 295 -31.63 -12.90 -59.28
CA HIS C 295 -31.59 -11.71 -58.42
C HIS C 295 -31.41 -12.06 -56.94
N SER C 296 -30.41 -11.43 -56.31
CA SER C 296 -30.06 -11.58 -54.90
C SER C 296 -29.71 -10.24 -54.27
N LEU C 297 -30.07 -10.08 -52.99
CA LEU C 297 -29.84 -8.90 -52.17
C LEU C 297 -28.97 -9.27 -50.96
N SER C 298 -27.94 -8.46 -50.66
CA SER C 298 -27.08 -8.73 -49.51
C SER C 298 -27.21 -7.65 -48.46
N THR C 299 -27.33 -8.05 -47.16
CA THR C 299 -27.39 -7.08 -46.06
C THR C 299 -25.99 -6.98 -45.42
N SER C 300 -24.95 -7.45 -46.15
CA SER C 300 -23.55 -7.34 -45.72
C SER C 300 -23.22 -5.85 -45.43
N PRO C 301 -22.46 -5.53 -44.35
CA PRO C 301 -22.20 -4.11 -44.04
C PRO C 301 -21.45 -3.40 -45.18
N SER C 302 -22.01 -2.27 -45.64
CA SER C 302 -21.46 -1.46 -46.72
C SER C 302 -22.04 -0.06 -46.68
N GLU C 303 -21.17 0.96 -46.85
CA GLU C 303 -21.64 2.36 -46.88
C GLU C 303 -22.52 2.62 -48.12
N GLU C 304 -22.42 1.75 -49.16
CA GLU C 304 -23.17 1.84 -50.41
C GLU C 304 -24.63 1.32 -50.30
N THR C 305 -24.97 0.58 -49.23
CA THR C 305 -26.31 0.02 -49.02
C THR C 305 -27.00 0.63 -47.79
N CYS C 306 -28.33 0.48 -47.69
CA CYS C 306 -29.17 0.98 -46.61
C CYS C 306 -29.29 -0.01 -45.42
N TRP C 307 -28.93 -1.27 -45.64
CA TRP C 307 -29.13 -2.37 -44.71
C TRP C 307 -28.30 -2.30 -43.46
N GLU C 308 -28.98 -2.58 -42.33
CA GLU C 308 -28.40 -2.71 -41.00
C GLU C 308 -28.18 -4.19 -40.71
N GLN C 309 -27.33 -4.46 -39.71
CA GLN C 309 -26.90 -5.77 -39.24
C GLN C 309 -27.46 -6.13 -37.85
N ALA C 310 -27.67 -7.44 -37.61
CA ALA C 310 -28.12 -7.90 -36.31
C ALA C 310 -26.88 -8.04 -35.44
N VAL C 311 -26.91 -7.46 -34.24
CA VAL C 311 -25.76 -7.50 -33.35
C VAL C 311 -26.10 -8.29 -32.06
N TYR C 312 -25.41 -9.42 -31.85
CA TYR C 312 -25.59 -10.27 -30.68
C TYR C 312 -24.45 -9.97 -29.73
N PRO C 313 -24.68 -9.17 -28.67
CA PRO C 313 -23.58 -8.78 -27.77
C PRO C 313 -22.99 -9.95 -27.02
N VAL C 314 -21.68 -9.93 -26.79
CA VAL C 314 -21.00 -10.99 -26.02
C VAL C 314 -20.81 -10.37 -24.61
N GLN C 315 -21.41 -10.96 -23.58
CA GLN C 315 -21.37 -10.32 -22.25
C GLN C 315 -21.41 -11.30 -21.07
N ASP C 316 -21.25 -12.61 -21.32
CA ASP C 316 -21.32 -13.60 -20.25
C ASP C 316 -20.08 -14.53 -20.32
N LEU C 317 -18.89 -13.90 -20.29
CA LEU C 317 -17.62 -14.61 -20.36
C LEU C 317 -16.66 -14.19 -19.24
N ALA C 318 -15.87 -15.17 -18.79
CA ALA C 318 -14.81 -15.02 -17.80
C ALA C 318 -13.66 -14.21 -18.40
N ASP C 319 -13.36 -14.42 -19.70
CA ASP C 319 -12.30 -13.74 -20.44
C ASP C 319 -12.78 -13.41 -21.86
N TYR C 320 -12.64 -12.15 -22.30
CA TYR C 320 -13.07 -11.69 -23.62
C TYR C 320 -11.92 -11.64 -24.63
N TRP C 321 -10.65 -11.84 -24.17
CA TRP C 321 -9.52 -11.82 -25.09
C TRP C 321 -9.46 -13.14 -25.85
N ILE C 322 -9.45 -13.06 -27.17
CA ILE C 322 -9.39 -14.22 -28.07
C ILE C 322 -8.19 -14.05 -29.01
N LYS C 323 -7.54 -15.16 -29.36
CA LYS C 323 -6.33 -15.15 -30.19
C LYS C 323 -6.30 -16.29 -31.24
N PRO C 324 -5.55 -16.19 -32.38
CA PRO C 324 -5.46 -17.33 -33.31
C PRO C 324 -5.10 -18.62 -32.57
N GLY C 325 -5.88 -19.67 -32.82
CA GLY C 325 -5.74 -20.95 -32.14
C GLY C 325 -6.94 -21.25 -31.27
N ASP C 326 -7.65 -20.17 -30.84
CA ASP C 326 -8.89 -20.25 -30.07
C ASP C 326 -10.03 -20.54 -31.04
N HIS C 327 -11.15 -21.00 -30.50
CA HIS C 327 -12.35 -21.30 -31.27
C HIS C 327 -13.55 -20.65 -30.57
N VAL C 328 -14.34 -19.85 -31.31
CA VAL C 328 -15.56 -19.22 -30.78
C VAL C 328 -16.70 -20.22 -31.00
N MET C 329 -17.26 -20.73 -29.89
CA MET C 329 -18.37 -21.67 -29.88
C MET C 329 -19.66 -20.97 -29.61
N MET C 330 -20.74 -21.43 -30.24
CA MET C 330 -22.09 -20.88 -30.07
C MET C 330 -23.14 -21.90 -30.52
N GLU C 331 -24.40 -21.66 -30.14
CA GLU C 331 -25.53 -22.50 -30.47
C GLU C 331 -26.56 -21.62 -31.19
N VAL C 332 -26.78 -21.91 -32.47
CA VAL C 332 -27.69 -21.17 -33.33
C VAL C 332 -29.03 -21.90 -33.44
N SER C 333 -30.13 -21.19 -33.15
CA SER C 333 -31.50 -21.73 -33.22
C SER C 333 -32.48 -20.67 -33.70
N CYS C 334 -33.65 -21.09 -34.20
CA CYS C 334 -34.70 -20.19 -34.71
C CYS C 334 -36.07 -20.86 -34.53
N GLN C 335 -36.40 -21.18 -33.27
CA GLN C 335 -37.62 -21.88 -32.88
C GLN C 335 -38.84 -20.95 -32.73
N ASP C 336 -38.67 -19.75 -32.14
CA ASP C 336 -39.79 -18.81 -31.93
C ASP C 336 -39.47 -17.36 -32.31
N CYS C 337 -39.74 -17.02 -33.59
CA CYS C 337 -39.65 -15.72 -34.28
C CYS C 337 -38.24 -15.09 -34.32
N TYR C 338 -37.37 -15.29 -33.35
CA TYR C 338 -36.05 -14.68 -33.45
C TYR C 338 -34.96 -15.70 -33.69
N LEU C 339 -34.00 -15.33 -34.55
CA LEU C 339 -32.78 -16.12 -34.75
C LEU C 339 -31.99 -15.86 -33.44
N ARG C 340 -31.57 -16.94 -32.77
CA ARG C 340 -30.87 -16.83 -31.50
C ARG C 340 -29.48 -17.47 -31.56
N ILE C 341 -28.50 -16.79 -30.96
CA ILE C 341 -27.13 -17.23 -30.84
C ILE C 341 -26.88 -17.32 -29.33
N GLN C 342 -26.81 -18.53 -28.80
CA GLN C 342 -26.69 -18.76 -27.36
C GLN C 342 -25.47 -19.61 -27.00
N SER C 343 -25.18 -19.74 -25.69
CA SER C 343 -24.06 -20.50 -25.12
C SER C 343 -22.71 -20.17 -25.81
N ILE C 344 -22.44 -18.86 -25.99
CA ILE C 344 -21.20 -18.39 -26.60
C ILE C 344 -20.03 -18.63 -25.63
N SER C 345 -19.00 -19.34 -26.10
CA SER C 345 -17.83 -19.67 -25.30
C SER C 345 -16.56 -19.62 -26.15
N VAL C 346 -15.40 -19.56 -25.47
CA VAL C 346 -14.08 -19.57 -26.07
C VAL C 346 -13.46 -20.93 -25.69
N LEU C 347 -13.17 -21.80 -26.69
CA LEU C 347 -12.62 -23.15 -26.47
C LEU C 347 -11.21 -23.14 -25.87
N GLU C 390 -24.60 -12.54 -4.47
CA GLU C 390 -24.70 -12.66 -5.92
C GLU C 390 -26.09 -12.20 -6.43
N GLN C 391 -26.09 -11.13 -7.21
CA GLN C 391 -27.31 -10.56 -7.78
C GLN C 391 -27.03 -10.18 -9.22
N THR C 392 -27.94 -10.55 -10.14
CA THR C 392 -27.86 -10.16 -11.55
C THR C 392 -28.79 -8.96 -11.71
N CYS C 393 -28.24 -7.86 -12.17
CA CYS C 393 -29.00 -6.62 -12.33
C CYS C 393 -29.07 -6.26 -13.80
N ILE C 394 -30.28 -6.34 -14.37
CA ILE C 394 -30.55 -5.99 -15.76
C ILE C 394 -30.59 -4.47 -15.90
N LEU C 395 -29.73 -3.92 -16.76
CA LEU C 395 -29.75 -2.47 -17.05
C LEU C 395 -30.03 -2.26 -18.50
N GLU C 396 -30.63 -1.09 -18.84
CA GLU C 396 -30.84 -0.66 -20.22
C GLU C 396 -29.43 -0.34 -20.76
N SER C 397 -29.24 -0.40 -22.07
CA SER C 397 -27.97 -0.09 -22.73
C SER C 397 -27.53 1.36 -22.46
N THR C 398 -28.50 2.28 -22.30
CA THR C 398 -28.23 3.69 -21.94
C THR C 398 -27.60 3.77 -20.53
N GLU C 399 -28.07 2.91 -19.61
CA GLU C 399 -27.60 2.84 -18.21
C GLU C 399 -26.24 2.19 -18.14
N ILE C 400 -25.96 1.24 -19.06
CA ILE C 400 -24.64 0.60 -19.15
C ILE C 400 -23.65 1.65 -19.68
N ALA C 401 -24.02 2.33 -20.82
CA ALA C 401 -23.21 3.43 -21.40
C ALA C 401 -22.95 4.51 -20.33
N LEU C 402 -23.95 4.81 -19.47
CA LEU C 402 -23.82 5.75 -18.34
C LEU C 402 -22.72 5.31 -17.35
N LEU C 403 -22.74 4.04 -16.92
CA LEU C 403 -21.72 3.53 -15.99
C LEU C 403 -20.32 3.55 -16.62
N ASN C 404 -20.23 3.52 -17.96
CA ASN C 404 -18.96 3.56 -18.70
C ASN C 404 -18.53 5.00 -19.03
N ASN C 405 -19.34 6.00 -18.63
CA ASN C 405 -19.07 7.43 -18.85
C ASN C 405 -18.35 7.97 -17.63
N ILE C 406 -17.00 7.83 -17.63
CA ILE C 406 -16.12 8.22 -16.54
C ILE C 406 -16.14 9.76 -16.32
N PRO C 407 -15.95 10.65 -17.34
CA PRO C 407 -16.00 12.11 -17.09
C PRO C 407 -17.30 12.63 -16.42
N TYR C 408 -18.45 12.02 -16.72
CA TYR C 408 -19.75 12.35 -16.11
C TYR C 408 -19.67 12.18 -14.56
N HIS C 409 -19.18 11.02 -14.12
CA HIS C 409 -19.12 10.68 -12.70
C HIS C 409 -18.03 11.44 -11.98
N GLU C 410 -16.85 11.56 -12.60
CA GLU C 410 -15.75 12.36 -12.05
C GLU C 410 -16.13 13.85 -11.94
N GLY C 411 -16.89 14.35 -12.92
CA GLY C 411 -17.36 15.72 -12.90
C GLY C 411 -18.33 15.97 -11.77
N PHE C 412 -19.30 15.04 -11.59
CA PHE C 412 -20.29 15.10 -10.52
C PHE C 412 -19.64 14.98 -9.14
N LYS C 413 -18.65 14.09 -8.98
CA LYS C 413 -17.90 13.92 -7.74
C LYS C 413 -17.22 15.27 -7.33
N MET C 414 -16.46 15.90 -8.23
CA MET C 414 -15.82 17.18 -7.97
C MET C 414 -16.83 18.30 -7.71
N ALA C 415 -17.95 18.38 -8.49
CA ALA C 415 -18.95 19.44 -8.31
C ALA C 415 -19.66 19.31 -6.96
N MET C 416 -20.01 18.06 -6.55
CA MET C 416 -20.65 17.81 -5.25
C MET C 416 -19.70 18.14 -4.09
N SER C 417 -18.40 17.77 -4.21
CA SER C 417 -17.37 18.06 -3.21
C SER C 417 -17.22 19.59 -2.92
N LYS C 418 -17.31 20.42 -3.97
CA LYS C 418 -17.19 21.89 -3.85
C LYS C 418 -18.37 22.50 -3.06
N VAL C 419 -19.58 21.92 -3.18
CA VAL C 419 -20.76 22.39 -2.44
C VAL C 419 -20.59 22.05 -0.95
N LEU C 420 -20.16 20.82 -0.67
CA LEU C 420 -19.90 20.32 0.67
C LEU C 420 -18.78 21.16 1.32
N SER C 421 -17.70 21.44 0.57
CA SER C 421 -16.57 22.27 1.04
C SER C 421 -17.01 23.71 1.37
N SER C 422 -17.95 24.30 0.62
CA SER C 422 -18.43 25.67 0.88
C SER C 422 -19.49 25.73 2.01
N LEU C 423 -20.30 24.69 2.18
CA LEU C 423 -21.35 24.69 3.23
C LEU C 423 -20.90 24.07 4.55
N THR C 424 -20.32 22.85 4.50
CA THR C 424 -19.90 22.10 5.69
C THR C 424 -18.52 21.45 5.42
N PRO C 425 -17.40 22.23 5.45
CA PRO C 425 -16.09 21.65 5.12
C PRO C 425 -15.62 20.51 6.03
N GLU C 426 -16.09 20.45 7.29
CA GLU C 426 -15.71 19.40 8.22
C GLU C 426 -16.34 18.05 7.83
N LYS C 427 -17.44 18.08 7.04
CA LYS C 427 -18.18 16.90 6.58
C LYS C 427 -17.54 16.28 5.35
N LEU C 428 -16.68 17.04 4.65
CA LEU C 428 -15.96 16.55 3.47
C LEU C 428 -14.79 15.68 3.93
N TYR C 429 -14.69 14.44 3.42
CA TYR C 429 -13.64 13.50 3.83
C TYR C 429 -12.25 13.82 3.27
N GLN C 430 -12.17 14.26 1.99
CA GLN C 430 -10.93 14.64 1.31
C GLN C 430 -11.08 15.99 0.64
N ASN C 452 -22.68 20.88 13.29
CA ASN C 452 -23.44 19.89 14.06
C ASN C 452 -23.29 18.50 13.40
N ILE C 453 -22.65 17.59 14.13
CA ILE C 453 -22.36 16.21 13.76
C ILE C 453 -23.66 15.36 13.59
N LEU C 454 -24.78 15.79 14.19
CA LEU C 454 -26.08 15.09 14.09
C LEU C 454 -26.94 15.67 12.96
N GLU C 455 -26.52 16.84 12.40
CA GLU C 455 -27.24 17.56 11.35
C GLU C 455 -26.78 17.06 9.99
N PRO C 456 -27.71 16.38 9.26
CA PRO C 456 -27.36 15.77 7.98
C PRO C 456 -27.32 16.74 6.80
N PHE C 457 -26.44 16.45 5.83
CA PHE C 457 -26.28 17.16 4.55
C PHE C 457 -27.05 16.31 3.55
N TYR C 458 -28.26 16.75 3.23
CA TYR C 458 -29.20 16.05 2.36
C TYR C 458 -28.90 16.27 0.86
N VAL C 459 -28.77 15.15 0.13
CA VAL C 459 -28.51 15.10 -1.31
C VAL C 459 -29.62 14.27 -1.97
N LEU C 460 -30.33 14.88 -2.93
CA LEU C 460 -31.38 14.19 -3.68
C LEU C 460 -30.96 14.01 -5.14
N ASP C 461 -30.99 12.78 -5.59
CA ASP C 461 -30.72 12.49 -6.99
C ASP C 461 -32.06 12.19 -7.70
N VAL C 462 -32.50 13.09 -8.62
CA VAL C 462 -33.74 12.94 -9.37
C VAL C 462 -33.43 12.51 -10.83
N SER C 463 -32.29 11.82 -11.02
CA SER C 463 -31.93 11.24 -12.33
C SER C 463 -32.96 10.18 -12.64
N GLU C 464 -33.19 9.93 -13.93
CA GLU C 464 -34.16 8.95 -14.40
C GLU C 464 -33.42 7.67 -14.70
N GLY C 465 -33.89 6.57 -14.10
CA GLY C 465 -33.30 5.24 -14.27
C GLY C 465 -32.16 5.01 -13.30
N PHE C 466 -31.37 3.98 -13.57
CA PHE C 466 -30.25 3.58 -12.71
C PHE C 466 -29.24 4.70 -12.57
N SER C 467 -28.81 4.95 -11.34
CA SER C 467 -27.84 6.00 -11.07
C SER C 467 -27.03 5.66 -9.84
N VAL C 468 -25.70 5.94 -9.88
CA VAL C 468 -24.80 5.69 -8.74
C VAL C 468 -24.38 7.01 -8.08
N LEU C 469 -24.88 8.16 -8.58
CA LEU C 469 -24.57 9.47 -8.02
C LEU C 469 -24.83 9.54 -6.49
N PRO C 470 -25.91 8.93 -5.92
CA PRO C 470 -26.07 8.94 -4.46
C PRO C 470 -24.98 8.16 -3.69
N VAL C 471 -24.35 7.13 -4.33
CA VAL C 471 -23.28 6.36 -3.70
C VAL C 471 -22.02 7.21 -3.73
N ILE C 472 -21.75 7.88 -4.85
CA ILE C 472 -20.62 8.81 -4.99
C ILE C 472 -20.75 9.89 -3.90
N ALA C 473 -21.95 10.49 -3.72
CA ALA C 473 -22.20 11.52 -2.70
C ALA C 473 -21.86 11.02 -1.29
N GLY C 474 -22.35 9.83 -0.94
CA GLY C 474 -22.11 9.20 0.36
C GLY C 474 -20.66 8.85 0.66
N THR C 475 -19.85 8.55 -0.38
CA THR C 475 -18.41 8.24 -0.19
C THR C 475 -17.57 9.51 -0.04
N LEU C 476 -18.12 10.67 -0.43
CA LEU C 476 -17.45 11.97 -0.38
C LEU C 476 -17.38 12.61 0.96
N GLY C 477 -18.45 12.46 1.71
CA GLY C 477 -18.57 13.13 2.99
C GLY C 477 -19.70 12.60 3.82
N GLN C 478 -19.89 13.15 5.01
N GLN C 478 -19.92 13.26 4.98
CA GLN C 478 -20.93 12.64 5.90
CA GLN C 478 -20.98 12.99 5.93
C GLN C 478 -22.28 13.20 5.48
C GLN C 478 -22.26 13.50 5.29
N VAL C 479 -22.78 12.72 4.32
CA VAL C 479 -24.01 13.14 3.66
C VAL C 479 -25.08 12.07 3.79
N LYS C 480 -26.34 12.48 3.67
CA LYS C 480 -27.50 11.59 3.69
C LYS C 480 -28.02 11.62 2.24
N PRO C 481 -27.64 10.61 1.44
CA PRO C 481 -28.05 10.61 0.03
C PRO C 481 -29.35 9.85 -0.26
N TYR C 482 -30.12 10.37 -1.19
CA TYR C 482 -31.37 9.75 -1.61
C TYR C 482 -31.33 9.37 -3.10
N SER C 483 -31.80 8.19 -3.38
CA SER C 483 -31.87 7.65 -4.73
C SER C 483 -33.34 7.67 -5.20
N SER C 484 -33.59 8.00 -6.48
CA SER C 484 -34.96 8.02 -7.06
C SER C 484 -35.25 6.81 -7.95
N VAL C 485 -34.42 5.73 -7.88
CA VAL C 485 -34.64 4.54 -8.71
C VAL C 485 -36.03 3.97 -8.44
N GLU C 486 -36.71 3.50 -9.49
CA GLU C 486 -38.05 2.93 -9.41
C GLU C 486 -38.00 1.39 -9.19
N LYS C 487 -37.32 0.66 -10.10
CA LYS C 487 -37.19 -0.80 -10.11
C LYS C 487 -36.58 -1.37 -8.81
N ASP C 488 -37.22 -2.41 -8.25
CA ASP C 488 -36.79 -3.07 -7.02
C ASP C 488 -35.40 -3.70 -7.16
N GLN C 489 -35.07 -4.24 -8.34
CA GLN C 489 -33.79 -4.87 -8.66
C GLN C 489 -32.64 -3.84 -8.54
N HIS C 490 -32.92 -2.59 -8.96
CA HIS C 490 -31.99 -1.46 -8.91
C HIS C 490 -31.69 -1.09 -7.48
N ARG C 491 -32.71 -1.13 -6.60
CA ARG C 491 -32.60 -0.82 -5.16
C ARG C 491 -31.70 -1.82 -4.43
N ILE C 492 -31.83 -3.12 -4.77
CA ILE C 492 -31.04 -4.25 -4.23
C ILE C 492 -29.57 -4.06 -4.63
N ALA C 493 -29.31 -3.79 -5.92
CA ALA C 493 -27.97 -3.57 -6.47
C ALA C 493 -27.29 -2.39 -5.78
N LEU C 494 -28.04 -1.27 -5.61
CA LEU C 494 -27.54 -0.06 -4.95
C LEU C 494 -27.26 -0.28 -3.46
N ASP C 495 -28.05 -1.12 -2.79
CA ASP C 495 -27.82 -1.51 -1.39
C ASP C 495 -26.52 -2.32 -1.26
N LEU C 496 -26.23 -3.20 -2.24
CA LEU C 496 -25.01 -4.04 -2.30
C LEU C 496 -23.77 -3.18 -2.69
N ILE C 497 -23.96 -2.18 -3.55
CA ILE C 497 -22.90 -1.24 -3.91
C ILE C 497 -22.56 -0.40 -2.65
N SER C 498 -23.59 0.08 -1.94
CA SER C 498 -23.44 0.88 -0.70
C SER C 498 -22.62 0.11 0.33
N GLU C 499 -22.97 -1.18 0.53
N GLU C 499 -22.97 -1.19 0.51
CA GLU C 499 -22.30 -2.09 1.44
CA GLU C 499 -22.35 -2.16 1.40
C GLU C 499 -20.81 -2.29 1.09
C GLU C 499 -20.85 -2.34 1.08
N ALA C 500 -20.49 -2.35 -0.22
CA ALA C 500 -19.12 -2.51 -0.73
C ALA C 500 -18.32 -1.20 -0.55
N ASN C 501 -19.00 -0.07 -0.35
CA ASN C 501 -18.37 1.23 -0.16
C ASN C 501 -18.44 1.67 1.32
N HIS C 502 -18.51 0.67 2.20
CA HIS C 502 -18.44 0.71 3.67
C HIS C 502 -19.54 1.54 4.31
N PHE C 503 -20.70 1.65 3.64
CA PHE C 503 -21.80 2.41 4.23
C PHE C 503 -22.48 1.54 5.28
N PRO C 504 -22.70 2.07 6.53
CA PRO C 504 -23.50 1.30 7.50
C PRO C 504 -24.93 1.23 6.91
N LYS C 505 -25.71 0.22 7.33
CA LYS C 505 -27.08 -0.01 6.84
C LYS C 505 -27.93 1.27 6.87
N GLU C 506 -28.70 1.46 5.78
CA GLU C 506 -29.64 2.57 5.59
C GLU C 506 -28.97 3.97 5.61
N THR C 507 -27.71 4.08 5.11
CA THR C 507 -27.06 5.38 4.89
C THR C 507 -27.77 5.90 3.62
N LEU C 508 -27.75 5.09 2.55
CA LEU C 508 -28.45 5.43 1.31
C LEU C 508 -29.94 5.16 1.52
N GLU C 509 -30.78 6.16 1.22
CA GLU C 509 -32.23 5.96 1.31
C GLU C 509 -32.88 6.15 -0.06
N PHE C 510 -34.10 5.64 -0.24
CA PHE C 510 -34.79 5.69 -1.52
C PHE C 510 -36.01 6.61 -1.43
N TRP C 511 -36.03 7.61 -2.32
CA TRP C 511 -37.06 8.63 -2.40
C TRP C 511 -38.35 8.13 -3.05
N LEU C 512 -38.25 7.41 -4.19
CA LEU C 512 -39.39 6.88 -4.93
N MET C 521 -42.59 13.18 -6.86
CA MET C 521 -42.87 14.51 -6.34
C MET C 521 -41.71 15.06 -5.52
N LEU C 522 -41.41 16.34 -5.76
CA LEU C 522 -40.36 17.06 -5.06
C LEU C 522 -40.91 17.67 -3.78
N GLN C 523 -40.37 17.22 -2.65
CA GLN C 523 -40.72 17.68 -1.30
C GLN C 523 -39.43 17.82 -0.49
N ARG C 524 -39.54 18.43 0.71
CA ARG C 524 -38.42 18.62 1.66
C ARG C 524 -37.94 17.23 2.14
N PRO C 525 -36.64 17.04 2.49
CA PRO C 525 -36.20 15.71 2.96
C PRO C 525 -36.94 15.27 4.24
N LYS C 526 -37.20 16.22 5.13
CA LYS C 526 -37.97 16.12 6.38
C LYS C 526 -38.72 17.44 6.53
N SER C 527 -39.93 17.41 7.16
CA SER C 527 -40.88 18.51 7.38
C SER C 527 -40.25 19.93 7.53
N ASP C 528 -39.17 20.12 8.32
CA ASP C 528 -38.55 21.43 8.51
C ASP C 528 -37.05 21.36 8.21
N LYS C 529 -36.71 20.61 7.14
CA LYS C 529 -35.34 20.45 6.67
C LYS C 529 -35.26 20.72 5.16
N LEU C 530 -34.09 21.11 4.66
CA LEU C 530 -33.89 21.46 3.25
C LEU C 530 -32.74 20.67 2.62
N TRP C 531 -32.80 20.46 1.26
CA TRP C 531 -31.79 19.77 0.44
C TRP C 531 -30.60 20.69 0.18
N SER C 532 -29.38 20.19 0.37
CA SER C 532 -28.17 20.95 0.06
C SER C 532 -27.75 20.73 -1.42
N ILE C 533 -28.10 19.58 -1.99
CA ILE C 533 -27.86 19.28 -3.41
C ILE C 533 -29.09 18.59 -3.98
N ILE C 534 -29.58 19.08 -5.15
CA ILE C 534 -30.63 18.43 -5.92
C ILE C 534 -30.08 18.19 -7.33
N ILE C 535 -30.07 16.94 -7.80
CA ILE C 535 -29.62 16.59 -9.16
C ILE C 535 -30.85 16.34 -10.01
N LEU C 536 -31.01 17.11 -11.10
CA LEU C 536 -32.16 16.95 -12.02
C LEU C 536 -31.69 16.38 -13.35
N ASP C 537 -32.58 15.65 -14.03
CA ASP C 537 -32.30 15.02 -15.34
C ASP C 537 -32.80 15.96 -16.43
N VAL C 538 -31.87 16.69 -17.09
CA VAL C 538 -32.21 17.77 -18.04
C VAL C 538 -32.27 17.30 -19.50
N ILE C 539 -31.37 16.41 -19.92
CA ILE C 539 -31.33 16.01 -21.31
C ILE C 539 -31.76 14.55 -21.46
N GLU C 540 -32.75 14.31 -22.30
CA GLU C 540 -33.22 12.97 -22.62
C GLU C 540 -32.12 12.22 -23.40
N PRO C 541 -32.08 10.87 -23.31
CA PRO C 541 -31.13 10.10 -24.14
C PRO C 541 -31.31 10.33 -25.66
N SER C 542 -32.51 10.81 -26.06
CA SER C 542 -32.90 11.10 -27.44
C SER C 542 -32.18 12.33 -28.02
N GLY C 543 -31.67 13.19 -27.15
CA GLY C 543 -31.00 14.43 -27.56
C GLY C 543 -31.88 15.64 -27.37
N LEU C 544 -33.11 15.46 -26.89
CA LEU C 544 -34.04 16.56 -26.63
C LEU C 544 -34.04 16.95 -25.15
N ILE C 545 -34.54 18.17 -24.84
CA ILE C 545 -34.66 18.66 -23.46
C ILE C 545 -35.79 17.88 -22.80
N GLN C 546 -35.59 17.45 -21.52
CA GLN C 546 -36.61 16.76 -20.74
C GLN C 546 -37.82 17.71 -20.54
N GLN C 547 -39.05 17.18 -20.78
CA GLN C 547 -40.31 17.90 -20.60
C GLN C 547 -40.46 18.27 -19.12
N GLU C 548 -40.98 19.48 -18.82
CA GLU C 548 -41.24 19.99 -17.47
C GLU C 548 -39.97 20.16 -16.60
N ILE C 549 -38.79 20.27 -17.22
CA ILE C 549 -37.55 20.45 -16.46
C ILE C 549 -37.55 21.80 -15.72
N MET C 550 -37.99 22.89 -16.34
N MET C 550 -38.00 22.89 -16.36
CA MET C 550 -37.96 24.19 -15.69
CA MET C 550 -38.08 24.24 -15.79
C MET C 550 -39.01 24.30 -14.56
C MET C 550 -38.99 24.27 -14.57
N GLU C 551 -40.11 23.53 -14.64
CA GLU C 551 -41.11 23.42 -13.60
C GLU C 551 -40.51 22.66 -12.40
N LYS C 552 -39.77 21.56 -12.66
CA LYS C 552 -39.06 20.80 -11.61
C LYS C 552 -37.98 21.69 -10.95
N ALA C 553 -37.23 22.51 -11.76
CA ALA C 553 -36.20 23.42 -11.27
C ALA C 553 -36.79 24.55 -10.40
N ALA C 554 -38.02 25.02 -10.71
CA ALA C 554 -38.70 26.07 -9.92
C ALA C 554 -39.11 25.52 -8.56
N ILE C 555 -39.72 24.32 -8.55
CA ILE C 555 -40.12 23.62 -7.33
C ILE C 555 -38.88 23.28 -6.49
N SER C 556 -37.80 22.80 -7.13
CA SER C 556 -36.55 22.40 -6.46
C SER C 556 -35.87 23.56 -5.77
N ARG C 557 -35.88 24.76 -6.40
CA ARG C 557 -35.24 25.96 -5.85
C ARG C 557 -35.81 26.37 -4.48
N CYS C 558 -37.12 26.12 -4.24
CA CYS C 558 -37.79 26.42 -2.98
C CYS C 558 -37.38 25.43 -1.86
N LEU C 559 -36.86 24.25 -2.24
CA LEU C 559 -36.50 23.18 -1.31
C LEU C 559 -35.00 23.15 -0.95
N LEU C 560 -34.24 24.15 -1.44
CA LEU C 560 -32.80 24.25 -1.23
C LEU C 560 -32.45 25.00 0.03
N GLN C 561 -31.45 24.48 0.75
CA GLN C 561 -30.83 25.09 1.91
C GLN C 561 -30.05 26.30 1.37
N SER C 562 -29.84 27.34 2.21
CA SER C 562 -29.07 28.54 1.84
C SER C 562 -27.66 28.11 1.45
N GLY C 563 -27.25 28.47 0.23
CA GLY C 563 -25.97 28.07 -0.33
C GLY C 563 -26.01 26.73 -1.04
N GLY C 564 -27.18 26.06 -1.00
CA GLY C 564 -27.47 24.79 -1.66
C GLY C 564 -27.51 24.94 -3.17
N LYS C 565 -27.33 23.84 -3.92
CA LYS C 565 -27.27 23.90 -5.38
C LYS C 565 -28.10 22.87 -6.13
N ILE C 566 -28.67 23.28 -7.26
CA ILE C 566 -29.33 22.42 -8.22
C ILE C 566 -28.24 22.06 -9.27
N PHE C 567 -28.16 20.77 -9.62
CA PHE C 567 -27.26 20.30 -10.66
C PHE C 567 -28.06 19.77 -11.85
N PRO C 568 -27.74 20.14 -13.12
CA PRO C 568 -26.76 21.17 -13.53
C PRO C 568 -27.30 22.58 -13.23
N GLN C 569 -26.40 23.54 -13.17
CA GLN C 569 -26.70 24.95 -12.89
C GLN C 569 -27.31 25.57 -14.19
N TYR C 570 -26.67 25.29 -15.34
CA TYR C 570 -27.17 25.74 -16.64
C TYR C 570 -26.68 24.81 -17.72
N VAL C 571 -27.37 24.86 -18.87
CA VAL C 571 -27.07 24.01 -20.02
C VAL C 571 -27.00 24.89 -21.27
N LEU C 572 -25.94 24.73 -22.06
CA LEU C 572 -25.79 25.46 -23.32
C LEU C 572 -26.06 24.51 -24.44
N MET C 573 -26.92 24.91 -25.40
CA MET C 573 -27.18 24.11 -26.60
C MET C 573 -26.23 24.63 -27.67
N PHE C 574 -25.46 23.72 -28.26
CA PHE C 574 -24.51 24.03 -29.35
C PHE C 574 -25.02 23.40 -30.64
N GLY C 575 -24.75 24.03 -31.75
CA GLY C 575 -25.13 23.50 -33.05
C GLY C 575 -24.21 23.94 -34.16
N LEU C 576 -24.27 23.26 -35.29
CA LEU C 576 -23.46 23.70 -36.44
C LEU C 576 -24.24 23.44 -37.72
N LEU C 577 -23.89 24.18 -38.78
CA LEU C 577 -24.51 24.05 -40.10
C LEU C 577 -23.82 22.91 -40.85
N VAL C 578 -24.61 21.98 -41.42
CA VAL C 578 -24.02 20.88 -42.19
C VAL C 578 -24.70 20.70 -43.55
N GLU C 579 -23.93 20.20 -44.52
CA GLU C 579 -24.40 19.69 -45.78
C GLU C 579 -24.37 18.15 -45.55
N SER C 580 -25.54 17.52 -45.46
CA SER C 580 -25.62 16.07 -45.26
C SER C 580 -26.72 15.48 -46.12
N GLN C 581 -26.32 14.81 -47.22
CA GLN C 581 -27.26 14.12 -48.12
C GLN C 581 -27.91 12.93 -47.40
N THR C 582 -27.14 12.28 -46.49
CA THR C 582 -27.56 11.15 -45.65
C THR C 582 -28.77 11.54 -44.78
N LEU C 583 -28.72 12.69 -44.08
CA LEU C 583 -29.84 13.15 -43.25
C LEU C 583 -31.07 13.47 -44.09
N LEU C 584 -30.84 14.06 -45.28
CA LEU C 584 -31.91 14.39 -46.23
C LEU C 584 -32.65 13.12 -46.73
N GLU C 585 -31.89 12.10 -47.13
CA GLU C 585 -32.44 10.85 -47.66
C GLU C 585 -33.12 9.98 -46.59
N GLU C 586 -32.76 10.15 -45.29
CA GLU C 586 -33.41 9.43 -44.19
C GLU C 586 -34.66 10.18 -43.68
N ASN C 587 -34.92 11.39 -44.22
CA ASN C 587 -36.04 12.27 -43.84
C ASN C 587 -37.10 12.39 -44.94
N ALA C 588 -36.70 12.29 -46.23
CA ALA C 588 -37.61 12.44 -47.37
C ALA C 588 -37.18 11.66 -48.59
N VAL C 589 -38.16 11.10 -49.34
CA VAL C 589 -37.93 10.40 -50.61
C VAL C 589 -37.62 11.51 -51.64
N GLN C 590 -36.53 11.33 -52.40
CA GLN C 590 -35.97 12.29 -53.35
C GLN C 590 -36.42 12.08 -54.82
N GLY C 591 -37.69 12.37 -55.12
CA GLY C 591 -38.23 12.28 -56.48
C GLY C 591 -39.00 11.03 -56.87
N THR C 592 -38.90 10.64 -58.16
CA THR C 592 -39.58 9.48 -58.77
C THR C 592 -38.59 8.55 -59.45
N GLU C 593 -37.37 9.05 -59.76
CA GLU C 593 -36.29 8.27 -60.38
C GLU C 593 -35.92 7.09 -59.48
N ARG C 594 -35.87 7.35 -58.15
CA ARG C 594 -35.55 6.39 -57.08
C ARG C 594 -36.56 5.24 -57.06
N THR C 595 -37.85 5.58 -57.27
CA THR C 595 -38.99 4.64 -57.22
C THR C 595 -39.43 4.23 -58.65
N LEU C 596 -38.47 4.25 -59.60
CA LEU C 596 -38.58 3.84 -61.00
C LEU C 596 -39.82 4.41 -61.72
N GLY C 597 -39.96 5.74 -61.67
CA GLY C 597 -41.06 6.47 -62.31
C GLY C 597 -42.31 6.64 -61.48
N LEU C 598 -42.55 5.74 -60.50
CA LEU C 598 -43.72 5.76 -59.61
C LEU C 598 -43.71 6.98 -58.69
N ASN C 599 -44.89 7.63 -58.55
CA ASN C 599 -45.07 8.84 -57.74
C ASN C 599 -45.44 8.49 -56.30
N ILE C 600 -44.45 8.53 -55.39
CA ILE C 600 -44.64 8.16 -53.99
C ILE C 600 -44.20 9.30 -53.05
N ALA C 601 -43.03 9.92 -53.35
CA ALA C 601 -42.40 10.98 -52.56
C ALA C 601 -43.38 12.07 -52.04
N PRO C 602 -44.30 12.71 -52.84
CA PRO C 602 -45.17 13.75 -52.25
C PRO C 602 -46.10 13.28 -51.15
N PHE C 603 -46.57 12.04 -51.24
CA PHE C 603 -47.53 11.46 -50.30
C PHE C 603 -46.86 10.96 -49.00
N ILE C 604 -45.75 10.22 -49.08
CA ILE C 604 -45.07 9.72 -47.88
C ILE C 604 -44.31 10.86 -47.15
N ASN C 605 -43.71 11.81 -47.89
CA ASN C 605 -42.94 12.92 -47.31
C ASN C 605 -43.79 13.84 -46.42
N GLN C 606 -45.15 13.75 -46.49
CA GLN C 606 -46.07 14.53 -45.67
C GLN C 606 -46.05 14.09 -44.21
N PHE C 607 -45.66 12.83 -43.94
CA PHE C 607 -45.61 12.24 -42.61
C PHE C 607 -44.22 12.44 -41.98
N GLN C 608 -43.44 13.37 -42.57
CA GLN C 608 -42.09 13.84 -42.25
C GLN C 608 -42.07 14.63 -40.94
N VAL C 609 -41.03 14.42 -40.12
CA VAL C 609 -40.85 15.08 -38.82
C VAL C 609 -39.68 16.09 -38.90
N PRO C 610 -39.82 17.32 -38.35
CA PRO C 610 -38.72 18.29 -38.42
C PRO C 610 -37.49 17.97 -37.56
N ILE C 611 -37.62 17.19 -36.48
CA ILE C 611 -36.46 16.90 -35.62
C ILE C 611 -36.07 15.42 -35.72
N ARG C 612 -34.78 15.16 -36.02
CA ARG C 612 -34.19 13.83 -36.08
C ARG C 612 -33.57 13.57 -34.69
N VAL C 613 -34.09 12.55 -33.97
CA VAL C 613 -33.66 12.22 -32.60
C VAL C 613 -32.84 10.92 -32.58
N PHE C 614 -32.18 10.61 -31.44
CA PHE C 614 -31.34 9.42 -31.23
C PHE C 614 -30.24 9.34 -32.31
N LEU C 615 -29.68 10.49 -32.66
CA LEU C 615 -28.65 10.59 -33.69
C LEU C 615 -27.22 10.35 -33.14
N ASP C 616 -26.44 9.50 -33.86
CA ASP C 616 -25.02 9.24 -33.60
C ASP C 616 -24.28 10.20 -34.53
N LEU C 617 -24.19 11.46 -34.09
CA LEU C 617 -23.57 12.54 -34.88
C LEU C 617 -22.13 12.20 -35.39
N SER C 618 -21.31 11.53 -34.56
CA SER C 618 -19.94 11.13 -34.91
C SER C 618 -19.86 10.14 -36.11
N SER C 619 -20.92 9.45 -36.43
CA SER C 619 -20.87 8.49 -37.52
C SER C 619 -21.53 9.04 -38.80
N LEU C 620 -22.30 10.11 -38.63
CA LEU C 620 -23.09 10.73 -39.69
C LEU C 620 -22.25 11.38 -40.77
N PRO C 621 -22.33 10.87 -42.05
CA PRO C 621 -21.56 11.50 -43.14
C PRO C 621 -22.14 12.89 -43.43
N CYS C 622 -21.29 13.91 -43.31
CA CYS C 622 -21.69 15.28 -43.56
C CYS C 622 -20.47 16.16 -43.71
N ILE C 623 -20.73 17.34 -44.22
CA ILE C 623 -19.75 18.36 -44.50
C ILE C 623 -20.03 19.57 -43.60
N PRO C 624 -19.07 19.98 -42.74
CA PRO C 624 -19.29 21.17 -41.90
C PRO C 624 -19.31 22.46 -42.72
N LEU C 625 -20.32 23.31 -42.49
CA LEU C 625 -20.43 24.60 -43.21
C LEU C 625 -20.14 25.75 -42.27
N SER C 626 -20.10 25.43 -40.98
CA SER C 626 -19.78 26.39 -39.95
C SER C 626 -19.02 25.66 -38.85
N LYS C 627 -18.50 26.43 -37.89
CA LYS C 627 -17.93 25.97 -36.65
C LYS C 627 -19.11 25.87 -35.66
N PRO C 628 -19.08 24.96 -34.65
CA PRO C 628 -20.22 24.91 -33.71
C PRO C 628 -20.40 26.23 -32.98
N VAL C 629 -21.66 26.62 -32.69
CA VAL C 629 -21.89 27.86 -31.95
C VAL C 629 -23.05 27.67 -30.95
N GLU C 630 -23.05 28.51 -29.90
CA GLU C 630 -24.06 28.49 -28.85
C GLU C 630 -25.37 29.01 -29.42
N LEU C 631 -26.41 28.19 -29.35
CA LEU C 631 -27.73 28.54 -29.85
C LEU C 631 -28.68 29.05 -28.75
N LEU C 632 -28.53 28.53 -27.51
CA LEU C 632 -29.32 28.97 -26.36
C LEU C 632 -28.70 28.51 -25.06
N ARG C 633 -29.15 29.18 -24.00
CA ARG C 633 -28.77 28.96 -22.62
C ARG C 633 -30.03 28.65 -21.83
N LEU C 634 -29.98 27.57 -21.04
CA LEU C 634 -31.05 27.13 -20.18
C LEU C 634 -30.51 27.28 -18.73
N ASP C 635 -30.95 28.30 -17.98
CA ASP C 635 -30.45 28.53 -16.63
C ASP C 635 -31.45 27.94 -15.62
N LEU C 636 -31.04 26.88 -14.90
CA LEU C 636 -31.87 26.16 -13.93
C LEU C 636 -32.06 26.94 -12.61
N MET C 637 -31.23 27.98 -12.41
CA MET C 637 -31.19 28.85 -11.25
C MET C 637 -32.18 30.03 -11.36
N THR C 638 -32.62 30.35 -12.59
CA THR C 638 -33.63 31.37 -12.91
C THR C 638 -34.71 30.60 -13.70
N PRO C 639 -35.48 29.67 -13.05
CA PRO C 639 -36.39 28.78 -13.81
C PRO C 639 -37.50 29.47 -14.61
N TYR C 640 -38.10 30.55 -14.06
CA TYR C 640 -39.15 31.31 -14.76
C TYR C 640 -38.59 32.14 -15.91
N LEU C 641 -37.24 32.26 -15.97
CA LEU C 641 -36.57 33.02 -17.01
C LEU C 641 -35.98 32.10 -18.11
N ASN C 642 -36.85 31.29 -18.74
CA ASN C 642 -36.38 30.42 -19.83
C ASN C 642 -37.39 30.39 -21.01
N THR C 643 -37.66 31.59 -21.54
CA THR C 643 -38.45 31.87 -22.74
C THR C 643 -37.66 32.93 -23.48
N SER C 644 -37.36 32.69 -24.77
CA SER C 644 -36.70 33.70 -25.59
C SER C 644 -37.05 33.56 -27.06
N ASN C 645 -37.01 34.68 -27.78
CA ASN C 645 -37.28 34.76 -29.21
C ASN C 645 -36.10 35.60 -29.71
N ARG C 646 -35.03 34.97 -30.20
CA ARG C 646 -33.89 35.76 -30.60
C ARG C 646 -33.29 35.25 -31.90
N GLU C 647 -32.37 36.04 -32.45
CA GLU C 647 -31.68 35.83 -33.71
C GLU C 647 -30.22 35.58 -33.40
N VAL C 648 -29.72 34.44 -33.86
CA VAL C 648 -28.33 33.99 -33.67
C VAL C 648 -27.70 33.94 -35.04
N LYS C 649 -26.60 34.64 -35.19
CA LYS C 649 -25.85 34.74 -36.43
C LYS C 649 -24.78 33.70 -36.45
N VAL C 650 -24.65 32.98 -37.57
CA VAL C 650 -23.65 31.93 -37.71
C VAL C 650 -22.80 32.23 -38.91
N TYR C 651 -21.49 32.37 -38.70
CA TYR C 651 -20.56 32.62 -39.78
C TYR C 651 -20.44 31.38 -40.67
N VAL C 652 -20.75 31.54 -41.94
CA VAL C 652 -20.65 30.45 -42.91
C VAL C 652 -19.19 30.34 -43.35
N CYS C 653 -18.53 29.25 -42.96
CA CYS C 653 -17.12 28.97 -43.27
C CYS C 653 -16.96 28.42 -44.67
N LYS C 654 -17.95 27.66 -45.13
CA LYS C 654 -17.86 26.95 -46.37
C LYS C 654 -19.16 27.01 -47.16
N SER C 655 -19.05 27.26 -48.48
CA SER C 655 -20.19 27.29 -49.40
C SER C 655 -20.70 25.86 -49.56
N GLY C 656 -22.00 25.72 -49.55
CA GLY C 656 -22.64 24.42 -49.67
C GLY C 656 -24.15 24.50 -49.56
N ARG C 657 -24.77 23.33 -49.59
CA ARG C 657 -26.21 23.16 -49.49
C ARG C 657 -26.51 22.75 -48.07
N LEU C 658 -27.01 23.69 -47.27
CA LEU C 658 -27.36 23.43 -45.87
C LEU C 658 -28.60 22.54 -45.80
N THR C 659 -28.48 21.37 -45.17
CA THR C 659 -29.60 20.42 -45.08
C THR C 659 -30.07 20.21 -43.64
N ALA C 660 -29.18 20.43 -42.66
CA ALA C 660 -29.48 20.17 -41.27
C ALA C 660 -28.64 20.97 -40.30
N ILE C 661 -29.17 21.11 -39.09
CA ILE C 661 -28.50 21.76 -37.96
C ILE C 661 -28.42 20.74 -36.80
N PRO C 662 -27.36 19.88 -36.77
CA PRO C 662 -27.18 18.99 -35.60
C PRO C 662 -26.95 19.81 -34.34
N PHE C 663 -27.43 19.33 -33.20
CA PHE C 663 -27.28 20.05 -31.95
C PHE C 663 -27.04 19.09 -30.79
N TRP C 664 -26.36 19.60 -29.75
CA TRP C 664 -25.99 18.87 -28.54
C TRP C 664 -25.84 19.87 -27.42
N TYR C 665 -25.37 19.43 -26.25
CA TYR C 665 -25.29 20.35 -25.12
C TYR C 665 -24.03 20.27 -24.30
N HIS C 666 -23.73 21.39 -23.63
CA HIS C 666 -22.68 21.53 -22.62
C HIS C 666 -23.43 21.75 -21.28
N MET C 667 -23.37 20.76 -20.41
CA MET C 667 -24.08 20.83 -19.12
C MET C 667 -23.14 21.32 -18.06
N TYR C 668 -23.39 22.53 -17.55
CA TYR C 668 -22.51 23.11 -16.53
C TYR C 668 -23.01 22.78 -15.12
N LEU C 669 -22.25 21.93 -14.42
CA LEU C 669 -22.55 21.55 -13.03
C LEU C 669 -22.22 22.74 -12.13
N ASP C 670 -21.22 23.52 -12.52
CA ASP C 670 -20.83 24.79 -11.91
C ASP C 670 -20.09 25.57 -12.99
N GLU C 671 -19.49 26.73 -12.65
CA GLU C 671 -18.79 27.56 -13.65
C GLU C 671 -17.56 26.89 -14.26
N GLU C 672 -16.98 25.90 -13.58
CA GLU C 672 -15.77 25.23 -14.07
C GLU C 672 -16.04 23.83 -14.65
N ILE C 673 -17.00 23.09 -14.09
CA ILE C 673 -17.22 21.70 -14.50
C ILE C 673 -18.41 21.60 -15.46
N ARG C 674 -18.13 21.06 -16.64
CA ARG C 674 -19.12 20.86 -17.69
C ARG C 674 -18.99 19.48 -18.33
N LEU C 675 -20.15 18.93 -18.67
CA LEU C 675 -20.29 17.65 -19.36
C LEU C 675 -20.71 17.93 -20.82
N ASP C 676 -20.27 17.09 -21.75
CA ASP C 676 -20.55 17.27 -23.16
C ASP C 676 -21.36 16.06 -23.63
N THR C 677 -22.61 16.29 -24.11
CA THR C 677 -23.52 15.20 -24.53
C THR C 677 -23.11 14.61 -25.90
N SER C 678 -22.12 15.24 -26.56
CA SER C 678 -21.56 14.77 -27.84
C SER C 678 -20.21 14.08 -27.62
N SER C 679 -19.70 14.00 -26.36
CA SER C 679 -18.41 13.37 -26.05
C SER C 679 -18.42 11.89 -26.40
N GLU C 680 -17.25 11.31 -26.61
CA GLU C 680 -17.07 9.92 -27.03
C GLU C 680 -17.75 8.89 -26.11
N ALA C 681 -17.61 9.08 -24.80
CA ALA C 681 -18.19 8.20 -23.78
C ALA C 681 -19.62 8.65 -23.36
N SER C 682 -20.19 9.69 -24.02
CA SER C 682 -21.56 10.16 -23.71
C SER C 682 -22.58 9.04 -23.84
N HIS C 683 -23.53 9.00 -22.87
CA HIS C 683 -24.62 8.01 -22.85
C HIS C 683 -25.90 8.63 -23.43
N TRP C 684 -25.80 9.89 -23.82
CA TRP C 684 -26.87 10.63 -24.51
C TRP C 684 -26.58 10.55 -26.00
N LYS C 685 -27.60 10.51 -26.83
CA LYS C 685 -27.40 10.59 -28.27
C LYS C 685 -27.58 12.07 -28.60
N GLN C 686 -27.36 12.47 -29.87
CA GLN C 686 -27.55 13.85 -30.28
C GLN C 686 -28.80 13.90 -31.16
N ALA C 687 -29.06 15.07 -31.76
CA ALA C 687 -30.24 15.28 -32.58
C ALA C 687 -29.94 16.34 -33.63
N ALA C 688 -30.84 16.53 -34.60
CA ALA C 688 -30.66 17.54 -35.64
C ALA C 688 -31.96 18.09 -36.12
N VAL C 689 -31.97 19.39 -36.47
CA VAL C 689 -33.10 20.02 -37.14
C VAL C 689 -32.81 19.70 -38.61
N VAL C 690 -33.70 19.02 -39.29
CA VAL C 690 -33.49 18.68 -40.71
C VAL C 690 -34.43 19.58 -41.53
N LEU C 691 -33.89 20.35 -42.49
CA LEU C 691 -34.69 21.30 -43.26
C LEU C 691 -35.57 20.61 -44.32
N ASP C 692 -36.83 21.09 -44.44
CA ASP C 692 -37.78 20.62 -45.46
C ASP C 692 -37.19 20.92 -46.83
N ASN C 693 -36.69 22.16 -47.00
CA ASN C 693 -36.07 22.60 -48.23
C ASN C 693 -34.64 23.07 -47.97
N PRO C 694 -33.62 22.34 -48.48
CA PRO C 694 -32.22 22.76 -48.26
C PRO C 694 -31.94 24.18 -48.77
N ILE C 695 -31.01 24.87 -48.11
CA ILE C 695 -30.68 26.27 -48.42
C ILE C 695 -29.24 26.37 -48.86
N GLN C 696 -29.04 27.04 -49.97
CA GLN C 696 -27.72 27.32 -50.51
C GLN C 696 -27.08 28.43 -49.68
N VAL C 697 -25.91 28.14 -49.06
CA VAL C 697 -25.21 29.16 -48.26
C VAL C 697 -23.84 29.42 -48.88
N GLU C 698 -23.29 30.63 -48.66
CA GLU C 698 -21.99 31.04 -49.21
C GLU C 698 -21.01 31.40 -48.11
N MET C 699 -19.74 30.96 -48.28
CA MET C 699 -18.62 31.25 -47.39
C MET C 699 -18.54 32.79 -47.20
N GLY C 700 -18.45 33.22 -45.94
CA GLY C 700 -18.35 34.64 -45.65
C GLY C 700 -19.64 35.31 -45.25
N GLU C 701 -20.77 34.59 -45.37
CA GLU C 701 -22.02 35.21 -44.96
C GLU C 701 -22.30 34.86 -43.53
N GLU C 702 -23.08 35.70 -42.87
CA GLU C 702 -23.55 35.46 -41.52
C GLU C 702 -25.03 35.04 -41.61
N LEU C 703 -25.29 33.75 -41.47
CA LEU C 703 -26.62 33.17 -41.52
C LEU C 703 -27.41 33.53 -40.25
N VAL C 704 -28.64 34.02 -40.41
CA VAL C 704 -29.46 34.40 -39.25
C VAL C 704 -30.39 33.23 -38.91
N LEU C 705 -30.29 32.77 -37.67
CA LEU C 705 -31.17 31.75 -37.12
C LEU C 705 -32.18 32.34 -36.15
N SER C 706 -33.46 32.06 -36.36
CA SER C 706 -34.50 32.42 -35.42
C SER C 706 -34.60 31.23 -34.46
N ILE C 707 -34.21 31.49 -33.21
CA ILE C 707 -34.21 30.48 -32.16
C ILE C 707 -35.24 30.92 -31.16
N GLN C 708 -36.35 30.17 -31.12
CA GLN C 708 -37.49 30.40 -30.25
C GLN C 708 -37.51 29.29 -29.20
N HIS C 709 -37.48 29.70 -27.93
CA HIS C 709 -37.41 28.79 -26.80
C HIS C 709 -38.47 29.11 -25.74
N HIS C 710 -39.27 28.11 -25.36
CA HIS C 710 -40.25 28.21 -24.29
C HIS C 710 -40.20 26.90 -23.49
N LYS C 711 -39.63 26.98 -22.27
CA LYS C 711 -39.45 25.88 -21.33
C LYS C 711 -38.59 24.77 -21.98
N SER C 712 -39.18 23.63 -22.35
CA SER C 712 -38.43 22.48 -22.90
C SER C 712 -38.53 22.39 -24.42
N ASN C 713 -39.31 23.30 -25.04
CA ASN C 713 -39.55 23.38 -26.49
C ASN C 713 -38.62 24.36 -27.16
N VAL C 714 -38.03 23.95 -28.29
CA VAL C 714 -37.10 24.78 -29.05
C VAL C 714 -37.42 24.69 -30.54
N SER C 715 -37.54 25.84 -31.20
CA SER C 715 -37.71 25.92 -32.65
C SER C 715 -36.48 26.65 -33.21
N ILE C 716 -35.84 26.05 -34.24
CA ILE C 716 -34.70 26.61 -34.96
C ILE C 716 -35.08 26.74 -36.44
N THR C 717 -35.12 27.98 -36.96
CA THR C 717 -35.43 28.22 -38.36
C THR C 717 -34.47 29.22 -38.95
N VAL C 718 -34.17 29.08 -40.23
CA VAL C 718 -33.27 30.00 -40.92
C VAL C 718 -34.10 31.17 -41.43
N LYS C 719 -33.62 32.41 -41.27
CA LYS C 719 -34.32 33.61 -41.77
C LYS C 719 -33.86 33.92 -43.17
N GLN C 720 -34.84 34.07 -44.07
CA GLN C 720 -34.69 34.32 -45.48
C GLN C 720 -35.86 35.20 -45.94
N VAL D 24 31.01 18.42 0.34
CA VAL D 24 30.72 16.99 0.24
C VAL D 24 31.96 16.23 -0.25
N GLU D 25 32.20 15.02 0.28
CA GLU D 25 33.34 14.18 -0.07
C GLU D 25 32.94 13.11 -1.06
N ARG D 26 33.86 12.77 -1.98
CA ARG D 26 33.68 11.83 -3.09
C ARG D 26 33.20 10.43 -2.67
N TRP D 27 33.66 9.91 -1.51
CA TRP D 27 33.28 8.58 -1.03
C TRP D 27 31.77 8.42 -0.79
N HIS D 28 31.03 9.53 -0.57
CA HIS D 28 29.57 9.46 -0.38
C HIS D 28 28.86 8.93 -1.63
N PHE D 29 29.32 9.35 -2.84
CA PHE D 29 28.72 8.94 -4.12
C PHE D 29 28.93 7.44 -4.37
N ILE D 30 30.16 6.95 -4.15
CA ILE D 30 30.61 5.56 -4.32
C ILE D 30 29.79 4.59 -3.41
N MET D 31 29.69 4.92 -2.11
CA MET D 31 28.99 4.15 -1.08
C MET D 31 27.49 4.06 -1.34
N LEU D 32 26.84 5.20 -1.65
CA LEU D 32 25.41 5.25 -1.93
C LEU D 32 25.03 4.50 -3.22
N ASN D 33 25.98 4.43 -4.16
CA ASN D 33 25.83 3.67 -5.41
C ASN D 33 26.02 2.17 -5.17
N ASP D 34 26.59 1.77 -4.01
CA ASP D 34 26.83 0.36 -3.69
C ASP D 34 25.57 -0.27 -3.10
N THR D 35 24.71 -0.81 -4.00
CA THR D 35 23.43 -1.44 -3.69
C THR D 35 23.59 -2.63 -2.72
N LYS D 36 24.71 -3.40 -2.83
CA LYS D 36 25.02 -4.52 -1.94
C LYS D 36 25.23 -4.03 -0.49
N ARG D 37 26.06 -2.97 -0.29
CA ARG D 37 26.33 -2.34 1.02
C ARG D 37 25.01 -1.85 1.66
N ASN D 38 24.18 -1.12 0.89
CA ASN D 38 22.89 -0.59 1.33
C ASN D 38 21.93 -1.73 1.75
N THR D 39 21.93 -2.85 1.00
CA THR D 39 21.10 -4.05 1.27
C THR D 39 21.52 -4.72 2.59
N ILE D 40 22.85 -4.95 2.80
CA ILE D 40 23.44 -5.59 3.99
C ILE D 40 23.12 -4.76 5.26
N TYR D 41 23.23 -3.42 5.18
CA TYR D 41 22.95 -2.50 6.29
C TYR D 41 21.46 -2.42 6.59
N ASN D 42 20.61 -2.31 5.56
CA ASN D 42 19.15 -2.29 5.72
C ASN D 42 18.62 -3.59 6.31
N ALA D 43 19.13 -4.75 5.85
CA ALA D 43 18.67 -6.05 6.35
C ALA D 43 19.03 -6.27 7.82
N ALA D 44 20.21 -5.75 8.26
CA ALA D 44 20.69 -5.82 9.65
C ALA D 44 19.87 -4.88 10.55
N ILE D 45 19.54 -3.67 10.06
CA ILE D 45 18.74 -2.67 10.79
C ILE D 45 17.30 -3.18 10.90
N GLN D 46 16.72 -3.66 9.77
CA GLN D 46 15.36 -4.26 9.68
C GLN D 46 15.23 -5.39 10.69
N LYS D 47 16.25 -6.28 10.76
CA LYS D 47 16.30 -7.42 11.70
C LYS D 47 16.30 -6.95 13.16
N ALA D 48 17.20 -6.00 13.53
CA ALA D 48 17.34 -5.47 14.88
C ALA D 48 16.08 -4.73 15.36
N VAL D 49 15.45 -3.91 14.48
CA VAL D 49 14.23 -3.13 14.79
C VAL D 49 13.05 -4.08 15.09
N CYS D 50 12.84 -5.13 14.26
CA CYS D 50 11.74 -6.10 14.41
C CYS D 50 11.96 -7.03 15.63
N LEU D 51 13.19 -7.10 16.17
CA LEU D 51 13.52 -7.91 17.35
C LEU D 51 13.29 -7.13 18.66
N GLY D 52 12.97 -5.84 18.56
CA GLY D 52 12.70 -5.04 19.75
C GLY D 52 13.13 -3.58 19.76
N SER D 53 14.45 -3.33 19.53
CA SER D 53 15.12 -2.02 19.55
C SER D 53 14.42 -0.97 18.66
N LYS D 54 13.38 -0.30 19.23
CA LYS D 54 12.55 0.71 18.57
C LYS D 54 13.08 2.15 18.77
N SER D 55 14.11 2.34 19.62
CA SER D 55 14.78 3.62 19.81
C SER D 55 16.17 3.52 19.15
N VAL D 56 16.43 4.34 18.11
CA VAL D 56 17.69 4.26 17.37
C VAL D 56 18.45 5.59 17.29
N LEU D 57 19.78 5.50 17.40
CA LEU D 57 20.70 6.62 17.23
C LEU D 57 21.72 6.29 16.13
N ASP D 58 21.68 7.09 15.05
CA ASP D 58 22.58 7.00 13.92
C ASP D 58 23.75 7.96 14.18
N ILE D 59 24.97 7.40 14.39
CA ILE D 59 26.18 8.22 14.63
C ILE D 59 26.91 8.41 13.28
N GLY D 60 26.97 9.67 12.83
CA GLY D 60 27.57 10.05 11.56
C GLY D 60 26.64 9.74 10.40
N ALA D 61 25.44 10.32 10.45
CA ALA D 61 24.29 10.14 9.54
C ALA D 61 24.59 10.26 8.03
N GLY D 62 25.45 11.21 7.65
CA GLY D 62 25.77 11.46 6.24
C GLY D 62 24.56 12.09 5.56
N THR D 63 23.93 11.32 4.66
CA THR D 63 22.69 11.74 3.99
C THR D 63 21.46 11.31 4.80
N GLY D 64 21.68 10.48 5.83
CA GLY D 64 20.64 9.96 6.71
C GLY D 64 20.00 8.65 6.26
N ILE D 65 20.67 7.91 5.36
CA ILE D 65 20.21 6.64 4.75
C ILE D 65 19.91 5.54 5.82
N LEU D 66 20.80 5.37 6.83
CA LEU D 66 20.61 4.36 7.87
C LEU D 66 19.43 4.69 8.78
N SER D 67 19.17 6.00 9.00
CA SER D 67 18.06 6.51 9.81
C SER D 67 16.71 6.25 9.13
N MET D 68 16.68 6.41 7.79
CA MET D 68 15.49 6.16 6.97
C MET D 68 15.19 4.67 6.91
N PHE D 69 16.26 3.83 6.89
CA PHE D 69 16.15 2.37 6.93
C PHE D 69 15.48 1.95 8.26
N ALA D 70 15.92 2.57 9.40
CA ALA D 70 15.41 2.31 10.75
C ALA D 70 13.95 2.67 10.88
N LYS D 71 13.55 3.85 10.36
CA LYS D 71 12.16 4.35 10.40
C LYS D 71 11.24 3.49 9.52
N LYS D 72 11.69 3.09 8.31
CA LYS D 72 10.93 2.22 7.39
C LYS D 72 10.72 0.82 7.99
N ALA D 73 11.72 0.34 8.79
CA ALA D 73 11.68 -0.96 9.46
C ALA D 73 10.64 -1.00 10.58
N GLY D 74 10.29 0.17 11.11
CA GLY D 74 9.29 0.33 12.16
C GLY D 74 9.76 0.88 13.49
N ALA D 75 10.88 1.64 13.52
CA ALA D 75 11.40 2.24 14.75
C ALA D 75 10.47 3.34 15.25
N HIS D 76 10.24 3.40 16.57
CA HIS D 76 9.34 4.38 17.19
C HIS D 76 10.00 5.76 17.30
N SER D 77 11.31 5.81 17.60
CA SER D 77 12.05 7.06 17.71
C SER D 77 13.44 6.90 17.08
N VAL D 78 13.76 7.77 16.09
CA VAL D 78 15.03 7.76 15.37
C VAL D 78 15.73 9.11 15.52
N TYR D 79 17.00 9.08 15.93
CA TYR D 79 17.84 10.28 16.09
C TYR D 79 19.08 10.09 15.23
N ALA D 80 19.40 11.08 14.40
CA ALA D 80 20.58 11.02 13.54
C ALA D 80 21.47 12.21 13.82
N CYS D 81 22.72 11.96 14.23
CA CYS D 81 23.65 13.06 14.47
C CYS D 81 24.71 13.13 13.36
N GLU D 82 25.07 14.35 12.97
CA GLU D 82 26.03 14.60 11.91
C GLU D 82 26.89 15.83 12.26
N LEU D 83 28.19 15.58 12.42
CA LEU D 83 29.29 16.50 12.74
C LEU D 83 29.35 17.67 11.73
N SER D 84 29.44 17.34 10.42
CA SER D 84 29.55 18.32 9.33
C SER D 84 28.24 19.07 9.10
N LYS D 85 28.36 20.39 8.89
CA LYS D 85 27.24 21.31 8.63
C LYS D 85 26.56 21.00 7.30
N THR D 86 27.34 20.77 6.23
CA THR D 86 26.85 20.50 4.88
C THR D 86 26.13 19.15 4.78
N MET D 87 26.62 18.12 5.50
CA MET D 87 26.02 16.79 5.51
C MET D 87 24.72 16.77 6.32
N TYR D 88 24.69 17.53 7.44
CA TYR D 88 23.53 17.70 8.32
C TYR D 88 22.40 18.40 7.54
N GLU D 89 22.73 19.51 6.84
CA GLU D 89 21.77 20.27 6.02
C GLU D 89 21.21 19.41 4.89
N LEU D 90 22.10 18.63 4.22
CA LEU D 90 21.72 17.73 3.14
C LEU D 90 20.78 16.62 3.67
N ALA D 91 21.13 16.03 4.84
CA ALA D 91 20.34 14.98 5.48
C ALA D 91 18.93 15.47 5.87
N CYS D 92 18.83 16.73 6.35
CA CYS D 92 17.54 17.36 6.69
C CYS D 92 16.62 17.39 5.47
N ASP D 93 17.17 17.78 4.30
CA ASP D 93 16.45 17.86 3.03
C ASP D 93 16.09 16.47 2.48
N VAL D 94 17.03 15.49 2.52
CA VAL D 94 16.80 14.13 2.04
C VAL D 94 15.64 13.45 2.83
N VAL D 95 15.70 13.49 4.17
CA VAL D 95 14.69 12.93 5.08
C VAL D 95 13.30 13.56 4.81
N ALA D 96 13.25 14.90 4.65
CA ALA D 96 12.03 15.65 4.37
C ALA D 96 11.47 15.31 2.98
N ALA D 97 12.37 15.10 1.97
CA ALA D 97 11.96 14.72 0.61
C ALA D 97 11.44 13.29 0.56
N ASN D 98 11.85 12.44 1.53
CA ASN D 98 11.40 11.04 1.62
C ASN D 98 10.21 10.89 2.59
N LYS D 99 9.58 12.04 2.96
CA LYS D 99 8.41 12.20 3.83
C LYS D 99 8.62 11.52 5.21
N MET D 100 9.80 11.74 5.82
CA MET D 100 10.14 11.16 7.11
C MET D 100 10.55 12.22 8.14
N GLU D 101 10.20 13.52 7.89
CA GLU D 101 10.48 14.67 8.77
C GLU D 101 9.99 14.48 10.21
N ALA D 102 8.77 13.93 10.37
CA ALA D 102 8.12 13.69 11.66
C ALA D 102 8.72 12.51 12.45
N GLY D 103 9.25 11.52 11.74
CA GLY D 103 9.81 10.31 12.34
C GLY D 103 11.28 10.31 12.67
N ILE D 104 12.08 11.20 12.02
CA ILE D 104 13.52 11.27 12.24
C ILE D 104 13.94 12.66 12.69
N LYS D 105 14.63 12.74 13.85
CA LYS D 105 15.15 14.00 14.39
C LYS D 105 16.65 14.08 14.10
N LEU D 106 17.04 15.04 13.23
CA LEU D 106 18.43 15.28 12.85
C LEU D 106 19.07 16.29 13.79
N LEU D 107 20.31 16.01 14.21
CA LEU D 107 21.07 16.86 15.13
C LEU D 107 22.43 17.23 14.55
N HIS D 108 22.73 18.54 14.46
CA HIS D 108 24.02 19.03 13.96
C HIS D 108 24.97 19.12 15.14
N THR D 109 25.70 18.01 15.39
CA THR D 109 26.65 17.85 16.50
C THR D 109 27.47 16.57 16.32
N LYS D 110 28.58 16.49 17.05
CA LYS D 110 29.37 15.27 17.15
C LYS D 110 28.61 14.50 18.23
N SER D 111 28.55 13.16 18.14
CA SER D 111 27.82 12.31 19.10
C SER D 111 28.34 12.48 20.54
N LEU D 112 29.64 12.87 20.69
CA LEU D 112 30.31 13.09 21.98
C LEU D 112 29.69 14.24 22.78
N ASP D 113 29.05 15.19 22.07
CA ASP D 113 28.44 16.38 22.67
C ASP D 113 26.94 16.20 22.93
N ILE D 114 26.39 14.99 22.62
CA ILE D 114 24.98 14.68 22.89
C ILE D 114 24.83 14.38 24.39
N GLU D 115 23.87 15.07 25.02
CA GLU D 115 23.53 14.92 26.44
C GLU D 115 22.06 14.54 26.58
N ILE D 116 21.75 13.71 27.58
CA ILE D 116 20.38 13.27 27.89
C ILE D 116 19.95 13.91 29.23
N PRO D 117 18.75 14.56 29.34
CA PRO D 117 17.68 14.69 28.33
C PRO D 117 17.78 15.95 27.44
N LYS D 118 18.86 16.73 27.58
CA LYS D 118 19.10 18.00 26.87
C LYS D 118 18.90 17.91 25.33
N HIS D 119 19.52 16.90 24.67
CA HIS D 119 19.44 16.75 23.22
C HIS D 119 18.56 15.55 22.81
N ILE D 120 18.72 14.41 23.51
CA ILE D 120 17.94 13.18 23.30
C ILE D 120 17.21 12.92 24.64
N PRO D 121 15.87 12.69 24.66
CA PRO D 121 15.16 12.57 25.95
C PRO D 121 15.49 11.31 26.76
N GLU D 122 15.73 10.17 26.11
CA GLU D 122 16.01 8.90 26.80
C GLU D 122 17.14 8.15 26.13
N ARG D 123 17.85 7.30 26.91
CA ARG D 123 18.93 6.44 26.40
C ARG D 123 18.33 5.52 25.32
N VAL D 124 19.02 5.38 24.18
CA VAL D 124 18.54 4.55 23.07
C VAL D 124 18.94 3.08 23.27
N SER D 125 18.20 2.17 22.59
CA SER D 125 18.47 0.73 22.63
C SER D 125 19.38 0.29 21.48
N LEU D 126 19.43 1.06 20.37
CA LEU D 126 20.29 0.69 19.24
C LEU D 126 21.13 1.87 18.68
N VAL D 127 22.44 1.65 18.57
CA VAL D 127 23.35 2.60 17.93
C VAL D 127 23.75 1.97 16.58
N VAL D 128 23.63 2.75 15.50
CA VAL D 128 24.01 2.35 14.15
C VAL D 128 25.04 3.38 13.70
N THR D 129 26.17 2.91 13.13
CA THR D 129 27.25 3.79 12.69
C THR D 129 28.06 3.18 11.53
N GLU D 130 28.64 4.06 10.72
CA GLU D 130 29.50 3.70 9.60
C GLU D 130 30.75 4.59 9.63
N THR D 131 31.07 5.12 10.84
CA THR D 131 32.23 5.99 11.11
C THR D 131 33.51 5.14 11.15
N VAL D 132 33.83 4.49 10.02
CA VAL D 132 35.00 3.64 9.86
C VAL D 132 35.76 4.03 8.58
N ASP D 133 37.08 3.87 8.61
CA ASP D 133 37.91 4.10 7.44
C ASP D 133 38.51 2.75 7.01
N ALA D 134 39.48 2.78 6.06
CA ALA D 134 40.19 1.60 5.55
C ALA D 134 40.96 0.86 6.68
N GLY D 135 41.42 1.61 7.69
CA GLY D 135 42.13 1.06 8.85
C GLY D 135 41.22 0.76 10.03
N LEU D 136 39.90 0.84 9.76
CA LEU D 136 38.75 0.62 10.65
C LEU D 136 38.61 1.71 11.71
N PHE D 137 39.67 1.96 12.49
CA PHE D 137 39.65 2.85 13.66
C PHE D 137 39.89 4.34 13.37
N GLY D 138 40.38 4.68 12.18
CA GLY D 138 40.75 6.05 11.78
C GLY D 138 39.75 7.19 11.92
N GLU D 139 38.45 6.88 12.10
CA GLU D 139 37.40 7.90 12.27
C GLU D 139 36.96 8.01 13.74
N GLY D 140 37.73 7.42 14.67
CA GLY D 140 37.45 7.44 16.10
C GLY D 140 36.24 6.65 16.59
N ILE D 141 35.94 5.49 15.95
CA ILE D 141 34.80 4.64 16.31
C ILE D 141 34.89 4.17 17.80
N VAL D 142 36.11 3.93 18.32
CA VAL D 142 36.30 3.47 19.70
C VAL D 142 35.86 4.59 20.68
N GLU D 143 36.43 5.82 20.57
CA GLU D 143 36.09 6.99 21.39
C GLU D 143 34.58 7.29 21.37
N SER D 144 33.95 7.23 20.19
CA SER D 144 32.52 7.48 20.01
C SER D 144 31.65 6.38 20.64
N LEU D 145 32.05 5.10 20.51
CA LEU D 145 31.27 3.99 21.09
C LEU D 145 31.48 3.91 22.61
N ILE D 146 32.65 4.34 23.14
CA ILE D 146 32.89 4.37 24.59
C ILE D 146 31.95 5.41 25.23
N HIS D 147 31.80 6.59 24.58
CA HIS D 147 30.91 7.65 25.03
C HIS D 147 29.45 7.19 24.92
N ALA D 148 29.11 6.47 23.83
CA ALA D 148 27.75 5.98 23.58
C ALA D 148 27.32 4.97 24.64
N TRP D 149 28.20 4.00 24.99
CA TRP D 149 27.90 3.00 26.01
C TRP D 149 27.77 3.60 27.41
N GLU D 150 28.56 4.65 27.70
CA GLU D 150 28.57 5.32 29.00
C GLU D 150 27.44 6.32 29.20
N HIS D 151 26.96 6.97 28.12
CA HIS D 151 25.98 8.04 28.28
C HIS D 151 24.73 7.99 27.40
N LEU D 152 24.79 7.36 26.23
CA LEU D 152 23.65 7.40 25.30
C LEU D 152 22.90 6.08 25.12
N LEU D 153 23.51 4.94 25.51
CA LEU D 153 22.92 3.61 25.34
C LEU D 153 22.38 3.01 26.62
N LEU D 154 21.33 2.16 26.50
CA LEU D 154 20.79 1.41 27.63
C LEU D 154 21.84 0.33 27.95
N GLN D 155 21.82 -0.24 29.17
CA GLN D 155 22.75 -1.28 29.62
C GLN D 155 22.82 -2.47 28.63
N PRO D 156 24.00 -3.13 28.43
CA PRO D 156 24.05 -4.27 27.49
C PRO D 156 23.33 -5.51 28.03
N LYS D 157 23.09 -6.52 27.17
CA LYS D 157 22.42 -7.78 27.53
C LYS D 157 23.19 -8.55 28.61
N ASN D 164 12.24 -8.13 24.25
CA ASN D 164 13.37 -8.12 25.18
C ASN D 164 14.49 -7.18 24.75
N CYS D 165 14.65 -6.93 23.42
CA CYS D 165 15.70 -6.07 22.85
C CYS D 165 15.47 -4.58 23.13
N GLU D 166 14.22 -4.17 23.44
CA GLU D 166 13.89 -2.77 23.73
C GLU D 166 14.44 -2.34 25.10
N LYS D 167 14.69 -3.30 26.02
CA LYS D 167 15.19 -3.09 27.38
C LYS D 167 16.71 -2.95 27.47
N TYR D 168 17.47 -3.46 26.47
CA TYR D 168 18.93 -3.38 26.51
C TYR D 168 19.53 -2.69 25.27
N GLY D 169 20.76 -2.19 25.42
CA GLY D 169 21.52 -1.51 24.37
C GLY D 169 22.33 -2.46 23.49
N LYS D 170 22.44 -2.12 22.20
CA LYS D 170 23.22 -2.87 21.20
C LYS D 170 23.80 -1.92 20.15
N VAL D 171 24.91 -2.33 19.49
CA VAL D 171 25.59 -1.52 18.45
C VAL D 171 25.69 -2.30 17.14
N ILE D 172 25.39 -1.62 16.01
CA ILE D 172 25.62 -2.07 14.64
C ILE D 172 26.73 -1.11 14.12
N PRO D 173 27.94 -1.61 13.73
CA PRO D 173 28.37 -3.01 13.67
C PRO D 173 28.64 -3.61 15.05
N ALA D 174 28.44 -4.94 15.17
CA ALA D 174 28.62 -5.68 16.42
C ALA D 174 30.11 -5.90 16.75
N SER D 175 30.91 -6.31 15.74
CA SER D 175 32.31 -6.64 15.92
C SER D 175 33.08 -6.60 14.60
N ALA D 176 34.40 -6.87 14.67
CA ALA D 176 35.29 -6.89 13.50
C ALA D 176 36.51 -7.75 13.73
N VAL D 177 37.02 -8.33 12.64
CA VAL D 177 38.27 -9.08 12.59
C VAL D 177 39.14 -8.34 11.56
N ILE D 178 40.32 -7.92 11.99
CA ILE D 178 41.26 -7.17 11.14
C ILE D 178 42.33 -8.11 10.62
N PHE D 179 42.58 -8.05 9.30
CA PHE D 179 43.56 -8.88 8.63
C PHE D 179 44.69 -8.07 8.01
N GLY D 180 45.86 -8.68 7.95
CA GLY D 180 47.08 -8.13 7.35
C GLY D 180 47.63 -9.07 6.30
N MET D 181 48.44 -8.55 5.36
CA MET D 181 49.09 -9.33 4.31
C MET D 181 50.34 -8.64 3.78
N ALA D 182 51.51 -9.29 3.92
CA ALA D 182 52.77 -8.73 3.41
C ALA D 182 52.75 -8.82 1.87
N VAL D 183 52.93 -7.67 1.21
CA VAL D 183 52.86 -7.58 -0.25
C VAL D 183 54.08 -6.90 -0.87
N GLU D 184 54.29 -7.19 -2.15
CA GLU D 184 55.26 -6.58 -3.05
C GLU D 184 54.40 -5.72 -3.94
N CYS D 185 54.66 -4.42 -3.97
CA CYS D 185 53.90 -3.47 -4.78
C CYS D 185 54.77 -2.28 -5.11
N ALA D 186 55.40 -2.32 -6.30
CA ALA D 186 56.31 -1.30 -6.83
C ALA D 186 55.67 0.09 -6.84
N GLU D 187 54.32 0.17 -7.03
CA GLU D 187 53.56 1.43 -7.03
C GLU D 187 53.60 2.09 -5.64
N ILE D 188 53.44 1.30 -4.57
CA ILE D 188 53.54 1.80 -3.19
C ILE D 188 55.00 2.19 -2.92
N ARG D 189 55.96 1.30 -3.24
CA ARG D 189 57.41 1.48 -3.04
C ARG D 189 57.94 2.82 -3.61
N ARG D 190 57.57 3.19 -4.86
CA ARG D 190 58.08 4.43 -5.49
C ARG D 190 57.57 5.71 -4.78
N HIS D 191 56.58 5.57 -3.89
CA HIS D 191 56.02 6.65 -3.11
C HIS D 191 56.54 6.69 -1.66
N HIS D 192 57.33 5.70 -1.23
CA HIS D 192 57.77 5.69 0.18
C HIS D 192 59.26 5.38 0.33
N ARG D 193 59.93 4.88 -0.72
CA ARG D 193 61.39 4.61 -0.70
C ARG D 193 62.08 5.18 -1.94
N VAL D 194 63.22 5.88 -1.74
CA VAL D 194 64.04 6.40 -2.85
C VAL D 194 64.86 5.15 -3.30
N GLY D 195 64.56 4.65 -4.51
CA GLY D 195 65.11 3.41 -5.04
C GLY D 195 66.41 3.40 -5.80
N ILE D 196 67.03 4.57 -5.99
CA ILE D 196 68.31 4.69 -6.70
C ILE D 196 69.26 5.56 -5.88
N LYS D 197 70.57 5.32 -6.04
CA LYS D 197 71.59 6.07 -5.32
C LYS D 197 72.27 7.12 -6.23
N ASP D 198 71.98 7.10 -7.55
CA ASP D 198 72.53 8.01 -8.55
C ASP D 198 71.45 8.45 -9.54
N ILE D 199 71.22 9.77 -9.61
CA ILE D 199 70.21 10.37 -10.48
C ILE D 199 70.85 11.44 -11.37
N ALA D 200 70.80 11.26 -12.69
CA ALA D 200 71.24 12.21 -13.70
C ALA D 200 72.62 12.86 -13.37
N GLY D 201 73.59 12.00 -13.08
CA GLY D 201 74.95 12.43 -12.78
C GLY D 201 75.22 12.83 -11.34
N ILE D 202 74.21 12.80 -10.43
CA ILE D 202 74.45 13.19 -9.03
C ILE D 202 74.34 11.96 -8.11
N HIS D 203 75.10 11.96 -7.03
CA HIS D 203 75.04 10.88 -6.07
C HIS D 203 74.19 11.33 -4.90
N LEU D 204 73.32 10.44 -4.42
CA LEU D 204 72.48 10.65 -3.25
C LEU D 204 73.23 9.90 -2.14
N PRO D 205 73.82 10.64 -1.17
CA PRO D 205 74.69 10.00 -0.17
C PRO D 205 73.97 9.17 0.88
N THR D 206 74.71 8.25 1.50
CA THR D 206 74.27 7.33 2.57
C THR D 206 73.92 8.10 3.86
N ASN D 207 74.57 9.25 4.12
CA ASN D 207 74.34 10.05 5.33
C ASN D 207 73.02 10.84 5.25
N VAL D 208 72.29 10.78 4.12
CA VAL D 208 70.96 11.39 3.96
C VAL D 208 69.95 10.27 3.79
N LYS D 209 69.14 10.03 4.82
CA LYS D 209 68.12 8.98 4.81
C LYS D 209 66.77 9.65 4.54
N PHE D 210 66.15 9.34 3.40
CA PHE D 210 64.85 9.90 3.08
C PHE D 210 63.77 8.97 3.55
N GLN D 211 62.71 9.53 4.17
CA GLN D 211 61.59 8.76 4.69
C GLN D 211 60.29 9.44 4.36
N SER D 212 59.22 8.67 4.19
CA SER D 212 57.90 9.21 3.88
C SER D 212 57.18 9.71 5.16
N PRO D 213 56.03 10.43 5.08
CA PRO D 213 55.35 10.86 6.33
C PRO D 213 54.76 9.68 7.12
N ALA D 214 54.71 8.46 6.52
CA ALA D 214 54.20 7.25 7.17
C ALA D 214 55.23 6.60 8.10
N TYR D 215 56.49 7.11 8.10
CA TYR D 215 57.62 6.63 8.89
C TYR D 215 57.58 7.08 10.37
N SER D 216 58.01 6.20 11.26
CA SER D 216 58.14 6.41 12.72
C SER D 216 59.37 5.60 13.21
N SER D 217 60.04 6.06 14.27
CA SER D 217 61.19 5.35 14.85
C SER D 217 61.34 5.63 16.35
N GLU D 222 54.34 8.69 16.95
CA GLU D 222 55.13 9.79 16.37
C GLU D 222 54.48 10.31 15.08
N THR D 223 54.17 9.41 14.12
CA THR D 223 53.49 9.78 12.87
C THR D 223 51.97 9.82 13.07
N ILE D 224 51.31 10.84 12.49
CA ILE D 224 49.85 11.00 12.53
C ILE D 224 49.27 10.56 11.17
N GLU D 225 50.12 9.90 10.36
CA GLU D 225 49.80 9.35 9.03
C GLU D 225 50.40 7.91 8.94
N PRO D 226 50.07 6.94 9.84
CA PRO D 226 50.72 5.62 9.76
C PRO D 226 50.43 4.83 8.49
N TYR D 227 49.28 5.08 7.87
CA TYR D 227 48.91 4.37 6.66
C TYR D 227 48.21 5.26 5.66
N THR D 228 48.32 4.87 4.38
CA THR D 228 47.59 5.52 3.30
C THR D 228 46.37 4.62 3.05
N THR D 229 45.42 5.09 2.23
CA THR D 229 44.21 4.34 1.85
C THR D 229 44.28 4.11 0.33
N GLU D 230 44.15 2.83 -0.11
CA GLU D 230 44.33 2.47 -1.51
C GLU D 230 43.33 1.46 -2.03
N LYS D 231 42.92 1.60 -3.29
CA LYS D 231 42.03 0.64 -3.94
C LYS D 231 42.98 -0.40 -4.54
N MET D 232 43.46 -1.34 -3.69
CA MET D 232 44.46 -2.33 -4.06
C MET D 232 44.03 -3.31 -5.17
N SER D 233 42.71 -3.48 -5.41
CA SER D 233 42.19 -4.35 -6.48
C SER D 233 42.55 -3.78 -7.88
N ARG D 234 42.78 -2.43 -7.96
CA ARG D 234 43.17 -1.75 -9.19
C ARG D 234 44.45 -0.86 -8.99
N VAL D 235 45.42 -1.28 -8.16
CA VAL D 235 46.65 -0.48 -7.97
C VAL D 235 47.51 -0.63 -9.24
N PRO D 236 48.05 0.48 -9.84
CA PRO D 236 48.88 0.33 -11.06
C PRO D 236 50.02 -0.66 -10.84
N GLY D 237 50.18 -1.59 -11.78
CA GLY D 237 51.20 -2.64 -11.74
C GLY D 237 50.81 -3.84 -10.90
N GLY D 238 49.77 -3.68 -10.07
CA GLY D 238 49.28 -4.72 -9.18
C GLY D 238 50.18 -4.99 -7.99
N TYR D 239 49.84 -6.04 -7.23
CA TYR D 239 50.60 -6.47 -6.06
C TYR D 239 50.72 -8.00 -6.03
N LEU D 240 51.70 -8.50 -5.28
CA LEU D 240 51.93 -9.92 -5.10
C LEU D 240 51.96 -10.27 -3.62
N ALA D 241 51.13 -11.25 -3.21
CA ALA D 241 51.01 -11.78 -1.85
C ALA D 241 52.30 -12.51 -1.50
N LEU D 242 53.03 -12.03 -0.48
CA LEU D 242 54.29 -12.64 -0.09
C LEU D 242 54.09 -13.60 1.10
N THR D 243 52.93 -13.46 1.77
CA THR D 243 52.50 -14.30 2.90
C THR D 243 51.01 -14.61 2.68
N GLU D 244 50.46 -15.54 3.46
CA GLU D 244 49.02 -15.81 3.45
C GLU D 244 48.41 -14.69 4.32
N CYS D 245 47.10 -14.48 4.22
CA CYS D 245 46.42 -13.46 5.04
C CYS D 245 46.46 -13.92 6.50
N PHE D 246 46.65 -12.97 7.41
CA PHE D 246 46.73 -13.28 8.83
C PHE D 246 45.91 -12.32 9.65
N GLU D 247 45.37 -12.79 10.77
CA GLU D 247 44.58 -11.99 11.69
C GLU D 247 45.55 -11.11 12.47
N ILE D 248 45.24 -9.83 12.53
CA ILE D 248 46.11 -8.86 13.19
C ILE D 248 45.45 -8.38 14.50
N MET D 249 44.11 -8.42 14.58
CA MET D 249 43.33 -7.92 15.71
C MET D 249 41.85 -8.30 15.57
N THR D 250 41.12 -8.33 16.69
CA THR D 250 39.66 -8.50 16.78
C THR D 250 39.17 -7.41 17.74
N VAL D 251 37.90 -6.99 17.57
CA VAL D 251 37.33 -5.94 18.42
C VAL D 251 35.84 -6.20 18.59
N ASP D 252 35.33 -6.08 19.82
CA ASP D 252 33.92 -6.26 20.13
C ASP D 252 33.31 -4.90 20.47
N PHE D 253 32.58 -4.32 19.50
CA PHE D 253 31.97 -2.99 19.63
C PHE D 253 30.86 -2.93 20.69
N ASN D 254 30.32 -4.11 21.11
CA ASN D 254 29.29 -4.26 22.13
C ASN D 254 29.89 -4.45 23.54
N ASN D 255 31.23 -4.55 23.61
CA ASN D 255 31.97 -4.75 24.84
C ASN D 255 32.73 -3.48 25.23
N LEU D 256 32.13 -2.68 26.15
CA LEU D 256 32.65 -1.42 26.68
C LEU D 256 34.01 -1.61 27.39
N GLN D 257 34.14 -2.70 28.19
CA GLN D 257 35.36 -3.03 28.94
C GLN D 257 36.54 -3.28 28.02
N GLU D 258 36.31 -4.03 26.91
CA GLU D 258 37.31 -4.35 25.88
C GLU D 258 37.74 -3.08 25.15
N LEU D 259 36.77 -2.19 24.85
CA LEU D 259 37.02 -0.92 24.17
C LEU D 259 37.85 0.03 25.03
N LYS D 260 37.55 0.12 26.34
CA LYS D 260 38.30 0.97 27.28
C LYS D 260 39.73 0.46 27.52
N SER D 261 39.93 -0.89 27.47
CA SER D 261 41.23 -1.52 27.68
C SER D 261 42.23 -1.29 26.52
N LEU D 262 41.75 -0.82 25.35
CA LEU D 262 42.59 -0.61 24.17
C LEU D 262 43.66 0.45 24.37
N ALA D 263 43.37 1.54 25.11
CA ALA D 263 44.28 2.68 25.34
C ALA D 263 45.57 2.27 26.07
N THR D 264 45.54 1.21 26.90
CA THR D 264 46.71 0.77 27.67
C THR D 264 47.14 -0.68 27.32
N LYS D 265 46.52 -1.29 26.29
CA LYS D 265 46.87 -2.66 25.89
C LYS D 265 48.25 -2.69 25.24
N LYS D 266 49.14 -3.56 25.77
CA LYS D 266 50.50 -3.73 25.25
C LYS D 266 50.46 -4.26 23.81
N PRO D 267 51.30 -3.73 22.88
CA PRO D 267 51.27 -4.22 21.49
C PRO D 267 51.42 -5.74 21.33
N ASP D 268 50.72 -6.30 20.34
CA ASP D 268 50.76 -7.72 20.03
C ASP D 268 51.90 -8.00 19.05
N LYS D 269 52.93 -8.72 19.51
CA LYS D 269 54.10 -9.09 18.71
C LYS D 269 53.73 -10.35 17.92
N ILE D 270 53.72 -10.25 16.57
CA ILE D 270 53.35 -11.38 15.71
C ILE D 270 54.47 -11.71 14.70
N GLY D 271 54.54 -12.98 14.32
CA GLY D 271 55.50 -13.53 13.38
C GLY D 271 54.80 -14.27 12.26
N ILE D 272 54.97 -13.80 11.03
CA ILE D 272 54.28 -14.37 9.88
C ILE D 272 55.25 -15.05 8.90
N PRO D 273 55.06 -16.36 8.60
CA PRO D 273 55.95 -17.04 7.65
C PRO D 273 55.78 -16.56 6.21
N VAL D 274 56.90 -16.46 5.47
CA VAL D 274 56.93 -16.01 4.07
C VAL D 274 56.66 -17.23 3.17
N ILE D 275 55.69 -17.10 2.25
CA ILE D 275 55.30 -18.19 1.35
C ILE D 275 55.76 -17.94 -0.10
N LYS D 276 56.21 -16.71 -0.41
CA LYS D 276 56.65 -16.35 -1.74
C LYS D 276 57.84 -15.40 -1.71
N GLU D 277 58.81 -15.64 -2.62
CA GLU D 277 60.01 -14.81 -2.80
C GLU D 277 59.57 -13.45 -3.36
N GLY D 278 60.17 -12.35 -2.87
CA GLY D 278 59.83 -11.01 -3.33
C GLY D 278 60.26 -9.87 -2.43
N ILE D 279 60.13 -8.62 -2.94
CA ILE D 279 60.51 -7.38 -2.26
C ILE D 279 59.38 -6.92 -1.32
N LEU D 280 59.66 -6.86 0.00
CA LEU D 280 58.67 -6.43 0.99
C LEU D 280 58.40 -4.89 0.87
N ASP D 281 57.22 -4.52 0.37
CA ASP D 281 56.89 -3.10 0.14
C ASP D 281 55.85 -2.54 1.12
N ALA D 282 54.92 -3.37 1.61
CA ALA D 282 53.89 -2.90 2.53
C ALA D 282 53.18 -4.04 3.20
N ILE D 283 52.40 -3.72 4.24
CA ILE D 283 51.46 -4.62 4.88
C ILE D 283 50.10 -4.05 4.46
N MET D 284 49.34 -4.84 3.70
CA MET D 284 48.01 -4.44 3.24
C MET D 284 47.01 -4.94 4.26
N VAL D 285 46.20 -4.01 4.81
CA VAL D 285 45.25 -4.29 5.87
C VAL D 285 43.80 -4.06 5.43
N TRP D 286 42.92 -4.99 5.81
CA TRP D 286 41.48 -4.94 5.58
C TRP D 286 40.77 -5.55 6.78
N PHE D 287 39.43 -5.56 6.77
CA PHE D 287 38.69 -6.12 7.88
C PHE D 287 37.37 -6.74 7.44
N VAL D 288 36.87 -7.67 8.26
CA VAL D 288 35.57 -8.33 8.12
C VAL D 288 34.72 -7.76 9.26
N LEU D 289 33.73 -6.94 8.91
CA LEU D 289 32.83 -6.26 9.81
C LEU D 289 31.54 -7.07 9.98
N GLN D 290 31.27 -7.54 11.21
CA GLN D 290 30.08 -8.31 11.55
C GLN D 290 28.97 -7.34 12.01
N LEU D 291 27.98 -7.07 11.15
CA LEU D 291 26.88 -6.14 11.47
C LEU D 291 25.99 -6.72 12.56
N ASP D 292 25.78 -8.04 12.48
CA ASP D 292 25.04 -8.88 13.40
C ASP D 292 25.48 -10.33 13.15
N ASP D 293 24.82 -11.32 13.78
CA ASP D 293 25.17 -12.74 13.65
C ASP D 293 24.95 -13.30 12.22
N GLU D 294 24.12 -12.63 11.39
CA GLU D 294 23.80 -13.06 10.01
C GLU D 294 24.46 -12.23 8.89
N HIS D 295 24.59 -10.91 9.10
CA HIS D 295 25.09 -9.99 8.08
C HIS D 295 26.51 -9.52 8.36
N SER D 296 27.42 -9.76 7.40
CA SER D 296 28.83 -9.37 7.47
C SER D 296 29.29 -8.69 6.18
N LEU D 297 30.19 -7.72 6.33
CA LEU D 297 30.76 -6.93 5.24
C LEU D 297 32.28 -7.10 5.24
N SER D 298 32.88 -7.32 4.06
CA SER D 298 34.33 -7.47 3.96
C SER D 298 34.96 -6.34 3.16
N THR D 299 36.09 -5.77 3.66
CA THR D 299 36.80 -4.72 2.94
C THR D 299 37.99 -5.35 2.21
N SER D 300 37.98 -6.69 2.05
CA SER D 300 38.99 -7.44 1.32
C SER D 300 39.10 -6.86 -0.12
N PRO D 301 40.33 -6.70 -0.68
CA PRO D 301 40.44 -6.10 -2.03
C PRO D 301 39.68 -6.92 -3.09
N SER D 302 38.80 -6.24 -3.83
CA SER D 302 37.99 -6.83 -4.88
C SER D 302 37.47 -5.74 -5.82
N GLU D 303 37.53 -5.98 -7.13
CA GLU D 303 36.99 -5.04 -8.13
C GLU D 303 35.47 -4.95 -8.07
N GLU D 304 34.81 -5.90 -7.37
CA GLU D 304 33.35 -5.98 -7.20
C GLU D 304 32.85 -5.12 -6.02
N THR D 305 33.76 -4.62 -5.15
CA THR D 305 33.40 -3.79 -3.99
C THR D 305 34.04 -2.41 -4.04
N CYS D 306 33.46 -1.44 -3.30
CA CYS D 306 33.90 -0.05 -3.23
C CYS D 306 35.05 0.20 -2.22
N TRP D 307 35.27 -0.76 -1.31
CA TRP D 307 36.20 -0.63 -0.20
C TRP D 307 37.66 -0.54 -0.57
N GLU D 308 38.34 0.41 0.08
CA GLU D 308 39.79 0.60 0.02
C GLU D 308 40.43 -0.09 1.23
N GLN D 309 41.75 -0.31 1.15
CA GLN D 309 42.59 -0.99 2.13
C GLN D 309 43.58 -0.04 2.77
N ALA D 310 43.98 -0.35 4.01
CA ALA D 310 44.96 0.45 4.73
C ALA D 310 46.33 -0.07 4.32
N VAL D 311 47.22 0.83 3.90
CA VAL D 311 48.55 0.43 3.46
C VAL D 311 49.63 0.97 4.41
N TYR D 312 50.37 0.06 5.06
CA TYR D 312 51.45 0.40 5.99
C TYR D 312 52.75 0.18 5.25
N PRO D 313 53.40 1.26 4.74
CA PRO D 313 54.63 1.08 3.94
C PRO D 313 55.78 0.50 4.74
N VAL D 314 56.61 -0.33 4.10
CA VAL D 314 57.80 -0.90 4.74
C VAL D 314 58.96 -0.05 4.21
N GLN D 315 59.68 0.71 5.08
CA GLN D 315 60.68 1.66 4.53
C GLN D 315 62.00 1.92 5.35
N ASP D 316 62.22 1.24 6.47
CA ASP D 316 63.46 1.43 7.26
C ASP D 316 64.09 0.05 7.57
N LEU D 317 64.38 -0.72 6.51
CA LEU D 317 65.02 -2.04 6.62
C LEU D 317 66.34 -2.03 5.87
N ALA D 318 67.28 -2.88 6.34
CA ALA D 318 68.59 -3.08 5.74
C ALA D 318 68.46 -3.84 4.42
N ASP D 319 67.57 -4.84 4.36
CA ASP D 319 67.30 -5.68 3.18
C ASP D 319 65.79 -5.91 3.05
N TYR D 320 65.22 -5.65 1.86
CA TYR D 320 63.78 -5.81 1.60
C TYR D 320 63.45 -7.15 0.92
N TRP D 321 64.47 -7.93 0.51
CA TRP D 321 64.22 -9.22 -0.12
C TRP D 321 63.86 -10.25 0.93
N ILE D 322 62.70 -10.89 0.75
CA ILE D 322 62.18 -11.92 1.67
C ILE D 322 61.90 -13.20 0.86
N LYS D 323 62.14 -14.37 1.48
CA LYS D 323 61.98 -15.67 0.82
C LYS D 323 61.32 -16.73 1.72
N PRO D 324 60.68 -17.81 1.17
CA PRO D 324 60.15 -18.87 2.06
C PRO D 324 61.21 -19.35 3.06
N GLY D 325 60.84 -19.37 4.33
CA GLY D 325 61.76 -19.70 5.42
C GLY D 325 61.97 -18.51 6.33
N ASP D 326 61.79 -17.29 5.78
CA ASP D 326 61.87 -16.03 6.50
C ASP D 326 60.54 -15.81 7.24
N HIS D 327 60.57 -14.94 8.24
CA HIS D 327 59.40 -14.59 9.04
C HIS D 327 59.30 -13.05 9.12
N VAL D 328 58.14 -12.49 8.75
CA VAL D 328 57.89 -11.06 8.85
C VAL D 328 57.36 -10.78 10.26
N MET D 329 58.14 -10.04 11.05
CA MET D 329 57.79 -9.66 12.42
C MET D 329 57.28 -8.26 12.48
N MET D 330 56.31 -8.00 13.35
CA MET D 330 55.71 -6.68 13.54
C MET D 330 55.01 -6.60 14.90
N GLU D 331 54.70 -5.38 15.35
CA GLU D 331 54.03 -5.08 16.60
C GLU D 331 52.77 -4.30 16.28
N VAL D 332 51.60 -4.93 16.55
CA VAL D 332 50.29 -4.36 16.28
C VAL D 332 49.71 -3.76 17.55
N SER D 333 49.29 -2.48 17.49
CA SER D 333 48.71 -1.76 18.62
C SER D 333 47.61 -0.81 18.14
N CYS D 334 46.66 -0.47 19.02
CA CYS D 334 45.52 0.40 18.72
C CYS D 334 45.12 1.18 19.99
N GLN D 335 46.08 1.96 20.50
CA GLN D 335 45.93 2.75 21.71
C GLN D 335 45.32 4.15 21.43
N ASP D 336 45.94 4.96 20.54
CA ASP D 336 45.47 6.33 20.26
C ASP D 336 44.89 6.52 18.83
N CYS D 337 43.58 6.21 18.66
CA CYS D 337 42.70 6.37 17.50
C CYS D 337 43.16 5.64 16.20
N TYR D 338 44.46 5.36 15.99
CA TYR D 338 44.88 4.64 14.79
C TYR D 338 45.42 3.25 15.09
N LEU D 339 45.11 2.29 14.21
CA LEU D 339 45.68 0.94 14.26
C LEU D 339 47.12 1.14 13.74
N ARG D 340 48.12 0.67 14.50
CA ARG D 340 49.53 0.86 14.16
C ARG D 340 50.26 -0.47 14.03
N ILE D 341 51.11 -0.57 13.00
CA ILE D 341 51.98 -1.72 12.74
C ILE D 341 53.41 -1.16 12.82
N GLN D 342 54.11 -1.49 13.91
CA GLN D 342 55.45 -0.96 14.16
C GLN D 342 56.49 -2.07 14.33
N SER D 343 57.79 -1.67 14.39
CA SER D 343 58.95 -2.55 14.56
C SER D 343 58.93 -3.73 13.55
N ILE D 344 58.65 -3.44 12.27
CA ILE D 344 58.62 -4.44 11.20
C ILE D 344 60.05 -4.90 10.93
N SER D 345 60.28 -6.22 11.01
CA SER D 345 61.58 -6.80 10.76
C SER D 345 61.47 -8.14 10.03
N VAL D 346 62.58 -8.59 9.46
CA VAL D 346 62.69 -9.87 8.76
C VAL D 346 63.57 -10.77 9.62
N LEU D 347 63.02 -11.90 10.03
CA LEU D 347 63.75 -12.89 10.81
C LEU D 347 64.02 -14.07 9.90
N GLY D 348 65.30 -14.30 9.61
CA GLY D 348 65.78 -15.38 8.74
N GLU D 390 74.88 12.05 9.37
CA GLU D 390 73.61 11.33 9.43
C GLU D 390 72.43 12.29 9.65
N GLN D 391 71.53 12.35 8.67
CA GLN D 391 70.36 13.22 8.72
C GLN D 391 69.18 12.45 8.15
N THR D 392 68.04 12.47 8.86
CA THR D 392 66.79 11.86 8.38
C THR D 392 65.98 13.01 7.78
N CYS D 393 65.64 12.90 6.51
CA CYS D 393 64.88 13.92 5.80
C CYS D 393 63.52 13.40 5.41
N ILE D 394 62.48 13.96 6.02
CA ILE D 394 61.08 13.59 5.75
C ILE D 394 60.64 14.25 4.44
N LEU D 395 60.21 13.42 3.48
CA LEU D 395 59.68 13.95 2.22
C LEU D 395 58.23 13.51 2.06
N GLU D 396 57.45 14.31 1.33
CA GLU D 396 56.07 13.95 0.95
C GLU D 396 56.22 12.79 -0.05
N SER D 397 55.20 11.95 -0.20
CA SER D 397 55.19 10.83 -1.13
C SER D 397 55.34 11.29 -2.57
N THR D 398 54.83 12.50 -2.90
CA THR D 398 54.98 13.12 -4.23
C THR D 398 56.48 13.43 -4.50
N GLU D 399 57.21 13.85 -3.47
CA GLU D 399 58.64 14.19 -3.54
C GLU D 399 59.48 12.93 -3.63
N ILE D 400 59.02 11.83 -3.01
CA ILE D 400 59.70 10.55 -3.09
C ILE D 400 59.50 10.01 -4.53
N ALA D 401 58.24 10.02 -5.03
CA ALA D 401 57.90 9.62 -6.41
C ALA D 401 58.73 10.47 -7.40
N LEU D 402 58.92 11.77 -7.13
CA LEU D 402 59.77 12.67 -7.93
C LEU D 402 61.23 12.18 -8.00
N LEU D 403 61.83 11.83 -6.85
CA LEU D 403 63.22 11.34 -6.83
C LEU D 403 63.35 9.99 -7.58
N ASN D 404 62.24 9.22 -7.69
CA ASN D 404 62.21 7.94 -8.41
C ASN D 404 61.85 8.12 -9.90
N ASN D 405 61.60 9.36 -10.33
CA ASN D 405 61.26 9.71 -11.72
C ASN D 405 62.54 10.05 -12.46
N ILE D 406 63.19 9.01 -12.99
CA ILE D 406 64.47 9.07 -13.70
C ILE D 406 64.35 9.91 -15.01
N PRO D 407 63.38 9.66 -15.94
CA PRO D 407 63.29 10.48 -17.17
C PRO D 407 63.15 12.01 -16.94
N TYR D 408 62.47 12.42 -15.86
CA TYR D 408 62.31 13.84 -15.47
C TYR D 408 63.71 14.49 -15.25
N HIS D 409 64.54 13.82 -14.45
CA HIS D 409 65.86 14.34 -14.08
C HIS D 409 66.85 14.25 -15.24
N GLU D 410 66.85 13.14 -15.97
CA GLU D 410 67.69 12.96 -17.16
C GLU D 410 67.30 13.98 -18.26
N GLY D 411 66.01 14.26 -18.37
CA GLY D 411 65.53 15.25 -19.34
C GLY D 411 66.00 16.65 -19.01
N PHE D 412 65.87 17.02 -17.71
CA PHE D 412 66.32 18.31 -17.19
C PHE D 412 67.84 18.48 -17.31
N LYS D 413 68.60 17.42 -17.02
CA LYS D 413 70.06 17.43 -17.15
C LYS D 413 70.48 17.77 -18.61
N MET D 414 69.92 17.04 -19.61
CA MET D 414 70.20 17.29 -21.02
C MET D 414 69.73 18.67 -21.47
N ALA D 415 68.50 19.13 -21.06
CA ALA D 415 67.99 20.43 -21.46
C ALA D 415 68.83 21.58 -20.89
N MET D 416 69.27 21.46 -19.61
CA MET D 416 70.13 22.48 -18.99
C MET D 416 71.51 22.52 -19.65
N SER D 417 72.09 21.35 -19.98
CA SER D 417 73.40 21.24 -20.67
C SER D 417 73.40 21.95 -22.05
N LYS D 418 72.29 21.87 -22.81
CA LYS D 418 72.17 22.51 -24.13
C LYS D 418 72.18 24.04 -24.02
N VAL D 419 71.61 24.60 -22.94
CA VAL D 419 71.58 26.06 -22.72
C VAL D 419 73.00 26.53 -22.39
N LEU D 420 73.69 25.81 -21.50
CA LEU D 420 75.06 26.08 -21.10
C LEU D 420 75.98 25.98 -22.33
N SER D 421 75.82 24.93 -23.15
CA SER D 421 76.59 24.72 -24.38
C SER D 421 76.40 25.86 -25.41
N SER D 422 75.18 26.43 -25.52
CA SER D 422 74.91 27.52 -26.44
C SER D 422 75.35 28.91 -25.91
N LEU D 423 75.30 29.13 -24.58
CA LEU D 423 75.70 30.41 -24.00
C LEU D 423 77.17 30.49 -23.58
N THR D 424 77.64 29.49 -22.80
CA THR D 424 79.01 29.46 -22.27
C THR D 424 79.58 28.02 -22.38
N PRO D 425 79.97 27.56 -23.60
CA PRO D 425 80.45 26.17 -23.76
C PRO D 425 81.68 25.80 -22.93
N GLU D 426 82.53 26.76 -22.56
CA GLU D 426 83.72 26.48 -21.76
C GLU D 426 83.36 26.13 -20.31
N LYS D 427 82.15 26.56 -19.85
CA LYS D 427 81.63 26.33 -18.50
C LYS D 427 81.00 24.95 -18.38
N LEU D 428 80.65 24.31 -19.50
CA LEU D 428 80.08 22.96 -19.52
C LEU D 428 81.20 21.95 -19.30
N TYR D 429 81.06 21.05 -18.32
CA TYR D 429 82.09 20.07 -17.98
C TYR D 429 82.20 18.91 -18.99
N GLN D 430 81.06 18.39 -19.47
CA GLN D 430 80.98 17.28 -20.43
C GLN D 430 80.07 17.66 -21.59
N ASN D 452 84.47 34.83 -19.30
CA ASN D 452 84.94 35.33 -18.00
C ASN D 452 84.70 34.26 -16.91
N ILE D 453 85.82 33.76 -16.38
CA ILE D 453 85.89 32.73 -15.33
C ILE D 453 85.28 33.22 -13.99
N LEU D 454 85.19 34.55 -13.76
CA LEU D 454 84.62 35.13 -12.54
C LEU D 454 83.14 35.48 -12.72
N GLU D 455 82.63 35.37 -13.98
CA GLU D 455 81.24 35.69 -14.34
C GLU D 455 80.39 34.43 -14.22
N PRO D 456 79.43 34.46 -13.24
CA PRO D 456 78.62 33.27 -12.99
C PRO D 456 77.47 33.08 -13.94
N PHE D 457 77.13 31.82 -14.20
CA PHE D 457 75.99 31.37 -14.99
C PHE D 457 74.92 31.07 -13.94
N TYR D 458 73.99 32.00 -13.73
CA TYR D 458 72.96 31.88 -12.71
C TYR D 458 71.77 30.99 -13.15
N VAL D 459 71.43 30.00 -12.31
CA VAL D 459 70.32 29.06 -12.50
C VAL D 459 69.38 29.17 -11.30
N LEU D 460 68.08 29.50 -11.57
CA LEU D 460 67.07 29.54 -10.52
C LEU D 460 66.07 28.41 -10.65
N ASP D 461 65.91 27.65 -9.58
CA ASP D 461 64.90 26.60 -9.55
C ASP D 461 63.71 27.08 -8.69
N VAL D 462 62.54 27.33 -9.31
CA VAL D 462 61.32 27.79 -8.64
C VAL D 462 60.31 26.61 -8.53
N SER D 463 60.83 25.36 -8.50
CA SER D 463 60.01 24.17 -8.27
C SER D 463 59.43 24.30 -6.86
N GLU D 464 58.26 23.72 -6.63
CA GLU D 464 57.60 23.75 -5.34
C GLU D 464 57.97 22.47 -4.61
N GLY D 465 58.47 22.61 -3.38
CA GLY D 465 58.85 21.47 -2.56
C GLY D 465 60.27 21.02 -2.82
N PHE D 466 60.60 19.83 -2.33
CA PHE D 466 61.94 19.27 -2.46
C PHE D 466 62.34 19.11 -3.93
N SER D 467 63.57 19.54 -4.25
CA SER D 467 64.06 19.45 -5.61
C SER D 467 65.55 19.33 -5.63
N VAL D 468 66.09 18.46 -6.53
CA VAL D 468 67.53 18.26 -6.67
C VAL D 468 68.04 18.89 -7.99
N LEU D 469 67.16 19.50 -8.79
CA LEU D 469 67.53 20.17 -10.04
C LEU D 469 68.70 21.18 -9.86
N PRO D 470 68.80 21.98 -8.74
CA PRO D 470 69.98 22.85 -8.57
C PRO D 470 71.31 22.08 -8.37
N VAL D 471 71.25 20.84 -7.84
CA VAL D 471 72.45 20.03 -7.64
C VAL D 471 72.85 19.48 -9.01
N ILE D 472 71.88 19.01 -9.80
CA ILE D 472 72.14 18.54 -11.17
C ILE D 472 72.80 19.69 -11.96
N ALA D 473 72.27 20.92 -11.89
CA ALA D 473 72.82 22.09 -12.59
C ALA D 473 74.29 22.33 -12.21
N GLY D 474 74.60 22.33 -10.91
CA GLY D 474 75.95 22.53 -10.39
C GLY D 474 76.95 21.45 -10.77
N THR D 475 76.50 20.21 -10.98
CA THR D 475 77.41 19.10 -11.39
C THR D 475 77.70 19.14 -12.90
N LEU D 476 76.88 19.86 -13.68
CA LEU D 476 76.97 20.01 -15.13
C LEU D 476 78.01 20.95 -15.62
N GLY D 477 78.14 22.07 -14.95
CA GLY D 477 79.04 23.13 -15.36
C GLY D 477 79.33 24.10 -14.26
N GLN D 478 80.19 25.08 -14.52
N GLN D 478 80.12 25.15 -14.61
CA GLN D 478 80.56 26.06 -13.50
CA GLN D 478 80.50 26.28 -13.78
C GLN D 478 79.44 27.10 -13.35
C GLN D 478 79.24 27.12 -13.64
N VAL D 479 78.28 26.65 -12.83
CA VAL D 479 77.04 27.39 -12.62
C VAL D 479 76.90 27.78 -11.14
N LYS D 480 76.12 28.81 -10.90
CA LYS D 480 75.76 29.27 -9.57
C LYS D 480 74.27 28.89 -9.46
N PRO D 481 73.94 27.76 -8.81
CA PRO D 481 72.53 27.34 -8.73
C PRO D 481 71.81 27.80 -7.45
N TYR D 482 70.55 28.15 -7.59
CA TYR D 482 69.72 28.60 -6.47
C TYR D 482 68.53 27.66 -6.30
N SER D 483 68.29 27.26 -5.06
CA SER D 483 67.20 26.38 -4.64
C SER D 483 66.09 27.22 -3.95
N SER D 484 64.82 26.91 -4.20
CA SER D 484 63.66 27.59 -3.59
C SER D 484 63.02 26.79 -2.46
N VAL D 485 63.69 25.75 -1.91
CA VAL D 485 63.11 24.94 -0.83
C VAL D 485 62.80 25.84 0.37
N GLU D 486 61.67 25.59 1.02
CA GLU D 486 61.24 26.37 2.18
C GLU D 486 61.75 25.74 3.51
N LYS D 487 61.40 24.46 3.74
CA LYS D 487 61.74 23.68 4.94
C LYS D 487 63.26 23.64 5.23
N ASP D 488 63.64 23.91 6.49
CA ASP D 488 65.02 23.93 6.95
C ASP D 488 65.69 22.57 6.79
N GLN D 489 64.95 21.48 7.02
CA GLN D 489 65.42 20.08 6.91
C GLN D 489 65.84 19.77 5.46
N HIS D 490 65.10 20.32 4.49
CA HIS D 490 65.36 20.18 3.05
C HIS D 490 66.67 20.88 2.66
N ARG D 491 66.96 22.04 3.26
CA ARG D 491 68.19 22.80 3.02
C ARG D 491 69.42 22.03 3.50
N ILE D 492 69.32 21.44 4.71
CA ILE D 492 70.38 20.61 5.33
C ILE D 492 70.70 19.42 4.42
N ALA D 493 69.65 18.70 3.96
CA ALA D 493 69.78 17.54 3.07
C ALA D 493 70.46 17.93 1.77
N LEU D 494 70.04 19.07 1.18
CA LEU D 494 70.60 19.60 -0.07
C LEU D 494 72.05 20.04 0.10
N ASP D 495 72.41 20.57 1.28
CA ASP D 495 73.80 20.94 1.60
C ASP D 495 74.69 19.69 1.67
N LEU D 496 74.16 18.57 2.23
CA LEU D 496 74.85 17.27 2.34
C LEU D 496 74.94 16.58 0.96
N ILE D 497 73.91 16.72 0.13
CA ILE D 497 73.94 16.19 -1.24
C ILE D 497 75.00 16.96 -2.04
N SER D 498 75.05 18.30 -1.89
CA SER D 498 76.00 19.17 -2.58
C SER D 498 77.43 18.76 -2.23
N GLU D 499 77.69 18.54 -0.93
N GLU D 499 77.68 18.53 -0.93
CA GLU D 499 78.97 18.11 -0.38
CA GLU D 499 78.93 18.09 -0.31
C GLU D 499 79.41 16.75 -0.96
C GLU D 499 79.40 16.74 -0.89
N ALA D 500 78.45 15.82 -1.16
CA ALA D 500 78.71 14.48 -1.73
C ALA D 500 78.97 14.56 -3.24
N ASN D 501 78.61 15.68 -3.88
CA ASN D 501 78.83 15.88 -5.30
C ASN D 501 79.98 16.87 -5.55
N HIS D 502 80.90 16.93 -4.58
CA HIS D 502 82.18 17.66 -4.54
C HIS D 502 82.03 19.17 -4.68
N PHE D 503 80.89 19.73 -4.26
CA PHE D 503 80.71 21.18 -4.34
C PHE D 503 81.48 21.81 -3.19
N PRO D 504 82.32 22.85 -3.44
CA PRO D 504 82.91 23.60 -2.32
C PRO D 504 81.74 24.29 -1.57
N LYS D 505 81.91 24.62 -0.29
CA LYS D 505 80.88 25.26 0.54
C LYS D 505 80.25 26.47 -0.14
N GLU D 506 78.92 26.59 -0.02
CA GLU D 506 78.10 27.70 -0.56
C GLU D 506 78.19 27.85 -2.09
N THR D 507 78.35 26.73 -2.85
CA THR D 507 78.22 26.73 -4.32
C THR D 507 76.68 26.83 -4.50
N LEU D 508 75.94 25.90 -3.88
CA LEU D 508 74.47 25.92 -3.93
C LEU D 508 73.98 26.99 -2.94
N GLU D 509 73.12 27.90 -3.42
CA GLU D 509 72.55 28.91 -2.54
C GLU D 509 71.02 28.78 -2.48
N PHE D 510 70.39 29.35 -1.45
CA PHE D 510 68.94 29.25 -1.25
C PHE D 510 68.27 30.60 -1.45
N TRP D 511 67.30 30.62 -2.37
CA TRP D 511 66.56 31.80 -2.78
C TRP D 511 65.49 32.24 -1.76
N LEU D 512 64.75 31.29 -1.14
CA LEU D 512 63.66 31.61 -0.20
C LEU D 512 64.16 32.46 1.01
N ARG D 513 65.05 31.92 1.87
CA ARG D 513 65.57 32.64 3.04
C ARG D 513 66.84 33.39 2.70
N MET D 521 59.19 35.59 -4.41
CA MET D 521 59.28 36.69 -5.37
C MET D 521 60.42 36.52 -6.35
N LEU D 522 60.11 36.77 -7.62
CA LEU D 522 61.06 36.67 -8.70
C LEU D 522 61.80 38.01 -8.88
N GLN D 523 63.11 37.98 -8.68
CA GLN D 523 64.01 39.12 -8.81
C GLN D 523 65.29 38.64 -9.49
N ARG D 524 66.15 39.58 -9.87
CA ARG D 524 67.46 39.31 -10.48
C ARG D 524 68.35 38.55 -9.47
N PRO D 525 69.29 37.69 -9.92
CA PRO D 525 70.17 37.00 -8.97
C PRO D 525 70.97 37.99 -8.10
N LYS D 526 71.47 39.07 -8.75
CA LYS D 526 72.19 40.21 -8.17
C LYS D 526 71.66 41.47 -8.87
N SER D 527 71.61 42.62 -8.15
CA SER D 527 71.07 43.92 -8.59
C SER D 527 71.33 44.29 -10.11
N ASP D 528 72.49 43.92 -10.69
CA ASP D 528 72.77 44.24 -12.10
C ASP D 528 73.13 42.97 -12.89
N LYS D 529 72.53 41.83 -12.54
CA LYS D 529 72.77 40.55 -13.22
C LYS D 529 71.47 39.90 -13.66
N LEU D 530 71.55 38.95 -14.59
CA LEU D 530 70.39 38.23 -15.11
C LEU D 530 70.57 36.69 -14.99
N TRP D 531 69.44 35.95 -14.97
CA TRP D 531 69.35 34.48 -14.88
C TRP D 531 69.53 33.90 -16.26
N SER D 532 70.36 32.84 -16.36
CA SER D 532 70.57 32.13 -17.62
C SER D 532 69.51 30.97 -17.77
N ILE D 533 69.04 30.44 -16.64
CA ILE D 533 67.99 29.40 -16.61
C ILE D 533 67.06 29.69 -15.45
N ILE D 534 65.73 29.68 -15.72
CA ILE D 534 64.69 29.77 -14.69
C ILE D 534 63.80 28.54 -14.84
N ILE D 535 63.64 27.72 -13.78
CA ILE D 535 62.75 26.54 -13.80
C ILE D 535 61.49 26.89 -13.05
N LEU D 536 60.33 26.80 -13.72
CA LEU D 536 59.03 27.09 -13.11
C LEU D 536 58.21 25.81 -12.93
N ASP D 537 57.35 25.77 -11.91
CA ASP D 537 56.49 24.62 -11.59
C ASP D 537 55.12 24.87 -12.25
N VAL D 538 54.84 24.18 -13.38
CA VAL D 538 53.66 24.43 -14.21
C VAL D 538 52.46 23.52 -13.89
N ILE D 539 52.71 22.24 -13.59
CA ILE D 539 51.61 21.32 -13.35
C ILE D 539 51.58 20.89 -11.90
N GLU D 540 50.42 21.07 -11.25
CA GLU D 540 50.20 20.65 -9.88
C GLU D 540 50.21 19.11 -9.81
N PRO D 541 50.56 18.51 -8.65
CA PRO D 541 50.45 17.04 -8.51
C PRO D 541 49.02 16.52 -8.72
N SER D 542 48.02 17.41 -8.59
CA SER D 542 46.59 17.13 -8.74
C SER D 542 46.18 16.86 -10.19
N GLY D 543 47.00 17.30 -11.13
CA GLY D 543 46.71 17.16 -12.56
C GLY D 543 46.21 18.45 -13.18
N LEU D 544 46.11 19.52 -12.37
CA LEU D 544 45.67 20.84 -12.86
C LEU D 544 46.85 21.77 -13.11
N ILE D 545 46.62 22.86 -13.90
CA ILE D 545 47.66 23.86 -14.17
C ILE D 545 47.85 24.68 -12.91
N GLN D 546 49.12 24.99 -12.53
CA GLN D 546 49.44 25.82 -11.37
C GLN D 546 48.86 27.23 -11.60
N GLN D 547 48.18 27.76 -10.56
CA GLN D 547 47.59 29.11 -10.56
C GLN D 547 48.71 30.13 -10.69
N GLU D 548 48.49 31.21 -11.46
CA GLU D 548 49.44 32.33 -11.67
C GLU D 548 50.73 31.92 -12.39
N ILE D 549 50.75 30.79 -13.12
CA ILE D 549 51.95 30.35 -13.81
C ILE D 549 52.33 31.36 -14.93
N MET D 550 51.37 31.88 -15.71
CA MET D 550 51.61 32.88 -16.77
C MET D 550 52.20 34.15 -16.24
N GLU D 551 51.70 34.58 -15.08
CA GLU D 551 52.15 35.78 -14.38
C GLU D 551 53.61 35.59 -13.97
N LYS D 552 53.95 34.40 -13.41
CA LYS D 552 55.35 34.09 -13.02
C LYS D 552 56.24 34.03 -14.29
N ALA D 553 55.72 33.45 -15.40
CA ALA D 553 56.44 33.36 -16.69
C ALA D 553 56.69 34.73 -17.32
N ALA D 554 55.75 35.67 -17.15
CA ALA D 554 55.89 37.05 -17.68
C ALA D 554 56.97 37.81 -16.92
N ILE D 555 56.95 37.71 -15.58
CA ILE D 555 57.94 38.33 -14.70
C ILE D 555 59.32 37.70 -14.95
N SER D 556 59.38 36.35 -15.09
CA SER D 556 60.62 35.59 -15.31
C SER D 556 61.31 35.95 -16.61
N ARG D 557 60.53 36.18 -17.68
CA ARG D 557 61.06 36.51 -19.00
C ARG D 557 61.88 37.82 -19.00
N CYS D 558 61.52 38.79 -18.14
CA CYS D 558 62.23 40.06 -17.99
C CYS D 558 63.58 39.88 -17.25
N LEU D 559 63.73 38.78 -16.49
CA LEU D 559 64.91 38.51 -15.67
C LEU D 559 65.92 37.57 -16.35
N LEU D 560 65.66 37.22 -17.62
CA LEU D 560 66.51 36.32 -18.40
C LEU D 560 67.61 37.04 -19.12
N GLN D 561 68.81 36.43 -19.10
CA GLN D 561 69.98 36.85 -19.84
C GLN D 561 69.65 36.55 -21.31
N SER D 562 70.25 37.30 -22.26
CA SER D 562 70.08 37.11 -23.69
C SER D 562 70.50 35.67 -24.03
N GLY D 563 69.58 34.92 -24.62
CA GLY D 563 69.79 33.51 -24.94
C GLY D 563 69.43 32.57 -23.81
N GLY D 564 69.03 33.15 -22.67
CA GLY D 564 68.59 32.43 -21.47
C GLY D 564 67.24 31.76 -21.69
N LYS D 565 66.91 30.76 -20.87
CA LYS D 565 65.66 30.01 -21.05
C LYS D 565 64.83 29.76 -19.80
N ILE D 566 63.50 29.81 -19.97
CA ILE D 566 62.52 29.41 -18.96
C ILE D 566 62.22 27.93 -19.24
N PHE D 567 62.21 27.11 -18.19
CA PHE D 567 61.84 25.70 -18.28
C PHE D 567 60.55 25.46 -17.52
N PRO D 568 59.54 24.74 -18.10
CA PRO D 568 59.44 24.27 -19.50
C PRO D 568 59.17 25.46 -20.44
N GLN D 569 59.47 25.26 -21.72
CA GLN D 569 59.28 26.25 -22.77
C GLN D 569 57.76 26.33 -23.10
N TYR D 570 57.12 25.15 -23.25
CA TYR D 570 55.69 25.06 -23.49
C TYR D 570 55.18 23.73 -22.99
N VAL D 571 53.86 23.66 -22.77
CA VAL D 571 53.17 22.47 -22.28
C VAL D 571 51.94 22.20 -23.16
N LEU D 572 51.80 20.95 -23.61
CA LEU D 572 50.64 20.52 -24.41
C LEU D 572 49.74 19.72 -23.53
N MET D 573 48.43 20.03 -23.53
CA MET D 573 47.44 19.24 -22.80
C MET D 573 46.88 18.23 -23.79
N PHE D 574 46.90 16.95 -23.41
CA PHE D 574 46.35 15.85 -24.20
C PHE D 574 45.12 15.28 -23.50
N GLY D 575 44.20 14.77 -24.27
CA GLY D 575 43.00 14.17 -23.71
C GLY D 575 42.39 13.11 -24.61
N LEU D 576 41.50 12.28 -24.06
CA LEU D 576 40.84 11.26 -24.88
C LEU D 576 39.42 11.06 -24.38
N LEU D 577 38.54 10.63 -25.29
CA LEU D 577 37.13 10.36 -24.97
C LEU D 577 37.04 8.97 -24.37
N VAL D 578 36.36 8.84 -23.21
CA VAL D 578 36.20 7.51 -22.60
C VAL D 578 34.74 7.25 -22.22
N GLU D 579 34.38 5.96 -22.23
CA GLU D 579 33.17 5.44 -21.64
C GLU D 579 33.69 4.84 -20.31
N SER D 580 33.35 5.46 -19.19
CA SER D 580 33.78 4.96 -17.89
C SER D 580 32.64 5.04 -16.89
N GLN D 581 32.01 3.89 -16.59
CA GLN D 581 30.93 3.80 -15.61
C GLN D 581 31.49 4.10 -14.20
N THR D 582 32.76 3.71 -13.95
CA THR D 582 33.51 3.94 -12.70
C THR D 582 33.58 5.44 -12.38
N LEU D 583 33.98 6.29 -13.36
CA LEU D 583 34.06 7.75 -13.15
C LEU D 583 32.69 8.34 -12.89
N LEU D 584 31.66 7.83 -13.60
CA LEU D 584 30.28 8.28 -13.44
C LEU D 584 29.75 7.99 -12.02
N GLU D 585 29.97 6.76 -11.52
CA GLU D 585 29.50 6.33 -10.20
C GLU D 585 30.27 6.99 -9.05
N GLU D 586 31.51 7.45 -9.27
CA GLU D 586 32.29 8.16 -8.25
C GLU D 586 31.97 9.68 -8.27
N ASN D 587 31.14 10.13 -9.23
CA ASN D 587 30.76 11.55 -9.41
C ASN D 587 29.29 11.82 -9.08
N ALA D 588 28.40 10.83 -9.28
CA ALA D 588 26.97 10.98 -9.06
C ALA D 588 26.27 9.68 -8.69
N VAL D 589 25.28 9.75 -7.77
CA VAL D 589 24.43 8.61 -7.38
C VAL D 589 23.46 8.40 -8.57
N GLN D 590 23.30 7.15 -9.04
CA GLN D 590 22.48 6.88 -10.22
C GLN D 590 21.10 6.25 -9.88
N GLY D 591 20.11 7.11 -9.65
CA GLY D 591 18.72 6.71 -9.40
C GLY D 591 18.26 6.56 -7.97
N THR D 592 17.46 5.51 -7.73
CA THR D 592 16.85 5.17 -6.43
C THR D 592 16.94 3.67 -6.16
N GLU D 593 17.15 2.85 -7.22
CA GLU D 593 17.28 1.40 -7.10
C GLU D 593 18.49 1.04 -6.22
N ARG D 594 19.60 1.80 -6.37
CA ARG D 594 20.85 1.62 -5.59
C ARG D 594 20.61 1.89 -4.11
N THR D 595 19.75 2.89 -3.78
CA THR D 595 19.42 3.32 -2.42
C THR D 595 18.07 2.73 -1.95
N LEU D 596 17.71 1.55 -2.52
CA LEU D 596 16.53 0.72 -2.21
C LEU D 596 15.21 1.52 -2.15
N GLY D 597 14.93 2.25 -3.23
CA GLY D 597 13.72 3.06 -3.37
C GLY D 597 13.79 4.47 -2.84
N LEU D 598 14.69 4.72 -1.87
CA LEU D 598 14.88 6.05 -1.24
C LEU D 598 15.42 7.08 -2.25
N ASN D 599 14.86 8.30 -2.22
CA ASN D 599 15.22 9.41 -3.12
C ASN D 599 16.34 10.25 -2.51
N ILE D 600 17.59 10.02 -2.95
CA ILE D 600 18.77 10.72 -2.43
C ILE D 600 19.56 11.41 -3.55
N ALA D 601 19.74 10.70 -4.68
CA ALA D 601 20.51 11.14 -5.86
C ALA D 601 20.26 12.61 -6.26
N PRO D 602 19.02 13.15 -6.43
CA PRO D 602 18.90 14.57 -6.86
C PRO D 602 19.50 15.60 -5.90
N PHE D 603 19.43 15.32 -4.59
CA PHE D 603 19.90 16.22 -3.55
C PHE D 603 21.43 16.18 -3.37
N ILE D 604 22.04 14.98 -3.28
CA ILE D 604 23.49 14.87 -3.09
C ILE D 604 24.25 15.23 -4.40
N ASN D 605 23.71 14.86 -5.57
CA ASN D 605 24.37 15.11 -6.86
C ASN D 605 24.54 16.61 -7.17
N GLN D 606 23.85 17.50 -6.43
CA GLN D 606 23.96 18.96 -6.58
C GLN D 606 25.31 19.49 -6.10
N PHE D 607 25.96 18.75 -5.18
CA PHE D 607 27.25 19.13 -4.59
C PHE D 607 28.42 18.53 -5.38
N GLN D 608 28.13 18.08 -6.62
CA GLN D 608 29.04 17.48 -7.59
C GLN D 608 29.90 18.54 -8.30
N VAL D 609 31.18 18.19 -8.55
CA VAL D 609 32.17 19.02 -9.24
C VAL D 609 32.47 18.44 -10.65
N PRO D 610 32.61 19.27 -11.72
CA PRO D 610 32.88 18.69 -13.06
C PRO D 610 34.35 18.21 -13.29
N ILE D 611 35.32 18.60 -12.41
CA ILE D 611 36.71 18.14 -12.61
C ILE D 611 37.11 17.15 -11.51
N ARG D 612 37.52 15.93 -11.94
CA ARG D 612 38.02 14.87 -11.09
C ARG D 612 39.56 15.02 -11.06
N VAL D 613 40.13 15.32 -9.86
CA VAL D 613 41.58 15.56 -9.69
C VAL D 613 42.23 14.39 -8.94
N PHE D 614 43.60 14.34 -8.92
CA PHE D 614 44.42 13.30 -8.28
C PHE D 614 44.01 11.91 -8.82
N LEU D 615 43.75 11.84 -10.13
CA LEU D 615 43.34 10.62 -10.79
C LEU D 615 44.54 9.75 -11.24
N ASP D 616 44.46 8.44 -10.96
CA ASP D 616 45.43 7.43 -11.40
C ASP D 616 44.82 6.82 -12.65
N LEU D 617 44.93 7.55 -13.76
CA LEU D 617 44.34 7.18 -15.05
C LEU D 617 44.65 5.73 -15.48
N SER D 618 45.89 5.25 -15.27
CA SER D 618 46.33 3.88 -15.63
C SER D 618 45.55 2.76 -14.89
N SER D 619 44.92 3.04 -13.75
CA SER D 619 44.18 2.01 -13.02
C SER D 619 42.66 2.11 -13.27
N LEU D 620 42.23 3.22 -13.84
CA LEU D 620 40.82 3.53 -14.08
C LEU D 620 40.17 2.66 -15.15
N PRO D 621 39.15 1.83 -14.78
CA PRO D 621 38.46 1.01 -15.78
C PRO D 621 37.67 1.92 -16.71
N CYS D 622 37.96 1.84 -18.01
CA CYS D 622 37.25 2.58 -19.02
C CYS D 622 37.52 2.02 -20.37
N ILE D 623 36.69 2.46 -21.30
CA ILE D 623 36.72 2.06 -22.70
C ILE D 623 37.14 3.28 -23.53
N PRO D 624 38.26 3.20 -24.29
CA PRO D 624 38.66 4.33 -25.15
C PRO D 624 37.71 4.52 -26.33
N LEU D 625 37.24 5.76 -26.56
CA LEU D 625 36.31 6.06 -27.66
C LEU D 625 37.02 6.86 -28.74
N SER D 626 38.21 7.32 -28.40
CA SER D 626 39.06 8.06 -29.32
C SER D 626 40.51 7.73 -28.98
N LYS D 627 41.41 8.17 -29.83
CA LYS D 627 42.85 8.16 -29.62
C LYS D 627 43.15 9.47 -28.88
N PRO D 628 44.22 9.57 -28.05
CA PRO D 628 44.50 10.86 -27.37
C PRO D 628 44.77 11.97 -28.37
N VAL D 629 44.34 13.19 -28.07
CA VAL D 629 44.61 14.30 -29.00
C VAL D 629 44.94 15.59 -28.20
N GLU D 630 45.68 16.49 -28.85
CA GLU D 630 46.12 17.76 -28.28
C GLU D 630 44.90 18.66 -28.14
N LEU D 631 44.65 19.11 -26.92
CA LEU D 631 43.51 19.98 -26.61
C LEU D 631 43.91 21.44 -26.52
N LEU D 632 45.14 21.72 -26.04
CA LEU D 632 45.62 23.10 -25.92
C LEU D 632 47.15 23.13 -25.73
N ARG D 633 47.70 24.30 -26.02
CA ARG D 633 49.11 24.63 -25.94
C ARG D 633 49.27 25.81 -25.00
N LEU D 634 50.22 25.67 -24.08
CA LEU D 634 50.53 26.68 -23.10
C LEU D 634 52.00 27.08 -23.38
N ASP D 635 52.23 28.25 -23.97
CA ASP D 635 53.58 28.71 -24.32
C ASP D 635 54.08 29.71 -23.27
N LEU D 636 55.05 29.25 -22.47
CA LEU D 636 55.66 30.00 -21.38
C LEU D 636 56.59 31.11 -21.90
N MET D 637 56.92 31.07 -23.21
CA MET D 637 57.78 32.02 -23.91
C MET D 637 56.99 33.22 -24.46
N THR D 638 55.65 33.12 -24.50
CA THR D 638 54.73 34.21 -24.89
C THR D 638 53.65 34.26 -23.77
N PRO D 639 54.01 34.66 -22.52
CA PRO D 639 53.06 34.57 -21.39
C PRO D 639 51.71 35.29 -21.55
N TYR D 640 51.72 36.49 -22.16
CA TYR D 640 50.49 37.26 -22.36
C TYR D 640 49.58 36.66 -23.44
N LEU D 641 50.11 35.68 -24.20
CA LEU D 641 49.39 35.00 -25.28
C LEU D 641 48.93 33.59 -24.86
N ASN D 642 48.18 33.49 -23.74
CA ASN D 642 47.68 32.18 -23.35
C ASN D 642 46.15 32.22 -23.02
N THR D 643 45.39 32.88 -23.93
CA THR D 643 43.92 32.98 -23.90
C THR D 643 43.45 32.48 -25.26
N SER D 644 42.51 31.53 -25.27
CA SER D 644 41.91 31.06 -26.52
C SER D 644 40.53 30.44 -26.26
N ASN D 645 39.66 30.56 -27.26
CA ASN D 645 38.30 30.07 -27.28
C ASN D 645 38.26 29.36 -28.64
N ARG D 646 38.51 28.04 -28.65
CA ARG D 646 38.62 27.28 -29.90
C ARG D 646 37.77 26.05 -29.87
N GLU D 647 37.61 25.44 -31.04
CA GLU D 647 36.88 24.20 -31.28
C GLU D 647 37.89 23.16 -31.76
N VAL D 648 38.02 22.09 -31.01
CA VAL D 648 38.93 20.98 -31.32
C VAL D 648 38.06 19.77 -31.66
N LYS D 649 38.29 19.18 -32.83
CA LYS D 649 37.54 18.05 -33.34
C LYS D 649 38.24 16.77 -32.99
N VAL D 650 37.48 15.81 -32.47
CA VAL D 650 38.03 14.51 -32.06
C VAL D 650 37.35 13.43 -32.84
N TYR D 651 38.14 12.66 -33.59
CA TYR D 651 37.60 11.53 -34.35
C TYR D 651 37.15 10.43 -33.38
N VAL D 652 35.88 10.07 -33.47
CA VAL D 652 35.31 9.02 -32.63
C VAL D 652 35.65 7.67 -33.27
N CYS D 653 36.52 6.89 -32.60
CA CYS D 653 36.97 5.58 -33.07
C CYS D 653 35.97 4.50 -32.77
N LYS D 654 35.25 4.65 -31.67
CA LYS D 654 34.37 3.62 -31.17
C LYS D 654 33.06 4.19 -30.64
N SER D 655 31.93 3.55 -31.01
CA SER D 655 30.60 3.92 -30.55
C SER D 655 30.50 3.57 -29.08
N GLY D 656 29.91 4.46 -28.31
CA GLY D 656 29.78 4.30 -26.88
C GLY D 656 29.15 5.50 -26.22
N ARG D 657 29.03 5.42 -24.89
CA ARG D 657 28.47 6.44 -24.04
C ARG D 657 29.61 7.20 -23.42
N LEU D 658 29.88 8.40 -23.93
CA LEU D 658 30.96 9.26 -23.45
C LEU D 658 30.60 9.80 -22.05
N THR D 659 31.44 9.52 -21.05
CA THR D 659 31.17 9.95 -19.68
C THR D 659 32.24 10.94 -19.16
N ALA D 660 33.44 10.88 -19.73
CA ALA D 660 34.56 11.69 -19.25
C ALA D 660 35.63 11.91 -20.30
N ILE D 661 36.40 12.98 -20.07
CA ILE D 661 37.54 13.35 -20.88
C ILE D 661 38.78 13.43 -19.96
N PRO D 662 39.48 12.29 -19.74
CA PRO D 662 40.73 12.35 -18.98
C PRO D 662 41.76 13.19 -19.71
N PHE D 663 42.61 13.91 -18.96
CA PHE D 663 43.61 14.76 -19.57
C PHE D 663 44.91 14.74 -18.77
N TRP D 664 46.02 15.00 -19.48
CA TRP D 664 47.38 15.01 -18.95
C TRP D 664 48.21 15.93 -19.81
N TYR D 665 49.54 15.98 -19.59
CA TYR D 665 50.35 16.93 -20.33
C TYR D 665 51.66 16.37 -20.83
N HIS D 666 52.16 17.01 -21.90
CA HIS D 666 53.50 16.82 -22.47
C HIS D 666 54.24 18.15 -22.19
N MET D 667 55.23 18.11 -21.28
CA MET D 667 55.98 19.32 -20.92
C MET D 667 57.25 19.39 -21.73
N TYR D 668 57.33 20.37 -22.63
CA TYR D 668 58.49 20.51 -23.47
C TYR D 668 59.54 21.43 -22.84
N LEU D 669 60.66 20.84 -22.44
CA LEU D 669 61.79 21.60 -21.86
C LEU D 669 62.48 22.38 -22.99
N ASP D 670 62.47 21.79 -24.19
CA ASP D 670 62.93 22.38 -25.45
C ASP D 670 62.20 21.64 -26.55
N GLU D 671 62.53 21.90 -27.82
CA GLU D 671 61.86 21.28 -28.97
C GLU D 671 62.06 19.75 -29.04
N GLU D 672 63.11 19.22 -28.42
CA GLU D 672 63.39 17.79 -28.46
C GLU D 672 63.05 17.05 -27.15
N ILE D 673 63.23 17.70 -25.99
CA ILE D 673 63.03 17.03 -24.69
C ILE D 673 61.66 17.37 -24.10
N ARG D 674 60.88 16.31 -23.86
CA ARG D 674 59.55 16.41 -23.28
C ARG D 674 59.33 15.38 -22.20
N LEU D 675 58.59 15.80 -21.17
CA LEU D 675 58.20 14.98 -20.03
C LEU D 675 56.70 14.67 -20.16
N ASP D 676 56.29 13.49 -19.72
CA ASP D 676 54.89 13.06 -19.83
C ASP D 676 54.35 12.85 -18.41
N THR D 677 53.28 13.63 -18.04
CA THR D 677 52.71 13.59 -16.69
C THR D 677 51.86 12.32 -16.46
N SER D 678 51.63 11.54 -17.54
CA SER D 678 50.89 10.27 -17.50
C SER D 678 51.87 9.08 -17.54
N SER D 679 53.20 9.32 -17.66
CA SER D 679 54.20 8.23 -17.71
C SER D 679 54.17 7.39 -16.44
N GLU D 680 54.66 6.15 -16.54
CA GLU D 680 54.69 5.17 -15.44
C GLU D 680 55.37 5.70 -14.16
N ALA D 681 56.53 6.35 -14.31
CA ALA D 681 57.30 6.91 -13.20
C ALA D 681 56.90 8.37 -12.86
N SER D 682 55.86 8.93 -13.53
CA SER D 682 55.37 10.30 -13.25
C SER D 682 55.02 10.48 -11.78
N HIS D 683 55.39 11.64 -11.21
CA HIS D 683 55.09 12.00 -9.82
C HIS D 683 53.87 12.91 -9.77
N TRP D 684 53.30 13.21 -10.94
CA TRP D 684 52.06 13.98 -11.08
C TRP D 684 50.94 12.97 -11.26
N LYS D 685 49.74 13.29 -10.77
CA LYS D 685 48.59 12.44 -11.04
C LYS D 685 47.92 13.10 -12.25
N GLN D 686 46.86 12.48 -12.78
CA GLN D 686 46.15 13.05 -13.93
C GLN D 686 44.79 13.52 -13.42
N ALA D 687 43.92 13.91 -14.34
CA ALA D 687 42.61 14.45 -14.02
C ALA D 687 41.63 14.17 -15.16
N ALA D 688 40.34 14.41 -14.96
CA ALA D 688 39.34 14.20 -16.00
C ALA D 688 38.21 15.16 -15.88
N VAL D 689 37.65 15.60 -17.03
CA VAL D 689 36.43 16.37 -17.09
C VAL D 689 35.36 15.27 -17.05
N VAL D 690 34.48 15.27 -16.04
CA VAL D 690 33.42 14.25 -15.96
C VAL D 690 32.10 14.93 -16.33
N LEU D 691 31.39 14.38 -17.32
CA LEU D 691 30.14 14.98 -17.81
C LEU D 691 28.96 14.75 -16.87
N ASP D 692 28.16 15.80 -16.66
CA ASP D 692 26.92 15.77 -15.86
C ASP D 692 25.97 14.78 -16.52
N ASN D 693 25.82 14.89 -17.85
CA ASN D 693 24.97 14.02 -18.63
C ASN D 693 25.78 13.33 -19.72
N PRO D 694 25.96 11.98 -19.62
CA PRO D 694 26.72 11.27 -20.66
C PRO D 694 26.12 11.45 -22.07
N ILE D 695 26.99 11.40 -23.08
CA ILE D 695 26.59 11.62 -24.47
C ILE D 695 26.88 10.40 -25.32
N GLN D 696 25.89 9.98 -26.11
N GLN D 696 25.88 9.96 -26.10
CA GLN D 696 26.02 8.87 -27.04
CA GLN D 696 26.07 8.87 -27.03
C GLN D 696 26.83 9.32 -28.26
C GLN D 696 26.91 9.39 -28.21
N VAL D 697 28.00 8.69 -28.49
CA VAL D 697 28.86 9.04 -29.63
C VAL D 697 28.90 7.83 -30.58
N GLU D 698 29.12 8.11 -31.86
CA GLU D 698 29.14 7.10 -32.92
C GLU D 698 30.51 7.08 -33.64
N MET D 699 31.04 5.85 -33.87
CA MET D 699 32.28 5.59 -34.62
C MET D 699 32.18 6.34 -35.97
N GLY D 700 33.23 7.09 -36.32
CA GLY D 700 33.25 7.80 -37.58
C GLY D 700 32.83 9.26 -37.52
N GLU D 701 32.31 9.70 -36.35
CA GLU D 701 31.94 11.10 -36.25
C GLU D 701 33.13 11.88 -35.71
N GLU D 702 33.14 13.18 -36.00
CA GLU D 702 34.11 14.09 -35.46
C GLU D 702 33.41 14.93 -34.40
N LEU D 703 33.66 14.61 -33.13
CA LEU D 703 33.10 15.31 -31.98
C LEU D 703 33.76 16.68 -31.82
N VAL D 704 32.95 17.72 -31.65
CA VAL D 704 33.46 19.08 -31.49
C VAL D 704 33.55 19.43 -30.03
N LEU D 705 34.76 19.77 -29.60
CA LEU D 705 35.02 20.20 -28.24
C LEU D 705 35.26 21.70 -28.21
N SER D 706 34.55 22.41 -27.34
CA SER D 706 34.76 23.83 -27.08
C SER D 706 35.75 23.85 -25.94
N ILE D 707 36.97 24.31 -26.23
CA ILE D 707 38.06 24.41 -25.27
C ILE D 707 38.33 25.90 -25.09
N GLN D 708 37.98 26.39 -23.89
CA GLN D 708 38.15 27.78 -23.48
C GLN D 708 39.24 27.79 -22.44
N HIS D 709 40.29 28.53 -22.74
CA HIS D 709 41.48 28.61 -21.90
C HIS D 709 41.81 30.05 -21.60
N HIS D 710 42.02 30.34 -20.33
CA HIS D 710 42.42 31.66 -19.88
C HIS D 710 43.39 31.49 -18.70
N LYS D 711 44.67 31.81 -18.95
CA LYS D 711 45.78 31.68 -18.01
C LYS D 711 45.87 30.24 -17.47
N SER D 712 45.48 29.99 -16.21
CA SER D 712 45.59 28.64 -15.62
C SER D 712 44.25 27.88 -15.60
N ASN D 713 43.15 28.58 -16.01
CA ASN D 713 41.76 28.10 -16.10
C ASN D 713 41.45 27.48 -17.45
N VAL D 714 40.84 26.27 -17.43
CA VAL D 714 40.47 25.52 -18.63
C VAL D 714 39.07 24.93 -18.49
N SER D 715 38.18 25.26 -19.44
CA SER D 715 36.85 24.70 -19.57
C SER D 715 36.79 23.86 -20.86
N ILE D 716 36.37 22.57 -20.76
CA ILE D 716 36.21 21.65 -21.88
C ILE D 716 34.73 21.22 -21.94
N THR D 717 34.04 21.55 -23.04
CA THR D 717 32.64 21.14 -23.17
C THR D 717 32.37 20.58 -24.57
N VAL D 718 31.45 19.64 -24.66
CA VAL D 718 31.10 19.04 -25.94
C VAL D 718 30.03 19.90 -26.59
N LYS D 719 30.14 20.17 -27.90
CA LYS D 719 29.14 20.96 -28.63
C LYS D 719 28.10 20.05 -29.23
N GLN D 720 26.84 20.36 -28.93
CA GLN D 720 25.65 19.61 -29.31
C GLN D 720 24.52 20.63 -29.61
#